data_5Z4U
#
_entry.id   5Z4U
#
_cell.length_a   105.491
_cell.length_b   158.233
_cell.length_c   182.099
_cell.angle_alpha   90.00
_cell.angle_beta   90.00
_cell.angle_gamma   90.00
#
_symmetry.space_group_name_H-M   'P 21 21 21'
#
loop_
_entity.id
_entity.type
_entity.pdbx_description
1 polymer 'Tubulin alpha-1B chain'
2 polymer 'Tubulin beta-2B chain'
3 polymer Stathmin-4
4 polymer 'Tubulin tyrosine ligase'
5 non-polymer "GUANOSINE-5'-TRIPHOSPHATE"
6 non-polymer 'MAGNESIUM ION'
7 non-polymer 'CALCIUM ION'
8 non-polymer "GUANOSINE-5'-DIPHOSPHATE"
9 non-polymer '2-(N-MORPHOLINO)-ETHANESULFONIC ACID'
10 non-polymer 4-(4-ethoxyphenyl)-1-methyl-3-(3,4,5-trimethoxyphenyl)-1H-pyrazole
11 non-polymer 'PHOSPHOMETHYLPHOSPHONIC ACID ADENYLATE ESTER'
#
loop_
_entity_poly.entity_id
_entity_poly.type
_entity_poly.pdbx_seq_one_letter_code
_entity_poly.pdbx_strand_id
1 'polypeptide(L)'
;MRECISIHVGQAGVQIGNACWELYCLEHGIQPDGQMPSDKTIGGGDDSFNTFFSETGAGKHVPRAVFVDLEPTVIDEVRT
GTYRQLFHPEQLITGKEDAANNYARGHYTIGKEIIDLVLDRIRKLADQCTGLQGFLVFHSFGGGTGSGFTSLLMERLSVD
YGKKSKLEFSIYPAPQVSTAVVEPYNSILTTHTTLEHSDCAFMVDNEAIYDICRRNLDIERPTYTNLNRLISQIVSSITA
SLRFDGALNVDLTEFQTNLVPYPRIHFPLATYAPVISAEKAYHEQLSVAEITNACFEPANQMVKCDPRHGKYMACCLLYR
GDVVPKDVNAAIATIKTKRSIQFVDWCPTGFKVGINYQPPTVVPGGDLAKVQRAVCMLSNTTAIAEAWARLDHKFDLMYA
KRAFVHWYVGEGMEEGEFSEAREDMAALEKDYEEVGVDSVEGEGEEEGEE
;
A,C
2 'polypeptide(L)'
;MREIVHIQAGQCGNQIGAKFWEVISDEHGIDPTGSYHGDSDLQLERINVYYNEATGNKYVPRAILVDLEPGTMDSVRSGP
FGQIFRPDNFVFGQSGAGNNWAKGHYTEGAELVDSVLDVVRKESESCDCLQGFQLTHSLGGGTGSGMGTLLISKIREEYP
DRIMNTFSVVPSPKVSDTVVEPYNATLSVHQLVENTDETYCIDNEALYDICFRTLKLTTPTYGDLNHLVSATMSGVTTCL
RFPGQLNADLRKLAVNMVPFPRLHFFMPGFAPLTSRGSQQYRALTVPELTQQMFDAKNMMAACDPRHGRYLTVAAVFRGR
MSMKEVDEQMLNVQNKNSSYFVEWIPNNVKTAVCDIPPRGLKMSATFIGNSTAIQELFKRISEQFTAMFRRKAFLHWYTG
EGMDEMEFTEAESNMNDLVSEYQQYQDATADEQGEFEEEEGEDEA
;
B,D
3 'polypeptide(L)'
;MADMEVIELNKCTSGQSFEVILKPPSFDGVPEFNASLPRRRDPSLEEIQKKLEAAEERRKYQEAELLKHLAEKREHEREV
IQKAIEENNNFIKMAKEKLAQKMESNKENREAHLAAMLERLQEKDKHAEEVRKNKELKEEASR
;
E
4 'polypeptide(L)'
;MYTFVVRDENSSVYAEVSRLLLATGQWKRLRKDNPRFNLMLGERNRLPFGRLGHEPGLVQLVNYYRGADKLCRKASLVKL
IKTSPELSESCTWFPESYVIYPTNLKTPVAPAQNGIRHLINNTRTDEREVFLAAYNRRREGREGNVWIAKSSAGAKGEGI
LISSEASELLDFIDEQGQVHVIQKYLEKPLLLEPGHRKFDIRSWVLVDHLYNIYLYREGVLRTSSEPYNSANFQDKTCHL
TNHCIQKEYSKNYGRYEEGNEMFFEEFNQYLMDALNTTLENSILLQIKHIIRSCLMCIEPAISTKHLHYQSFQLFGFDFM
VDEELKVWLIEVNGAPACAQKLYAELCQGIVDVAISSVFPLADTGQKTSQPTSIFIKLHHHHHH
;
F
#
loop_
_chem_comp.id
_chem_comp.type
_chem_comp.name
_chem_comp.formula
96C non-polymer 4-(4-ethoxyphenyl)-1-methyl-3-(3,4,5-trimethoxyphenyl)-1H-pyrazole 'C21 H24 N2 O4'
ACP non-polymer 'PHOSPHOMETHYLPHOSPHONIC ACID ADENYLATE ESTER' 'C11 H18 N5 O12 P3'
CA non-polymer 'CALCIUM ION' 'Ca 2'
GDP RNA linking GUANOSINE-5'-DIPHOSPHATE 'C10 H15 N5 O11 P2'
GTP non-polymer GUANOSINE-5'-TRIPHOSPHATE 'C10 H16 N5 O14 P3'
MES non-polymer '2-(N-MORPHOLINO)-ETHANESULFONIC ACID' 'C6 H13 N O4 S'
MG non-polymer 'MAGNESIUM ION' 'Mg 2'
#
# COMPACT_ATOMS: atom_id res chain seq x y z
N MET A 1 -57.97 -15.10 -44.17
CA MET A 1 -56.85 -15.45 -43.23
C MET A 1 -56.78 -14.48 -42.04
N ARG A 2 -55.92 -14.81 -41.09
CA ARG A 2 -55.71 -14.01 -39.89
C ARG A 2 -54.21 -13.80 -39.68
N GLU A 3 -53.82 -12.56 -39.39
CA GLU A 3 -52.40 -12.15 -39.38
C GLU A 3 -51.66 -12.53 -38.10
N CYS A 4 -50.34 -12.66 -38.20
CA CYS A 4 -49.45 -13.08 -37.10
C CYS A 4 -48.20 -12.21 -37.03
N ILE A 5 -47.94 -11.62 -35.85
CA ILE A 5 -46.78 -10.74 -35.63
C ILE A 5 -45.69 -11.46 -34.81
N SER A 6 -44.52 -11.65 -35.43
CA SER A 6 -43.34 -12.18 -34.75
C SER A 6 -42.58 -11.05 -34.04
N ILE A 7 -42.25 -11.22 -32.76
CA ILE A 7 -41.46 -10.24 -31.99
C ILE A 7 -40.18 -10.87 -31.46
N HIS A 8 -39.04 -10.25 -31.79
CA HIS A 8 -37.71 -10.80 -31.48
C HIS A 8 -36.95 -9.95 -30.46
N VAL A 9 -36.84 -10.45 -29.22
CA VAL A 9 -36.28 -9.70 -28.12
C VAL A 9 -34.85 -10.16 -27.74
N GLY A 10 -33.94 -9.20 -27.70
CA GLY A 10 -32.55 -9.48 -27.33
C GLY A 10 -31.75 -9.99 -28.49
N GLN A 11 -30.49 -10.34 -28.22
CA GLN A 11 -29.61 -10.93 -29.22
C GLN A 11 -30.13 -12.28 -29.70
N ALA A 12 -30.48 -13.15 -28.75
CA ALA A 12 -30.94 -14.49 -29.08
C ALA A 12 -32.16 -14.50 -30.00
N GLY A 13 -33.17 -13.67 -29.67
CA GLY A 13 -34.37 -13.52 -30.49
C GLY A 13 -34.08 -12.95 -31.87
N VAL A 14 -33.34 -11.83 -31.90
CA VAL A 14 -32.98 -11.13 -33.16
C VAL A 14 -32.23 -12.05 -34.14
N GLN A 15 -31.16 -12.67 -33.66
CA GLN A 15 -30.33 -13.53 -34.50
C GLN A 15 -31.06 -14.82 -34.93
N ILE A 16 -31.94 -15.33 -34.07
CA ILE A 16 -32.84 -16.44 -34.43
C ILE A 16 -33.92 -15.97 -35.41
N GLY A 17 -34.41 -14.74 -35.23
CA GLY A 17 -35.30 -14.11 -36.22
C GLY A 17 -34.68 -14.08 -37.61
N ASN A 18 -33.46 -13.58 -37.70
CA ASN A 18 -32.71 -13.56 -38.97
C ASN A 18 -32.62 -14.92 -39.65
N ALA A 19 -32.38 -15.95 -38.85
CA ALA A 19 -32.37 -17.33 -39.35
C ALA A 19 -33.73 -17.74 -39.90
N CYS A 20 -34.78 -17.43 -39.14
CA CYS A 20 -36.16 -17.78 -39.49
C CYS A 20 -36.66 -17.08 -40.74
N TRP A 21 -36.51 -15.77 -40.80
CA TRP A 21 -37.01 -14.99 -41.94
C TRP A 21 -36.24 -15.24 -43.24
N GLU A 22 -34.94 -15.46 -43.13
CA GLU A 22 -34.11 -15.91 -44.27
C GLU A 22 -34.67 -17.20 -44.85
N LEU A 23 -35.06 -18.11 -43.96
CA LEU A 23 -35.67 -19.38 -44.35
C LEU A 23 -37.08 -19.18 -44.91
N TYR A 24 -37.93 -18.44 -44.18
CA TYR A 24 -39.29 -18.12 -44.64
C TYR A 24 -39.28 -17.50 -46.06
N CYS A 25 -38.31 -16.65 -46.33
CA CYS A 25 -38.14 -16.04 -47.66
C CYS A 25 -37.85 -17.09 -48.72
N LEU A 26 -36.89 -17.98 -48.44
CA LEU A 26 -36.57 -19.07 -49.36
C LEU A 26 -37.73 -20.06 -49.57
N GLU A 27 -38.53 -20.28 -48.52
CA GLU A 27 -39.66 -21.22 -48.60
C GLU A 27 -40.78 -20.72 -49.51
N HIS A 28 -41.13 -19.45 -49.37
CA HIS A 28 -42.16 -18.83 -50.20
C HIS A 28 -41.65 -18.28 -51.54
N GLY A 29 -40.35 -18.33 -51.78
CA GLY A 29 -39.76 -17.76 -52.99
C GLY A 29 -39.66 -16.24 -53.01
N ILE A 30 -39.70 -15.62 -51.82
CA ILE A 30 -39.50 -14.18 -51.67
C ILE A 30 -37.98 -13.93 -51.62
N GLN A 31 -37.54 -12.81 -52.20
CA GLN A 31 -36.11 -12.51 -52.36
C GLN A 31 -35.63 -11.42 -51.39
N PRO A 32 -34.29 -11.22 -51.28
CA PRO A 32 -33.70 -10.20 -50.37
C PRO A 32 -34.31 -8.79 -50.40
N ASP A 33 -34.64 -8.31 -51.60
CA ASP A 33 -35.35 -7.02 -51.74
C ASP A 33 -36.83 -7.07 -51.29
N GLY A 34 -37.45 -8.24 -51.40
CA GLY A 34 -38.84 -8.45 -50.98
C GLY A 34 -39.81 -8.70 -52.12
N GLN A 35 -39.32 -8.86 -53.35
CA GLN A 35 -40.18 -9.18 -54.49
C GLN A 35 -40.45 -10.68 -54.54
N MET A 36 -41.70 -11.04 -54.82
CA MET A 36 -42.16 -12.44 -54.91
C MET A 36 -42.86 -12.63 -56.27
N PRO A 37 -42.09 -13.00 -57.33
CA PRO A 37 -42.63 -13.31 -58.65
C PRO A 37 -43.91 -14.17 -58.66
N SER A 38 -43.94 -15.23 -57.86
CA SER A 38 -45.10 -16.14 -57.80
C SER A 38 -46.41 -15.48 -57.32
N ASP A 39 -46.32 -14.36 -56.60
CA ASP A 39 -47.51 -13.60 -56.19
C ASP A 39 -48.12 -12.82 -57.36
N LYS A 40 -49.38 -13.11 -57.68
CA LYS A 40 -50.09 -12.47 -58.79
C LYS A 40 -50.96 -11.31 -58.33
N THR A 41 -51.67 -11.49 -57.21
CA THR A 41 -52.41 -10.39 -56.58
C THR A 41 -51.40 -9.39 -55.99
N ILE A 42 -51.02 -8.40 -56.80
CA ILE A 42 -50.03 -7.39 -56.41
C ILE A 42 -50.66 -6.32 -55.52
N GLY A 43 -50.00 -6.02 -54.39
CA GLY A 43 -50.47 -5.02 -53.44
C GLY A 43 -51.56 -5.46 -52.47
N GLY A 44 -51.81 -6.77 -52.36
CA GLY A 44 -52.82 -7.30 -51.43
C GLY A 44 -53.18 -8.76 -51.68
N GLY A 45 -53.91 -9.34 -50.73
CA GLY A 45 -54.40 -10.72 -50.84
C GLY A 45 -54.55 -11.43 -49.50
N ASP A 46 -55.39 -12.46 -49.49
CA ASP A 46 -55.65 -13.25 -48.27
C ASP A 46 -55.14 -14.70 -48.40
N ASP A 47 -53.93 -14.84 -48.95
CA ASP A 47 -53.26 -16.15 -49.06
C ASP A 47 -52.72 -16.58 -47.70
N SER A 48 -52.36 -17.86 -47.56
CA SER A 48 -51.85 -18.38 -46.29
C SER A 48 -50.50 -17.74 -45.90
N PHE A 49 -49.64 -17.45 -46.87
CA PHE A 49 -48.36 -16.79 -46.58
C PHE A 49 -48.50 -15.34 -46.10
N ASN A 50 -49.60 -14.67 -46.48
CA ASN A 50 -49.89 -13.31 -46.01
C ASN A 50 -50.18 -13.21 -44.50
N THR A 51 -50.36 -14.34 -43.83
CA THR A 51 -50.39 -14.36 -42.35
C THR A 51 -49.07 -13.88 -41.72
N PHE A 52 -47.95 -14.06 -42.43
CA PHE A 52 -46.62 -13.64 -41.94
C PHE A 52 -46.02 -12.42 -42.65
N PHE A 53 -46.26 -12.28 -43.95
CA PHE A 53 -45.83 -11.09 -44.71
C PHE A 53 -47.03 -10.18 -45.04
N SER A 54 -46.79 -8.88 -45.10
CA SER A 54 -47.75 -7.90 -45.62
C SER A 54 -47.25 -7.38 -46.97
N GLU A 55 -48.15 -6.80 -47.75
CA GLU A 55 -47.85 -6.33 -49.10
C GLU A 55 -47.95 -4.81 -49.23
N THR A 56 -47.14 -4.24 -50.12
CA THR A 56 -47.21 -2.82 -50.49
C THR A 56 -47.51 -2.70 -51.98
N GLY A 57 -48.01 -1.52 -52.38
CA GLY A 57 -48.34 -1.25 -53.79
C GLY A 57 -47.21 -1.46 -54.78
N ALA A 58 -45.98 -1.24 -54.33
CA ALA A 58 -44.79 -1.47 -55.16
C ALA A 58 -44.48 -2.95 -55.44
N GLY A 59 -45.16 -3.87 -54.75
CA GLY A 59 -44.96 -5.31 -54.94
C GLY A 59 -43.98 -5.96 -53.96
N LYS A 60 -43.62 -5.22 -52.91
CA LYS A 60 -42.72 -5.74 -51.87
C LYS A 60 -43.51 -6.51 -50.83
N HIS A 61 -42.90 -7.58 -50.33
CA HIS A 61 -43.48 -8.42 -49.29
C HIS A 61 -42.67 -8.24 -48.01
N VAL A 62 -43.33 -7.66 -47.01
CA VAL A 62 -42.65 -7.18 -45.80
C VAL A 62 -43.08 -8.01 -44.59
N PRO A 63 -42.11 -8.60 -43.87
CA PRO A 63 -42.40 -9.31 -42.62
C PRO A 63 -43.31 -8.55 -41.66
N ARG A 64 -44.14 -9.28 -40.92
CA ARG A 64 -44.91 -8.72 -39.81
C ARG A 64 -44.05 -8.91 -38.57
N ALA A 65 -42.92 -8.21 -38.55
CA ALA A 65 -41.84 -8.47 -37.61
C ALA A 65 -41.46 -7.20 -36.85
N VAL A 66 -41.05 -7.39 -35.59
CA VAL A 66 -40.55 -6.30 -34.75
C VAL A 66 -39.32 -6.81 -33.98
N PHE A 67 -38.17 -6.21 -34.25
CA PHE A 67 -36.91 -6.56 -33.60
C PHE A 67 -36.62 -5.55 -32.50
N VAL A 68 -36.26 -6.04 -31.32
CA VAL A 68 -36.06 -5.19 -30.13
C VAL A 68 -34.83 -5.65 -29.34
N ASP A 69 -33.77 -4.84 -29.36
CA ASP A 69 -32.59 -5.05 -28.50
C ASP A 69 -32.26 -3.72 -27.83
N LEU A 70 -31.89 -3.77 -26.55
CA LEU A 70 -31.55 -2.56 -25.79
C LEU A 70 -30.18 -1.98 -26.15
N GLU A 71 -29.41 -2.68 -26.97
CA GLU A 71 -28.16 -2.14 -27.55
C GLU A 71 -28.12 -2.42 -29.08
N PRO A 72 -27.42 -1.54 -29.83
CA PRO A 72 -27.61 -1.50 -31.28
C PRO A 72 -26.82 -2.52 -32.10
N THR A 73 -25.66 -2.99 -31.62
CA THR A 73 -24.71 -3.74 -32.48
C THR A 73 -25.31 -4.93 -33.24
N VAL A 74 -26.24 -5.65 -32.61
CA VAL A 74 -26.82 -6.85 -33.21
C VAL A 74 -27.83 -6.50 -34.31
N ILE A 75 -28.74 -5.58 -34.01
CA ILE A 75 -29.75 -5.11 -34.98
C ILE A 75 -29.13 -4.27 -36.11
N ASP A 76 -27.97 -3.65 -35.88
CA ASP A 76 -27.22 -2.94 -36.93
C ASP A 76 -26.78 -3.87 -38.06
N GLU A 77 -26.40 -5.10 -37.71
CA GLU A 77 -26.05 -6.10 -38.72
C GLU A 77 -27.26 -6.44 -39.61
N VAL A 78 -28.48 -6.37 -39.06
CA VAL A 78 -29.72 -6.51 -39.84
C VAL A 78 -29.90 -5.30 -40.77
N ARG A 79 -29.75 -4.09 -40.23
CA ARG A 79 -29.83 -2.84 -41.02
C ARG A 79 -28.79 -2.73 -42.16
N THR A 80 -27.63 -3.36 -42.00
CA THR A 80 -26.58 -3.34 -43.02
C THR A 80 -26.42 -4.68 -43.74
N GLY A 81 -27.34 -5.62 -43.49
CA GLY A 81 -27.19 -7.01 -43.94
C GLY A 81 -27.78 -7.30 -45.31
N THR A 82 -27.88 -8.58 -45.64
CA THR A 82 -28.42 -9.05 -46.92
C THR A 82 -29.94 -8.81 -47.04
N TYR A 83 -30.66 -8.87 -45.92
CA TYR A 83 -32.11 -8.60 -45.88
C TYR A 83 -32.42 -7.24 -45.23
N ARG A 84 -31.59 -6.25 -45.55
CA ARG A 84 -31.77 -4.88 -45.05
C ARG A 84 -33.02 -4.21 -45.64
N GLN A 85 -33.26 -4.45 -46.93
CA GLN A 85 -34.36 -3.83 -47.66
C GLN A 85 -35.70 -4.45 -47.28
N LEU A 86 -35.66 -5.71 -46.85
CA LEU A 86 -36.85 -6.47 -46.46
C LEU A 86 -37.69 -5.80 -45.37
N PHE A 87 -37.02 -5.26 -44.35
CA PHE A 87 -37.68 -4.62 -43.19
C PHE A 87 -37.79 -3.10 -43.33
N HIS A 88 -38.92 -2.57 -42.88
CA HIS A 88 -39.10 -1.13 -42.72
C HIS A 88 -38.39 -0.73 -41.41
N PRO A 89 -37.48 0.27 -41.45
CA PRO A 89 -36.73 0.73 -40.27
C PRO A 89 -37.49 1.00 -38.96
N GLU A 90 -38.80 1.30 -39.04
CA GLU A 90 -39.65 1.39 -37.83
C GLU A 90 -39.79 0.06 -37.06
N GLN A 91 -39.57 -1.05 -37.76
CA GLN A 91 -39.65 -2.39 -37.16
C GLN A 91 -38.40 -2.76 -36.36
N LEU A 92 -37.25 -2.22 -36.76
CA LEU A 92 -35.97 -2.45 -36.07
C LEU A 92 -35.74 -1.39 -34.97
N ILE A 93 -35.99 -1.77 -33.72
CA ILE A 93 -35.93 -0.86 -32.56
C ILE A 93 -34.69 -1.14 -31.73
N THR A 94 -33.93 -0.10 -31.39
CA THR A 94 -32.73 -0.22 -30.55
C THR A 94 -32.63 0.83 -29.44
N GLY A 95 -31.89 0.49 -28.39
CA GLY A 95 -31.44 1.45 -27.36
C GLY A 95 -29.96 1.77 -27.53
N LYS A 96 -29.37 2.34 -26.48
CA LYS A 96 -27.93 2.63 -26.43
C LYS A 96 -27.17 1.82 -25.37
N GLU A 97 -27.90 1.11 -24.50
CA GLU A 97 -27.31 0.49 -23.32
C GLU A 97 -28.06 -0.77 -22.95
N ASP A 98 -27.34 -1.91 -22.96
CA ASP A 98 -27.96 -3.23 -22.68
C ASP A 98 -28.28 -3.45 -21.21
N ALA A 99 -28.97 -4.54 -20.92
CA ALA A 99 -29.38 -4.91 -19.56
C ALA A 99 -28.31 -5.68 -18.76
N ALA A 100 -27.12 -5.86 -19.33
CA ALA A 100 -25.95 -6.37 -18.60
C ALA A 100 -26.20 -7.72 -17.88
N ASN A 101 -26.88 -8.64 -18.57
CA ASN A 101 -27.28 -9.94 -18.02
C ASN A 101 -28.12 -9.88 -16.74
N ASN A 102 -28.89 -8.81 -16.61
CA ASN A 102 -29.64 -8.55 -15.39
C ASN A 102 -31.12 -8.41 -15.73
N TYR A 103 -31.91 -9.39 -15.27
CA TYR A 103 -33.38 -9.37 -15.43
C TYR A 103 -34.00 -8.06 -14.93
N ALA A 104 -33.57 -7.59 -13.76
CA ALA A 104 -34.09 -6.36 -13.16
C ALA A 104 -33.74 -5.11 -13.96
N ARG A 105 -32.54 -5.06 -14.55
CA ARG A 105 -32.11 -3.90 -15.33
C ARG A 105 -32.93 -3.78 -16.63
N GLY A 106 -33.24 -4.94 -17.22
CA GLY A 106 -34.03 -5.01 -18.45
C GLY A 106 -35.51 -4.82 -18.24
N HIS A 107 -36.04 -5.45 -17.18
CA HIS A 107 -37.46 -5.33 -16.85
C HIS A 107 -37.78 -3.96 -16.26
N TYR A 108 -37.18 -3.64 -15.11
CA TYR A 108 -37.52 -2.42 -14.36
C TYR A 108 -36.87 -1.14 -14.88
N THR A 109 -35.54 -1.10 -15.01
CA THR A 109 -34.84 0.15 -15.32
C THR A 109 -34.94 0.53 -16.80
N ILE A 110 -34.27 -0.22 -17.66
CA ILE A 110 -34.19 0.15 -19.07
C ILE A 110 -35.50 -0.21 -19.78
N GLY A 111 -36.23 -1.20 -19.27
CA GLY A 111 -37.56 -1.56 -19.80
C GLY A 111 -38.55 -0.41 -19.77
N LYS A 112 -38.70 0.21 -18.60
CA LYS A 112 -39.63 1.32 -18.40
C LYS A 112 -39.49 2.44 -19.43
N GLU A 113 -38.25 2.79 -19.78
CA GLU A 113 -38.03 3.89 -20.72
C GLU A 113 -38.42 3.55 -22.18
N ILE A 114 -38.33 2.27 -22.56
CA ILE A 114 -38.54 1.86 -23.96
C ILE A 114 -39.81 1.04 -24.25
N ILE A 115 -40.55 0.63 -23.21
CA ILE A 115 -41.78 -0.16 -23.40
C ILE A 115 -42.83 0.55 -24.27
N ASP A 116 -43.10 1.82 -23.98
CA ASP A 116 -44.16 2.57 -24.68
C ASP A 116 -43.83 2.79 -26.15
N LEU A 117 -42.55 2.98 -26.46
CA LEU A 117 -42.09 3.06 -27.86
C LEU A 117 -42.39 1.77 -28.62
N VAL A 118 -42.03 0.64 -28.03
CA VAL A 118 -42.17 -0.68 -28.68
C VAL A 118 -43.65 -1.02 -28.94
N LEU A 119 -44.48 -0.88 -27.90
CA LEU A 119 -45.92 -1.13 -28.02
C LEU A 119 -46.57 -0.29 -29.12
N ASP A 120 -46.10 0.94 -29.28
CA ASP A 120 -46.56 1.82 -30.36
C ASP A 120 -46.19 1.25 -31.74
N ARG A 121 -44.95 0.78 -31.89
CA ARG A 121 -44.50 0.19 -33.16
C ARG A 121 -45.13 -1.18 -33.46
N ILE A 122 -45.57 -1.88 -32.41
CA ILE A 122 -46.38 -3.10 -32.56
C ILE A 122 -47.79 -2.74 -33.01
N ARG A 123 -48.35 -1.67 -32.45
CA ARG A 123 -49.67 -1.16 -32.86
C ARG A 123 -49.69 -0.63 -34.31
N LYS A 124 -48.53 -0.17 -34.81
CA LYS A 124 -48.40 0.18 -36.23
C LYS A 124 -48.61 -1.03 -37.16
N LEU A 125 -48.13 -2.20 -36.74
CA LEU A 125 -48.33 -3.46 -37.50
C LEU A 125 -49.72 -4.07 -37.24
N ALA A 126 -50.25 -3.93 -36.03
CA ALA A 126 -51.59 -4.43 -35.69
C ALA A 126 -52.74 -3.73 -36.45
N ASP A 127 -52.52 -2.47 -36.82
CA ASP A 127 -53.51 -1.69 -37.58
C ASP A 127 -53.37 -1.83 -39.11
N GLN A 128 -52.42 -2.67 -39.56
CA GLN A 128 -52.44 -3.23 -40.91
C GLN A 128 -53.02 -4.66 -40.93
N CYS A 129 -53.75 -5.04 -39.87
CA CYS A 129 -54.29 -6.39 -39.74
C CYS A 129 -55.81 -6.37 -39.63
N THR A 130 -56.47 -6.97 -40.61
CA THR A 130 -57.94 -7.11 -40.64
C THR A 130 -58.48 -8.09 -39.59
N GLY A 131 -57.63 -8.95 -39.03
CA GLY A 131 -58.03 -9.83 -37.94
C GLY A 131 -56.84 -10.55 -37.33
N LEU A 132 -56.07 -9.83 -36.52
CA LEU A 132 -54.87 -10.34 -35.86
C LEU A 132 -55.15 -11.58 -34.98
N GLN A 133 -54.32 -12.60 -35.12
CA GLN A 133 -54.39 -13.80 -34.28
C GLN A 133 -53.72 -13.56 -32.95
N GLY A 134 -52.48 -13.07 -33.03
CA GLY A 134 -51.61 -12.95 -31.87
C GLY A 134 -50.13 -12.82 -32.21
N PHE A 135 -49.27 -13.34 -31.32
CA PHE A 135 -47.84 -13.06 -31.36
C PHE A 135 -46.93 -14.28 -31.16
N LEU A 136 -45.85 -14.34 -31.95
CA LEU A 136 -44.75 -15.30 -31.76
C LEU A 136 -43.57 -14.54 -31.15
N VAL A 137 -43.26 -14.80 -29.88
CA VAL A 137 -42.20 -14.07 -29.16
C VAL A 137 -40.92 -14.89 -29.06
N PHE A 138 -39.82 -14.35 -29.59
CA PHE A 138 -38.51 -15.03 -29.63
C PHE A 138 -37.54 -14.34 -28.67
N HIS A 139 -36.96 -15.10 -27.75
CA HIS A 139 -36.03 -14.55 -26.77
C HIS A 139 -35.17 -15.60 -26.06
N SER A 140 -34.18 -15.13 -25.32
CA SER A 140 -33.38 -15.98 -24.42
C SER A 140 -33.95 -15.94 -23.02
N PHE A 141 -33.76 -17.04 -22.29
CA PHE A 141 -34.06 -17.08 -20.86
C PHE A 141 -32.97 -16.40 -20.02
N GLY A 142 -31.75 -16.33 -20.57
CA GLY A 142 -30.58 -15.92 -19.80
C GLY A 142 -30.13 -14.47 -19.92
N GLY A 143 -30.42 -13.83 -21.04
CA GLY A 143 -30.07 -12.42 -21.24
C GLY A 143 -30.92 -11.52 -20.35
N GLY A 144 -30.44 -10.30 -20.12
CA GLY A 144 -31.19 -9.31 -19.34
C GLY A 144 -32.37 -8.71 -20.11
N THR A 145 -32.11 -8.34 -21.37
CA THR A 145 -33.15 -7.93 -22.31
C THR A 145 -34.08 -9.10 -22.60
N GLY A 146 -33.49 -10.22 -23.02
CA GLY A 146 -34.25 -11.42 -23.35
C GLY A 146 -35.17 -11.92 -22.26
N SER A 147 -34.68 -11.94 -21.03
CA SER A 147 -35.51 -12.36 -19.90
C SER A 147 -36.36 -11.19 -19.39
N GLY A 148 -35.74 -10.02 -19.23
CA GLY A 148 -36.34 -8.88 -18.55
C GLY A 148 -37.39 -8.16 -19.35
N PHE A 149 -36.98 -7.56 -20.46
CA PHE A 149 -37.89 -6.80 -21.28
C PHE A 149 -39.05 -7.66 -21.78
N THR A 150 -38.76 -8.91 -22.13
CA THR A 150 -39.76 -9.85 -22.62
C THR A 150 -40.92 -9.98 -21.65
N SER A 151 -40.65 -10.23 -20.38
CA SER A 151 -41.73 -10.36 -19.39
C SER A 151 -42.59 -9.09 -19.27
N LEU A 152 -41.95 -7.92 -19.34
CA LEU A 152 -42.68 -6.64 -19.33
C LEU A 152 -43.56 -6.48 -20.58
N LEU A 153 -43.03 -6.87 -21.73
CA LEU A 153 -43.77 -6.83 -22.99
C LEU A 153 -44.93 -7.81 -22.96
N MET A 154 -44.67 -9.02 -22.50
CA MET A 154 -45.71 -10.06 -22.42
C MET A 154 -46.86 -9.66 -21.48
N GLU A 155 -46.55 -8.89 -20.44
CA GLU A 155 -47.59 -8.32 -19.57
C GLU A 155 -48.39 -7.24 -20.29
N ARG A 156 -47.69 -6.32 -20.95
CA ARG A 156 -48.36 -5.21 -21.65
C ARG A 156 -49.06 -5.62 -22.94
N LEU A 157 -48.71 -6.79 -23.50
CA LEU A 157 -49.48 -7.35 -24.62
C LEU A 157 -50.82 -7.92 -24.14
N SER A 158 -50.84 -8.59 -22.99
CA SER A 158 -52.10 -9.12 -22.41
C SER A 158 -53.10 -8.02 -22.02
N VAL A 159 -52.61 -6.83 -21.73
CA VAL A 159 -53.47 -5.67 -21.49
C VAL A 159 -54.02 -5.16 -22.82
N ASP A 160 -53.15 -4.67 -23.68
CA ASP A 160 -53.56 -4.05 -24.96
C ASP A 160 -54.27 -4.99 -25.94
N TYR A 161 -53.84 -6.25 -25.97
CA TYR A 161 -54.33 -7.26 -26.93
C TYR A 161 -54.79 -8.54 -26.19
N GLY A 162 -55.75 -8.39 -25.28
CA GLY A 162 -56.17 -9.48 -24.39
C GLY A 162 -56.86 -10.67 -25.04
N LYS A 163 -57.44 -10.48 -26.23
CA LYS A 163 -58.21 -11.53 -26.93
C LYS A 163 -57.33 -12.41 -27.85
N LYS A 164 -56.01 -12.23 -27.81
CA LYS A 164 -55.08 -12.86 -28.74
C LYS A 164 -54.25 -13.96 -28.07
N SER A 165 -53.64 -14.79 -28.90
CA SER A 165 -52.74 -15.86 -28.44
C SER A 165 -51.31 -15.33 -28.43
N LYS A 166 -50.51 -15.84 -27.50
CA LYS A 166 -49.10 -15.49 -27.42
C LYS A 166 -48.27 -16.76 -27.31
N LEU A 167 -47.45 -16.99 -28.34
CA LEU A 167 -46.53 -18.14 -28.38
C LEU A 167 -45.11 -17.69 -28.10
N GLU A 168 -44.37 -18.51 -27.35
CA GLU A 168 -42.97 -18.23 -27.01
C GLU A 168 -42.02 -19.19 -27.74
N PHE A 169 -40.88 -18.65 -28.17
CA PHE A 169 -39.73 -19.43 -28.58
C PHE A 169 -38.55 -19.03 -27.70
N SER A 170 -38.25 -19.89 -26.72
CA SER A 170 -37.36 -19.57 -25.62
C SER A 170 -36.07 -20.36 -25.70
N ILE A 171 -34.93 -19.70 -25.49
CA ILE A 171 -33.64 -20.38 -25.49
C ILE A 171 -33.16 -20.63 -24.05
N TYR A 172 -33.45 -21.83 -23.57
CA TYR A 172 -33.01 -22.30 -22.25
C TYR A 172 -31.47 -22.35 -22.22
N PRO A 173 -30.85 -21.81 -21.13
CA PRO A 173 -29.42 -21.55 -21.13
C PRO A 173 -28.57 -22.79 -20.90
N ALA A 174 -27.42 -22.84 -21.56
CA ALA A 174 -26.55 -24.03 -21.54
C ALA A 174 -25.09 -23.62 -21.41
N PRO A 175 -24.31 -24.28 -20.53
CA PRO A 175 -22.88 -23.92 -20.36
C PRO A 175 -21.97 -24.12 -21.59
N GLN A 176 -22.37 -25.00 -22.53
CA GLN A 176 -21.56 -25.27 -23.74
C GLN A 176 -21.48 -24.06 -24.65
N VAL A 177 -22.63 -23.51 -25.05
CA VAL A 177 -22.65 -22.15 -25.65
C VAL A 177 -22.37 -21.13 -24.56
N SER A 178 -22.05 -19.90 -24.95
CA SER A 178 -21.67 -18.88 -23.97
C SER A 178 -22.76 -18.67 -22.93
N THR A 179 -22.33 -18.44 -21.69
CA THR A 179 -23.22 -18.28 -20.56
C THR A 179 -22.67 -17.25 -19.59
N ALA A 180 -23.59 -16.55 -18.95
CA ALA A 180 -23.33 -15.79 -17.75
C ALA A 180 -23.55 -16.75 -16.58
N VAL A 181 -23.08 -16.36 -15.40
CA VAL A 181 -23.27 -17.13 -14.18
C VAL A 181 -24.70 -16.97 -13.67
N VAL A 182 -25.26 -15.79 -13.92
CA VAL A 182 -26.55 -15.40 -13.36
C VAL A 182 -27.78 -15.79 -14.21
N GLU A 183 -27.60 -16.59 -15.24
CA GLU A 183 -28.71 -16.93 -16.15
C GLU A 183 -29.79 -17.80 -15.52
N PRO A 184 -29.42 -18.70 -14.58
CA PRO A 184 -30.45 -19.43 -13.84
C PRO A 184 -31.41 -18.53 -13.05
N TYR A 185 -30.91 -17.42 -12.51
CA TYR A 185 -31.77 -16.39 -11.92
C TYR A 185 -32.69 -15.81 -12.98
N ASN A 186 -32.09 -15.25 -14.04
CA ASN A 186 -32.84 -14.61 -15.14
C ASN A 186 -33.94 -15.49 -15.72
N SER A 187 -33.63 -16.78 -15.91
CA SER A 187 -34.58 -17.77 -16.42
C SER A 187 -35.79 -17.94 -15.49
N ILE A 188 -35.53 -18.23 -14.22
CA ILE A 188 -36.59 -18.41 -13.22
C ILE A 188 -37.43 -17.13 -13.06
N LEU A 189 -36.77 -15.99 -12.97
CA LEU A 189 -37.48 -14.71 -12.79
C LEU A 189 -38.43 -14.42 -13.94
N THR A 190 -37.98 -14.61 -15.18
CA THR A 190 -38.82 -14.34 -16.35
C THR A 190 -39.87 -15.39 -16.63
N THR A 191 -39.58 -16.66 -16.34
CA THR A 191 -40.57 -17.74 -16.49
C THR A 191 -41.77 -17.48 -15.56
N HIS A 192 -41.47 -17.11 -14.32
CA HIS A 192 -42.49 -16.73 -13.32
C HIS A 192 -43.42 -15.62 -13.80
N THR A 193 -42.83 -14.52 -14.24
CA THR A 193 -43.57 -13.33 -14.66
C THR A 193 -44.28 -13.53 -16.01
N THR A 194 -43.74 -14.41 -16.85
CA THR A 194 -44.32 -14.66 -18.18
C THR A 194 -45.36 -15.80 -18.19
N LEU A 195 -45.31 -16.68 -17.17
CA LEU A 195 -46.11 -17.94 -17.16
C LEU A 195 -47.59 -17.75 -17.49
N GLU A 196 -48.22 -16.79 -16.83
CA GLU A 196 -49.65 -16.51 -17.04
C GLU A 196 -49.97 -15.78 -18.36
N HIS A 197 -48.95 -15.20 -18.99
CA HIS A 197 -49.12 -14.39 -20.19
C HIS A 197 -48.75 -15.10 -21.50
N SER A 198 -48.22 -16.32 -21.42
CA SER A 198 -47.90 -17.12 -22.60
C SER A 198 -48.82 -18.32 -22.66
N ASP A 199 -49.27 -18.67 -23.86
CA ASP A 199 -50.26 -19.74 -24.08
C ASP A 199 -49.65 -21.10 -24.47
N CYS A 200 -48.65 -21.06 -25.34
CA CYS A 200 -47.81 -22.22 -25.69
C CYS A 200 -46.36 -21.76 -25.80
N ALA A 201 -45.43 -22.50 -25.20
CA ALA A 201 -44.00 -22.09 -25.16
C ALA A 201 -43.06 -23.21 -25.60
N PHE A 202 -42.37 -23.00 -26.70
CA PHE A 202 -41.44 -24.00 -27.22
C PHE A 202 -40.01 -23.72 -26.74
N MET A 203 -39.58 -24.45 -25.70
CA MET A 203 -38.21 -24.33 -25.17
C MET A 203 -37.21 -25.07 -26.06
N VAL A 204 -36.03 -24.47 -26.18
CA VAL A 204 -34.91 -25.02 -26.93
C VAL A 204 -33.66 -24.88 -26.07
N ASP A 205 -33.18 -26.01 -25.55
CA ASP A 205 -31.97 -26.05 -24.73
C ASP A 205 -30.78 -26.01 -25.69
N ASN A 206 -29.92 -25.01 -25.53
CA ASN A 206 -28.73 -24.86 -26.38
C ASN A 206 -27.75 -26.02 -26.27
N GLU A 207 -27.80 -26.74 -25.16
CA GLU A 207 -27.01 -27.96 -24.95
C GLU A 207 -27.40 -29.01 -25.98
N ALA A 208 -28.71 -29.17 -26.21
CA ALA A 208 -29.22 -30.12 -27.20
C ALA A 208 -28.84 -29.74 -28.62
N ILE A 209 -29.07 -28.48 -28.98
CA ILE A 209 -28.77 -27.98 -30.33
C ILE A 209 -27.27 -28.10 -30.61
N TYR A 210 -26.46 -27.71 -29.62
CA TYR A 210 -25.00 -27.83 -29.69
C TYR A 210 -24.57 -29.25 -30.03
N ASP A 211 -25.07 -30.22 -29.26
CA ASP A 211 -24.69 -31.62 -29.47
C ASP A 211 -25.21 -32.18 -30.79
N ILE A 212 -26.42 -31.81 -31.16
CA ILE A 212 -26.97 -32.20 -32.47
C ILE A 212 -26.07 -31.69 -33.60
N CYS A 213 -25.57 -30.46 -33.47
CA CYS A 213 -24.61 -29.92 -34.44
C CYS A 213 -23.25 -30.65 -34.39
N ARG A 214 -22.80 -31.01 -33.20
CA ARG A 214 -21.55 -31.78 -33.06
C ARG A 214 -21.68 -33.20 -33.62
N ARG A 215 -22.76 -33.87 -33.25
CA ARG A 215 -22.96 -35.28 -33.55
C ARG A 215 -23.33 -35.52 -35.02
N ASN A 216 -24.28 -34.74 -35.54
CA ASN A 216 -24.91 -34.99 -36.84
C ASN A 216 -24.43 -34.13 -38.00
N LEU A 217 -23.88 -32.94 -37.71
CA LEU A 217 -23.31 -32.06 -38.73
C LEU A 217 -21.77 -32.04 -38.70
N ASP A 218 -21.17 -32.80 -37.79
CA ASP A 218 -19.71 -32.93 -37.68
C ASP A 218 -18.98 -31.58 -37.59
N ILE A 219 -19.60 -30.64 -36.87
CA ILE A 219 -19.01 -29.30 -36.66
C ILE A 219 -18.34 -29.33 -35.30
N GLU A 220 -17.03 -29.11 -35.28
CA GLU A 220 -16.23 -29.25 -34.06
C GLU A 220 -16.67 -28.28 -32.95
N ARG A 221 -16.68 -26.99 -33.29
CA ARG A 221 -17.08 -25.92 -32.37
C ARG A 221 -18.15 -25.09 -33.10
N PRO A 222 -19.44 -25.45 -32.93
CA PRO A 222 -20.57 -24.75 -33.60
C PRO A 222 -20.67 -23.25 -33.32
N THR A 223 -20.82 -22.46 -34.37
CA THR A 223 -21.11 -21.03 -34.22
C THR A 223 -22.60 -20.81 -33.95
N TYR A 224 -23.00 -19.57 -33.69
CA TYR A 224 -24.42 -19.21 -33.55
C TYR A 224 -25.14 -19.37 -34.86
N THR A 225 -24.46 -18.99 -35.95
CA THR A 225 -24.94 -19.22 -37.31
C THR A 225 -25.34 -20.69 -37.50
N ASN A 226 -24.48 -21.62 -37.07
CA ASN A 226 -24.79 -23.06 -37.13
C ASN A 226 -26.01 -23.44 -36.28
N LEU A 227 -26.05 -22.94 -35.04
CA LEU A 227 -27.12 -23.24 -34.09
C LEU A 227 -28.46 -22.70 -34.56
N ASN A 228 -28.44 -21.43 -34.95
CA ASN A 228 -29.66 -20.72 -35.37
C ASN A 228 -30.30 -21.25 -36.65
N ARG A 229 -29.47 -21.57 -37.65
N ARG A 229 -29.47 -21.59 -37.64
CA ARG A 229 -29.94 -22.19 -38.89
CA ARG A 229 -29.93 -22.18 -38.89
C ARG A 229 -30.69 -23.51 -38.64
C ARG A 229 -30.67 -23.52 -38.65
N LEU A 230 -30.19 -24.30 -37.67
CA LEU A 230 -30.89 -25.50 -37.24
C LEU A 230 -32.18 -25.16 -36.48
N ILE A 231 -32.13 -24.19 -35.57
CA ILE A 231 -33.32 -23.82 -34.77
C ILE A 231 -34.45 -23.32 -35.67
N SER A 232 -34.10 -22.62 -36.75
CA SER A 232 -35.07 -22.09 -37.68
C SER A 232 -35.80 -23.16 -38.50
N GLN A 233 -35.11 -24.23 -38.88
CA GLN A 233 -35.78 -25.40 -39.48
C GLN A 233 -36.82 -25.98 -38.51
N ILE A 234 -36.48 -26.07 -37.23
CA ILE A 234 -37.44 -26.50 -36.21
C ILE A 234 -38.59 -25.49 -36.13
N VAL A 235 -38.27 -24.20 -36.01
CA VAL A 235 -39.30 -23.16 -35.93
C VAL A 235 -40.21 -23.20 -37.16
N SER A 236 -39.60 -23.29 -38.35
CA SER A 236 -40.33 -23.33 -39.60
C SER A 236 -41.31 -24.50 -39.69
N SER A 237 -40.88 -25.69 -39.23
CA SER A 237 -41.80 -26.84 -39.10
C SER A 237 -43.07 -26.47 -38.33
N ILE A 238 -42.87 -25.77 -37.22
CA ILE A 238 -43.94 -25.44 -36.27
C ILE A 238 -44.86 -24.35 -36.83
N THR A 239 -44.29 -23.35 -37.48
CA THR A 239 -45.08 -22.26 -38.05
C THR A 239 -45.61 -22.53 -39.45
N ALA A 240 -45.06 -23.49 -40.18
CA ALA A 240 -45.46 -23.77 -41.58
C ALA A 240 -46.98 -23.90 -41.77
N SER A 241 -47.63 -24.57 -40.82
CA SER A 241 -49.09 -24.73 -40.85
C SER A 241 -49.87 -23.40 -40.80
N LEU A 242 -49.28 -22.35 -40.22
CA LEU A 242 -49.85 -20.99 -40.28
C LEU A 242 -49.58 -20.29 -41.61
N ARG A 243 -48.45 -20.60 -42.24
CA ARG A 243 -47.99 -19.96 -43.47
C ARG A 243 -48.42 -20.67 -44.76
N PHE A 244 -48.82 -21.93 -44.66
CA PHE A 244 -49.23 -22.73 -45.84
C PHE A 244 -50.69 -23.23 -45.73
N ASP A 245 -51.23 -23.62 -46.87
CA ASP A 245 -52.56 -24.21 -46.95
C ASP A 245 -52.57 -25.56 -46.22
N GLY A 246 -53.41 -25.72 -45.21
CA GLY A 246 -53.47 -26.97 -44.43
C GLY A 246 -54.72 -27.08 -43.58
N ALA A 247 -54.83 -28.18 -42.83
CA ALA A 247 -55.95 -28.40 -41.90
C ALA A 247 -55.54 -28.73 -40.46
N LEU A 248 -54.25 -28.77 -40.15
CA LEU A 248 -53.76 -28.89 -38.78
C LEU A 248 -53.01 -27.64 -38.38
N ASN A 249 -53.22 -27.18 -37.15
CA ASN A 249 -52.59 -25.99 -36.59
C ASN A 249 -52.67 -24.76 -37.51
N VAL A 250 -53.91 -24.46 -37.94
CA VAL A 250 -54.18 -23.35 -38.88
C VAL A 250 -54.22 -21.96 -38.23
N ASP A 251 -54.48 -21.90 -36.92
CA ASP A 251 -54.32 -20.66 -36.15
C ASP A 251 -53.52 -20.90 -34.86
N LEU A 252 -53.22 -19.82 -34.13
CA LEU A 252 -52.49 -19.90 -32.86
C LEU A 252 -53.33 -20.53 -31.72
N THR A 253 -54.66 -20.48 -31.85
CA THR A 253 -55.56 -21.11 -30.89
C THR A 253 -55.52 -22.64 -30.96
N GLU A 254 -55.16 -23.17 -32.13
CA GLU A 254 -55.13 -24.61 -32.35
C GLU A 254 -53.90 -25.28 -31.72
N PHE A 255 -52.77 -24.56 -31.62
CA PHE A 255 -51.59 -25.02 -30.87
C PHE A 255 -51.89 -25.21 -29.39
N GLN A 256 -52.56 -24.22 -28.81
CA GLN A 256 -53.05 -24.27 -27.43
C GLN A 256 -53.97 -25.50 -27.23
N THR A 257 -54.94 -25.65 -28.13
CA THR A 257 -55.94 -26.72 -28.05
C THR A 257 -55.35 -28.11 -28.23
N ASN A 258 -54.58 -28.30 -29.30
CA ASN A 258 -53.98 -29.60 -29.62
C ASN A 258 -52.91 -30.05 -28.63
N LEU A 259 -52.10 -29.11 -28.14
CA LEU A 259 -50.92 -29.44 -27.31
C LEU A 259 -51.05 -29.12 -25.81
N VAL A 260 -51.93 -28.18 -25.44
CA VAL A 260 -51.99 -27.67 -24.05
C VAL A 260 -53.41 -27.80 -23.43
N PRO A 261 -53.70 -28.97 -22.81
CA PRO A 261 -54.92 -29.10 -22.00
C PRO A 261 -54.80 -28.44 -20.63
N TYR A 262 -53.68 -28.67 -19.94
CA TYR A 262 -53.39 -28.06 -18.66
C TYR A 262 -52.62 -26.77 -18.99
N PRO A 263 -53.13 -25.57 -18.62
CA PRO A 263 -52.57 -24.32 -19.16
C PRO A 263 -51.22 -23.85 -18.60
N ARG A 264 -50.94 -24.12 -17.32
CA ARG A 264 -49.61 -23.84 -16.73
C ARG A 264 -48.52 -24.71 -17.36
N ILE A 265 -48.88 -25.96 -17.64
CA ILE A 265 -48.02 -26.91 -18.33
C ILE A 265 -48.16 -26.67 -19.85
N HIS A 266 -47.56 -25.59 -20.33
CA HIS A 266 -47.64 -25.17 -21.74
C HIS A 266 -46.26 -25.18 -22.40
N PHE A 267 -45.46 -26.20 -22.08
CA PHE A 267 -44.09 -26.34 -22.56
C PHE A 267 -43.96 -27.69 -23.25
N PRO A 268 -44.31 -27.74 -24.55
CA PRO A 268 -44.19 -28.98 -25.29
C PRO A 268 -42.77 -29.24 -25.78
N LEU A 269 -42.39 -30.52 -25.79
CA LEU A 269 -41.10 -30.96 -26.28
C LEU A 269 -41.12 -31.07 -27.81
N ALA A 270 -40.21 -30.36 -28.48
CA ALA A 270 -40.00 -30.53 -29.92
C ALA A 270 -38.91 -31.57 -30.15
N THR A 271 -39.22 -32.60 -30.95
CA THR A 271 -38.23 -33.58 -31.42
C THR A 271 -38.21 -33.56 -32.95
N TYR A 272 -37.01 -33.47 -33.54
CA TYR A 272 -36.88 -33.23 -34.98
C TYR A 272 -35.82 -34.12 -35.61
N ALA A 273 -36.23 -34.88 -36.62
CA ALA A 273 -35.33 -35.68 -37.45
C ALA A 273 -35.78 -35.67 -38.92
N PRO A 274 -34.86 -35.80 -39.89
CA PRO A 274 -33.44 -36.07 -39.69
C PRO A 274 -32.56 -34.84 -39.89
N VAL A 275 -31.48 -34.75 -39.11
CA VAL A 275 -30.46 -33.70 -39.28
C VAL A 275 -29.22 -34.35 -39.91
N ILE A 276 -28.94 -34.00 -41.17
CA ILE A 276 -27.88 -34.65 -41.98
C ILE A 276 -26.92 -33.62 -42.56
N SER A 277 -25.64 -33.97 -42.58
CA SER A 277 -24.60 -33.05 -43.04
C SER A 277 -24.61 -32.87 -44.54
N ALA A 278 -24.40 -31.63 -44.99
CA ALA A 278 -24.20 -31.31 -46.42
C ALA A 278 -22.85 -31.79 -46.95
N GLU A 279 -21.86 -31.95 -46.05
CA GLU A 279 -20.54 -32.46 -46.42
C GLU A 279 -20.55 -33.98 -46.60
N LYS A 280 -21.58 -34.66 -46.09
CA LYS A 280 -21.73 -36.10 -46.24
C LYS A 280 -21.81 -36.46 -47.73
N ALA A 281 -20.79 -37.17 -48.22
CA ALA A 281 -20.63 -37.46 -49.66
C ALA A 281 -21.69 -38.42 -50.18
N TYR A 282 -21.85 -39.53 -49.47
CA TYR A 282 -22.85 -40.55 -49.79
C TYR A 282 -23.84 -40.64 -48.61
N HIS A 283 -25.11 -40.31 -48.88
CA HIS A 283 -26.17 -40.43 -47.86
C HIS A 283 -27.37 -41.30 -48.32
N GLU A 284 -27.65 -42.34 -47.54
CA GLU A 284 -28.81 -43.21 -47.74
C GLU A 284 -30.05 -42.55 -47.10
N GLN A 285 -31.00 -42.14 -47.93
CA GLN A 285 -32.16 -41.33 -47.49
C GLN A 285 -33.15 -42.12 -46.62
N LEU A 286 -33.50 -41.55 -45.48
CA LEU A 286 -34.25 -42.28 -44.44
C LEU A 286 -35.75 -42.27 -44.72
N SER A 287 -36.39 -43.39 -44.44
CA SER A 287 -37.81 -43.60 -44.72
C SER A 287 -38.72 -42.92 -43.71
N VAL A 288 -40.04 -43.00 -43.95
CA VAL A 288 -41.04 -42.47 -43.02
C VAL A 288 -40.92 -43.11 -41.64
N ALA A 289 -40.74 -44.42 -41.60
CA ALA A 289 -40.65 -45.17 -40.34
C ALA A 289 -39.39 -44.87 -39.56
N GLU A 290 -38.27 -44.66 -40.27
CA GLU A 290 -37.00 -44.33 -39.63
C GLU A 290 -37.02 -42.94 -38.98
N ILE A 291 -37.59 -41.93 -39.67
CA ILE A 291 -37.63 -40.55 -39.14
C ILE A 291 -38.67 -40.35 -38.04
N THR A 292 -39.80 -41.06 -38.13
CA THR A 292 -40.81 -41.06 -37.07
C THR A 292 -40.25 -41.73 -35.83
N ASN A 293 -39.53 -42.83 -36.03
CA ASN A 293 -38.87 -43.56 -34.94
C ASN A 293 -37.81 -42.73 -34.24
N ALA A 294 -37.15 -41.85 -35.00
CA ALA A 294 -36.17 -40.89 -34.46
C ALA A 294 -36.77 -39.86 -33.49
N CYS A 295 -38.07 -39.59 -33.60
CA CYS A 295 -38.77 -38.69 -32.69
C CYS A 295 -38.95 -39.20 -31.25
N PHE A 296 -38.56 -40.45 -30.99
CA PHE A 296 -38.53 -40.99 -29.64
C PHE A 296 -37.13 -41.33 -29.17
N GLU A 297 -36.11 -40.94 -29.93
CA GLU A 297 -34.72 -40.94 -29.45
C GLU A 297 -34.49 -39.62 -28.72
N PRO A 298 -34.03 -39.66 -27.45
CA PRO A 298 -33.60 -38.47 -26.72
C PRO A 298 -32.63 -37.56 -27.47
N ALA A 299 -31.69 -38.17 -28.19
CA ALA A 299 -30.64 -37.46 -28.91
C ALA A 299 -31.09 -36.46 -29.99
N ASN A 300 -32.36 -36.49 -30.40
CA ASN A 300 -32.89 -35.55 -31.38
C ASN A 300 -33.81 -34.46 -30.82
N GLN A 301 -34.07 -34.49 -29.51
CA GLN A 301 -34.98 -33.54 -28.86
C GLN A 301 -34.35 -32.16 -28.70
N MET A 302 -35.18 -31.12 -28.58
CA MET A 302 -34.69 -29.78 -28.29
C MET A 302 -34.29 -29.62 -26.83
N VAL A 303 -34.79 -30.48 -25.96
CA VAL A 303 -34.45 -30.49 -24.54
C VAL A 303 -34.15 -31.93 -24.16
N LYS A 304 -32.94 -32.18 -23.65
CA LYS A 304 -32.52 -33.53 -23.25
C LYS A 304 -33.27 -33.95 -21.98
N CYS A 305 -34.16 -34.91 -22.17
CA CYS A 305 -34.88 -35.55 -21.08
C CYS A 305 -35.30 -36.93 -21.56
N ASP A 306 -35.92 -37.71 -20.67
CA ASP A 306 -36.27 -39.10 -20.94
C ASP A 306 -37.80 -39.24 -20.95
N PRO A 307 -38.44 -39.12 -22.15
CA PRO A 307 -39.91 -39.23 -22.20
C PRO A 307 -40.53 -40.54 -21.71
N ARG A 308 -39.71 -41.61 -21.60
CA ARG A 308 -40.17 -42.89 -21.04
C ARG A 308 -40.66 -42.74 -19.61
N HIS A 309 -39.92 -41.97 -18.82
CA HIS A 309 -40.25 -41.73 -17.42
C HIS A 309 -40.98 -40.39 -17.32
N GLY A 310 -42.29 -40.47 -17.56
CA GLY A 310 -43.16 -39.30 -17.68
C GLY A 310 -44.27 -39.66 -18.65
N LYS A 311 -45.36 -38.91 -18.58
CA LYS A 311 -46.53 -39.19 -19.41
C LYS A 311 -46.81 -38.09 -20.42
N TYR A 312 -47.40 -38.48 -21.54
CA TYR A 312 -47.80 -37.54 -22.59
C TYR A 312 -49.23 -37.08 -22.32
N MET A 313 -49.48 -35.81 -22.62
CA MET A 313 -50.84 -35.25 -22.71
C MET A 313 -51.27 -34.99 -24.17
N ALA A 314 -50.30 -34.90 -25.09
CA ALA A 314 -50.56 -34.62 -26.49
C ALA A 314 -49.33 -34.93 -27.36
N CYS A 315 -49.57 -35.43 -28.57
CA CYS A 315 -48.51 -35.67 -29.53
CA CYS A 315 -48.53 -35.71 -29.55
C CYS A 315 -48.97 -35.21 -30.91
N CYS A 316 -48.04 -34.61 -31.66
CA CYS A 316 -48.30 -34.06 -32.99
CA CYS A 316 -48.32 -34.09 -32.98
C CYS A 316 -47.11 -34.34 -33.88
N LEU A 317 -47.31 -35.05 -34.98
CA LEU A 317 -46.25 -35.26 -35.98
C LEU A 317 -46.52 -34.30 -37.14
N LEU A 318 -45.50 -33.52 -37.50
CA LEU A 318 -45.60 -32.54 -38.59
C LEU A 318 -44.60 -32.92 -39.66
N TYR A 319 -45.08 -33.64 -40.68
CA TYR A 319 -44.20 -34.14 -41.73
C TYR A 319 -44.02 -33.14 -42.86
N ARG A 320 -42.88 -33.24 -43.54
CA ARG A 320 -42.46 -32.33 -44.60
C ARG A 320 -41.75 -33.12 -45.70
N GLY A 321 -42.36 -33.19 -46.88
CA GLY A 321 -41.80 -33.91 -48.03
C GLY A 321 -42.65 -35.11 -48.44
N ASP A 322 -41.97 -36.13 -48.98
CA ASP A 322 -42.62 -37.32 -49.51
C ASP A 322 -43.17 -38.21 -48.39
N VAL A 323 -44.42 -37.93 -47.99
CA VAL A 323 -45.11 -38.69 -46.94
C VAL A 323 -46.56 -38.94 -47.36
N VAL A 324 -47.06 -40.12 -47.01
CA VAL A 324 -48.47 -40.49 -47.20
C VAL A 324 -49.02 -41.07 -45.88
N PRO A 325 -50.31 -40.83 -45.59
CA PRO A 325 -50.93 -41.28 -44.33
C PRO A 325 -50.74 -42.75 -43.94
N LYS A 326 -50.65 -43.66 -44.90
CA LYS A 326 -50.54 -45.10 -44.59
C LYS A 326 -49.12 -45.49 -44.15
N ASP A 327 -48.09 -44.86 -44.72
CA ASP A 327 -46.70 -45.03 -44.27
C ASP A 327 -46.48 -44.54 -42.83
N VAL A 328 -47.23 -43.50 -42.46
CA VAL A 328 -47.17 -42.92 -41.11
C VAL A 328 -47.78 -43.88 -40.09
N ASN A 329 -49.00 -44.35 -40.34
CA ASN A 329 -49.73 -45.23 -39.41
C ASN A 329 -49.06 -46.59 -39.21
N ALA A 330 -48.39 -47.07 -40.28
CA ALA A 330 -47.56 -48.27 -40.24
C ALA A 330 -46.38 -48.12 -39.31
N ALA A 331 -45.66 -47.01 -39.46
CA ALA A 331 -44.59 -46.63 -38.54
C ALA A 331 -45.09 -46.47 -37.10
N ILE A 332 -46.23 -45.79 -36.93
CA ILE A 332 -46.84 -45.57 -35.60
C ILE A 332 -47.16 -46.87 -34.87
N ALA A 333 -47.64 -47.88 -35.60
CA ALA A 333 -47.92 -49.20 -35.04
C ALA A 333 -46.65 -49.94 -34.61
N THR A 334 -45.60 -49.88 -35.44
CA THR A 334 -44.27 -50.44 -35.11
C THR A 334 -43.71 -49.82 -33.84
N ILE A 335 -43.77 -48.49 -33.80
CA ILE A 335 -43.23 -47.69 -32.69
C ILE A 335 -43.98 -47.96 -31.36
N LYS A 336 -45.28 -48.23 -31.44
CA LYS A 336 -46.06 -48.53 -30.23
C LYS A 336 -45.63 -49.83 -29.53
N THR A 337 -45.14 -50.80 -30.29
CA THR A 337 -44.74 -52.11 -29.75
C THR A 337 -43.31 -52.17 -29.19
N LYS A 338 -42.45 -51.22 -29.59
CA LYS A 338 -41.05 -51.18 -29.13
C LYS A 338 -40.79 -50.22 -27.97
N ARG A 339 -41.51 -49.10 -27.92
CA ARG A 339 -41.18 -47.99 -27.02
C ARG A 339 -42.25 -47.74 -25.95
N SER A 340 -41.81 -47.18 -24.81
CA SER A 340 -42.68 -46.89 -23.67
C SER A 340 -43.39 -45.55 -23.84
N ILE A 341 -44.50 -45.57 -24.58
CA ILE A 341 -45.28 -44.36 -24.88
C ILE A 341 -46.51 -44.36 -23.98
N GLN A 342 -46.31 -43.92 -22.75
CA GLN A 342 -47.36 -43.89 -21.73
C GLN A 342 -48.09 -42.55 -21.79
N PHE A 343 -49.41 -42.58 -21.99
CA PHE A 343 -50.25 -41.38 -21.91
C PHE A 343 -50.89 -41.27 -20.54
N VAL A 344 -51.42 -40.08 -20.26
CA VAL A 344 -52.23 -39.87 -19.04
C VAL A 344 -53.62 -40.44 -19.27
N ASP A 345 -54.28 -40.80 -18.17
CA ASP A 345 -55.56 -41.51 -18.19
C ASP A 345 -56.68 -40.72 -18.88
N TRP A 346 -56.78 -39.44 -18.56
CA TRP A 346 -57.85 -38.58 -19.10
C TRP A 346 -57.71 -38.25 -20.59
N CYS A 347 -56.47 -38.23 -21.12
CA CYS A 347 -56.24 -37.90 -22.54
C CYS A 347 -56.27 -39.14 -23.43
N PRO A 348 -56.70 -38.98 -24.71
CA PRO A 348 -56.65 -40.10 -25.64
C PRO A 348 -55.22 -40.39 -26.07
N THR A 349 -54.92 -41.67 -26.30
CA THR A 349 -53.59 -42.11 -26.70
C THR A 349 -53.46 -42.03 -28.22
N GLY A 350 -53.37 -40.80 -28.75
CA GLY A 350 -53.39 -40.55 -30.19
C GLY A 350 -52.29 -39.64 -30.72
N PHE A 351 -52.33 -39.39 -32.04
CA PHE A 351 -51.36 -38.55 -32.75
C PHE A 351 -52.07 -37.71 -33.82
N LYS A 352 -52.12 -36.39 -33.65
CA LYS A 352 -52.64 -35.50 -34.70
C LYS A 352 -51.56 -35.26 -35.77
N VAL A 353 -51.70 -35.91 -36.91
CA VAL A 353 -50.72 -35.82 -38.00
C VAL A 353 -51.03 -34.65 -38.93
N GLY A 354 -49.97 -34.04 -39.46
CA GLY A 354 -50.06 -33.00 -40.48
C GLY A 354 -48.94 -33.18 -41.47
N ILE A 355 -49.29 -33.21 -42.76
CA ILE A 355 -48.33 -33.43 -43.83
C ILE A 355 -48.38 -32.25 -44.78
N ASN A 356 -47.20 -31.80 -45.21
CA ASN A 356 -47.02 -30.83 -46.28
C ASN A 356 -46.04 -31.44 -47.26
N TYR A 357 -46.43 -31.53 -48.53
CA TYR A 357 -45.65 -32.27 -49.52
C TYR A 357 -44.35 -31.58 -49.95
N GLN A 358 -44.26 -30.26 -49.77
CA GLN A 358 -43.03 -29.53 -50.09
C GLN A 358 -41.96 -29.93 -49.05
N PRO A 359 -40.85 -30.56 -49.51
CA PRO A 359 -39.85 -31.01 -48.54
C PRO A 359 -39.05 -29.86 -47.94
N PRO A 360 -38.33 -30.09 -46.83
CA PRO A 360 -37.60 -29.01 -46.13
C PRO A 360 -36.72 -28.18 -47.07
N THR A 361 -36.82 -26.86 -46.94
CA THR A 361 -35.95 -25.95 -47.68
C THR A 361 -34.68 -25.77 -46.85
N VAL A 362 -33.57 -25.55 -47.54
CA VAL A 362 -32.28 -25.35 -46.86
C VAL A 362 -31.56 -24.15 -47.43
N VAL A 363 -30.80 -23.49 -46.57
CA VAL A 363 -30.08 -22.28 -46.93
C VAL A 363 -28.90 -22.70 -47.82
N PRO A 364 -28.71 -22.01 -48.97
CA PRO A 364 -27.54 -22.26 -49.82
C PRO A 364 -26.21 -22.15 -49.07
N GLY A 365 -25.31 -23.11 -49.30
CA GLY A 365 -24.03 -23.18 -48.60
C GLY A 365 -24.11 -23.53 -47.12
N GLY A 366 -25.27 -23.99 -46.67
CA GLY A 366 -25.51 -24.23 -45.24
C GLY A 366 -24.98 -25.57 -44.79
N ASP A 367 -25.21 -25.86 -43.52
CA ASP A 367 -24.72 -27.10 -42.91
C ASP A 367 -25.63 -28.28 -43.18
N LEU A 368 -26.94 -28.03 -43.25
N LEU A 368 -26.94 -28.03 -43.25
CA LEU A 368 -27.94 -29.07 -43.42
CA LEU A 368 -27.93 -29.09 -43.41
C LEU A 368 -28.11 -29.48 -44.89
C LEU A 368 -28.12 -29.47 -44.88
N ALA A 369 -28.15 -30.79 -45.13
CA ALA A 369 -28.37 -31.33 -46.48
C ALA A 369 -29.87 -31.33 -46.81
N LYS A 370 -30.16 -31.22 -48.11
CA LYS A 370 -31.51 -31.43 -48.64
C LYS A 370 -31.93 -32.88 -48.37
N VAL A 371 -33.20 -33.08 -48.01
CA VAL A 371 -33.75 -34.41 -47.73
C VAL A 371 -35.12 -34.60 -48.38
N GLN A 372 -35.45 -35.86 -48.68
CA GLN A 372 -36.69 -36.21 -49.36
C GLN A 372 -37.91 -36.05 -48.46
N ARG A 373 -37.78 -36.46 -47.20
CA ARG A 373 -38.84 -36.30 -46.19
C ARG A 373 -38.24 -36.07 -44.79
N ALA A 374 -38.90 -35.18 -44.04
CA ALA A 374 -38.55 -34.87 -42.64
C ALA A 374 -39.80 -34.75 -41.76
N VAL A 375 -39.58 -34.74 -40.44
CA VAL A 375 -40.68 -34.62 -39.46
C VAL A 375 -40.27 -33.78 -38.24
N CYS A 376 -41.26 -33.19 -37.59
CA CYS A 376 -41.09 -32.52 -36.31
C CYS A 376 -42.20 -32.98 -35.38
N MET A 377 -41.85 -33.78 -34.37
CA MET A 377 -42.82 -34.18 -33.35
C MET A 377 -42.92 -33.10 -32.25
N LEU A 378 -44.14 -32.72 -31.91
CA LEU A 378 -44.41 -31.82 -30.79
C LEU A 378 -45.16 -32.63 -29.75
N SER A 379 -44.54 -32.86 -28.60
CA SER A 379 -45.10 -33.71 -27.57
C SER A 379 -45.12 -33.03 -26.22
N ASN A 380 -46.32 -32.76 -25.69
CA ASN A 380 -46.43 -32.27 -24.32
C ASN A 380 -46.23 -33.42 -23.34
N THR A 381 -44.96 -33.68 -23.02
CA THR A 381 -44.59 -34.72 -22.06
C THR A 381 -44.04 -34.08 -20.80
N THR A 382 -44.28 -34.76 -19.67
CA THR A 382 -43.87 -34.27 -18.36
C THR A 382 -42.37 -34.45 -18.11
N ALA A 383 -41.70 -35.26 -18.93
CA ALA A 383 -40.25 -35.44 -18.81
C ALA A 383 -39.47 -34.11 -18.90
N ILE A 384 -40.00 -33.15 -19.65
CA ILE A 384 -39.40 -31.80 -19.77
C ILE A 384 -39.28 -31.06 -18.42
N ALA A 385 -40.02 -31.52 -17.41
CA ALA A 385 -39.81 -31.06 -16.03
C ALA A 385 -38.38 -31.22 -15.56
N GLU A 386 -37.65 -32.18 -16.12
CA GLU A 386 -36.20 -32.32 -15.90
C GLU A 386 -35.46 -30.98 -16.09
N ALA A 387 -35.79 -30.25 -17.15
CA ALA A 387 -35.16 -28.96 -17.43
C ALA A 387 -35.40 -27.92 -16.34
N TRP A 388 -36.57 -27.97 -15.70
CA TRP A 388 -36.86 -27.08 -14.57
C TRP A 388 -36.07 -27.48 -13.32
N ALA A 389 -36.06 -28.77 -13.00
CA ALA A 389 -35.29 -29.29 -11.87
C ALA A 389 -33.84 -28.83 -11.90
N ARG A 390 -33.20 -28.94 -13.07
CA ARG A 390 -31.80 -28.49 -13.27
C ARG A 390 -31.60 -27.02 -13.01
N LEU A 391 -32.50 -26.22 -13.59
CA LEU A 391 -32.43 -24.76 -13.50
C LEU A 391 -32.70 -24.28 -12.08
N ASP A 392 -33.73 -24.85 -11.46
CA ASP A 392 -34.06 -24.56 -10.05
C ASP A 392 -32.96 -24.96 -9.06
N HIS A 393 -32.27 -26.07 -9.32
CA HIS A 393 -31.17 -26.52 -8.47
C HIS A 393 -30.00 -25.53 -8.50
N LYS A 394 -29.64 -25.06 -9.70
CA LYS A 394 -28.62 -24.01 -9.86
C LYS A 394 -29.05 -22.74 -9.15
N PHE A 395 -30.32 -22.36 -9.36
CA PHE A 395 -30.93 -21.21 -8.67
C PHE A 395 -30.78 -21.31 -7.15
N ASP A 396 -31.12 -22.47 -6.61
CA ASP A 396 -31.07 -22.68 -5.15
C ASP A 396 -29.66 -22.58 -4.57
N LEU A 397 -28.65 -23.00 -5.33
CA LEU A 397 -27.27 -22.99 -4.86
C LEU A 397 -26.77 -21.56 -4.63
N MET A 398 -26.89 -20.72 -5.66
CA MET A 398 -26.47 -19.32 -5.58
C MET A 398 -27.35 -18.53 -4.63
N TYR A 399 -28.67 -18.72 -4.70
CA TYR A 399 -29.59 -17.93 -3.88
C TYR A 399 -29.48 -18.26 -2.39
N ALA A 400 -29.12 -19.49 -2.05
CA ALA A 400 -28.77 -19.85 -0.66
C ALA A 400 -27.74 -18.88 -0.02
N LYS A 401 -26.80 -18.38 -0.83
CA LYS A 401 -25.77 -17.43 -0.40
C LYS A 401 -26.06 -15.94 -0.74
N ARG A 402 -27.23 -15.65 -1.31
CA ARG A 402 -27.55 -14.32 -1.85
C ARG A 402 -26.54 -13.81 -2.90
N ALA A 403 -25.90 -14.75 -3.60
CA ALA A 403 -24.82 -14.43 -4.54
C ALA A 403 -25.42 -13.70 -5.72
N PHE A 404 -24.80 -12.58 -6.10
CA PHE A 404 -25.22 -11.76 -7.23
C PHE A 404 -26.56 -11.00 -7.05
N VAL A 405 -27.22 -11.17 -5.90
CA VAL A 405 -28.57 -10.61 -5.65
C VAL A 405 -28.54 -9.07 -5.62
N HIS A 406 -27.50 -8.52 -5.01
CA HIS A 406 -27.34 -7.06 -4.91
C HIS A 406 -27.45 -6.36 -6.27
N TRP A 407 -26.96 -7.01 -7.33
CA TRP A 407 -27.07 -6.48 -8.71
C TRP A 407 -28.51 -6.23 -9.14
N TYR A 408 -29.41 -7.13 -8.71
CA TYR A 408 -30.83 -7.07 -9.07
C TYR A 408 -31.52 -6.03 -8.23
N VAL A 409 -31.28 -6.09 -6.91
CA VAL A 409 -31.84 -5.12 -5.96
C VAL A 409 -31.43 -3.69 -6.34
N GLY A 410 -30.16 -3.51 -6.69
CA GLY A 410 -29.64 -2.23 -7.19
C GLY A 410 -30.31 -1.62 -8.42
N GLU A 411 -31.07 -2.43 -9.17
CA GLU A 411 -31.93 -1.94 -10.25
C GLU A 411 -33.40 -1.76 -9.82
N GLY A 412 -33.65 -1.64 -8.51
CA GLY A 412 -34.99 -1.34 -8.00
C GLY A 412 -35.85 -2.52 -7.63
N MET A 413 -35.42 -3.73 -7.98
CA MET A 413 -36.16 -4.97 -7.68
C MET A 413 -36.09 -5.25 -6.18
N GLU A 414 -37.02 -6.04 -5.68
CA GLU A 414 -37.01 -6.49 -4.28
C GLU A 414 -36.53 -7.93 -4.21
N GLU A 415 -35.75 -8.24 -3.18
CA GLU A 415 -35.25 -9.60 -2.94
C GLU A 415 -36.39 -10.63 -2.78
N GLY A 416 -37.56 -10.17 -2.31
CA GLY A 416 -38.75 -11.02 -2.22
C GLY A 416 -39.25 -11.63 -3.54
N GLU A 417 -39.06 -10.90 -4.65
CA GLU A 417 -39.43 -11.40 -5.98
C GLU A 417 -38.63 -12.66 -6.36
N PHE A 418 -37.39 -12.80 -5.87
CA PHE A 418 -36.63 -14.03 -6.07
C PHE A 418 -37.36 -15.24 -5.47
N SER A 419 -37.65 -15.16 -4.17
CA SER A 419 -38.29 -16.24 -3.41
C SER A 419 -39.74 -16.48 -3.82
N GLU A 420 -40.43 -15.41 -4.22
CA GLU A 420 -41.77 -15.47 -4.81
C GLU A 420 -41.75 -16.24 -6.13
N ALA A 421 -40.84 -15.84 -7.03
CA ALA A 421 -40.69 -16.46 -8.35
C ALA A 421 -40.23 -17.91 -8.28
N ARG A 422 -39.29 -18.19 -7.38
CA ARG A 422 -38.84 -19.56 -7.13
C ARG A 422 -39.96 -20.42 -6.57
N GLU A 423 -40.83 -19.85 -5.74
CA GLU A 423 -41.95 -20.60 -5.16
C GLU A 423 -43.03 -20.96 -6.18
N ASP A 424 -43.17 -20.14 -7.21
CA ASP A 424 -44.02 -20.47 -8.36
C ASP A 424 -43.45 -21.70 -9.09
N MET A 425 -42.14 -21.69 -9.33
CA MET A 425 -41.45 -22.79 -10.02
C MET A 425 -41.51 -24.08 -9.21
N ALA A 426 -41.39 -23.96 -7.90
CA ALA A 426 -41.60 -25.09 -6.98
C ALA A 426 -43.00 -25.67 -7.12
N ALA A 427 -43.99 -24.79 -7.31
CA ALA A 427 -45.36 -25.21 -7.62
C ALA A 427 -45.47 -25.83 -9.01
N LEU A 428 -44.76 -25.28 -9.99
CA LEU A 428 -44.72 -25.81 -11.36
C LEU A 428 -44.16 -27.24 -11.43
N GLU A 429 -43.06 -27.49 -10.70
CA GLU A 429 -42.48 -28.85 -10.60
C GLU A 429 -43.45 -29.87 -9.96
N LYS A 430 -44.27 -29.38 -9.04
CA LYS A 430 -45.29 -30.20 -8.35
C LYS A 430 -46.50 -30.45 -9.27
N ASP A 431 -46.88 -29.44 -10.06
CA ASP A 431 -47.92 -29.58 -11.09
C ASP A 431 -47.55 -30.63 -12.15
N TYR A 432 -46.27 -30.67 -12.54
CA TYR A 432 -45.77 -31.69 -13.46
C TYR A 432 -45.77 -33.11 -12.84
N GLU A 433 -45.43 -33.21 -11.56
CA GLU A 433 -45.27 -34.52 -10.92
C GLU A 433 -46.59 -35.22 -10.62
N GLU A 434 -47.62 -34.46 -10.27
CA GLU A 434 -48.97 -35.02 -10.10
C GLU A 434 -49.47 -35.66 -11.41
N VAL A 435 -49.37 -34.88 -12.50
CA VAL A 435 -49.75 -35.33 -13.84
C VAL A 435 -48.91 -36.57 -14.27
N GLY A 436 -47.60 -36.53 -14.00
CA GLY A 436 -46.66 -37.55 -14.46
C GLY A 436 -46.54 -38.83 -13.64
N VAL A 437 -46.92 -38.77 -12.36
CA VAL A 437 -46.93 -39.95 -11.47
C VAL A 437 -48.24 -39.98 -10.69
N MET B 1 -22.76 1.04 -25.34
CA MET B 1 -21.61 1.21 -24.40
C MET B 1 -20.30 0.77 -25.06
N ARG B 2 -19.50 1.75 -25.48
CA ARG B 2 -18.19 1.51 -26.07
C ARG B 2 -17.02 2.23 -25.36
N GLU B 3 -17.18 3.50 -24.98
CA GLU B 3 -16.04 4.32 -24.51
C GLU B 3 -15.61 4.11 -23.06
N ILE B 4 -14.30 3.97 -22.86
CA ILE B 4 -13.66 3.95 -21.52
C ILE B 4 -12.74 5.15 -21.40
N VAL B 5 -12.83 5.85 -20.26
CA VAL B 5 -11.93 6.98 -19.95
C VAL B 5 -10.89 6.50 -18.95
N HIS B 6 -9.63 6.77 -19.24
CA HIS B 6 -8.50 6.30 -18.46
C HIS B 6 -7.85 7.46 -17.71
N ILE B 7 -7.47 7.20 -16.46
CA ILE B 7 -6.78 8.17 -15.61
C ILE B 7 -5.55 7.45 -15.02
N GLN B 8 -4.44 8.17 -14.88
CA GLN B 8 -3.24 7.59 -14.28
C GLN B 8 -2.63 8.57 -13.28
N ALA B 9 -2.47 8.10 -12.04
CA ALA B 9 -2.24 8.97 -10.88
C ALA B 9 -0.89 8.72 -10.22
N GLY B 10 -0.07 9.76 -10.15
CA GLY B 10 1.21 9.68 -9.45
C GLY B 10 2.30 9.03 -10.30
N GLN B 11 3.43 8.79 -9.66
CA GLN B 11 4.60 8.18 -10.31
C GLN B 11 4.28 6.81 -10.89
N CYS B 12 4.00 5.82 -10.03
CA CYS B 12 3.68 4.47 -10.48
C CYS B 12 2.51 4.45 -11.46
N GLY B 13 1.44 5.16 -11.11
CA GLY B 13 0.28 5.27 -11.99
C GLY B 13 0.64 5.70 -13.39
N ASN B 14 1.36 6.82 -13.50
CA ASN B 14 1.78 7.33 -14.82
C ASN B 14 2.82 6.47 -15.52
N GLN B 15 3.64 5.77 -14.74
CA GLN B 15 4.72 4.93 -15.28
C GLN B 15 4.14 3.66 -15.94
N ILE B 16 3.27 2.94 -15.22
CA ILE B 16 2.65 1.72 -15.78
C ILE B 16 1.64 2.08 -16.86
N GLY B 17 0.95 3.20 -16.67
CA GLY B 17 -0.01 3.74 -17.64
C GLY B 17 0.65 4.02 -18.98
N ALA B 18 1.77 4.72 -18.95
CA ALA B 18 2.57 4.96 -20.17
C ALA B 18 2.81 3.66 -20.93
N LYS B 19 3.24 2.62 -20.22
CA LYS B 19 3.54 1.32 -20.83
C LYS B 19 2.29 0.63 -21.36
N PHE B 20 1.18 0.74 -20.63
CA PHE B 20 -0.10 0.25 -21.13
C PHE B 20 -0.42 0.87 -22.49
N TRP B 21 -0.28 2.18 -22.60
CA TRP B 21 -0.51 2.87 -23.88
C TRP B 21 0.51 2.52 -24.97
N GLU B 22 1.78 2.35 -24.60
CA GLU B 22 2.80 1.90 -25.54
C GLU B 22 2.44 0.52 -26.11
N VAL B 23 2.09 -0.41 -25.22
CA VAL B 23 1.75 -1.78 -25.60
C VAL B 23 0.54 -1.83 -26.53
N ILE B 24 -0.58 -1.22 -26.11
CA ILE B 24 -1.83 -1.34 -26.88
C ILE B 24 -1.83 -0.52 -28.16
N SER B 25 -1.12 0.61 -28.19
CA SER B 25 -0.96 1.40 -29.42
C SER B 25 -0.22 0.61 -30.48
N ASP B 26 0.77 -0.17 -30.05
CA ASP B 26 1.49 -1.09 -30.94
C ASP B 26 0.57 -2.18 -31.51
N GLU B 27 -0.28 -2.76 -30.66
CA GLU B 27 -1.24 -3.78 -31.09
C GLU B 27 -2.32 -3.25 -32.03
N HIS B 28 -2.63 -1.95 -31.91
CA HIS B 28 -3.56 -1.26 -32.80
C HIS B 28 -2.90 -0.53 -33.99
N GLY B 29 -1.58 -0.71 -34.16
CA GLY B 29 -0.83 -0.07 -35.24
C GLY B 29 -0.77 1.45 -35.22
N ILE B 30 -0.84 2.04 -34.03
CA ILE B 30 -0.82 3.50 -33.84
C ILE B 30 0.59 3.91 -33.44
N ASP B 31 1.24 4.68 -34.31
CA ASP B 31 2.65 5.09 -34.13
C ASP B 31 2.79 6.22 -33.07
N PRO B 32 4.03 6.56 -32.65
CA PRO B 32 4.26 7.52 -31.56
C PRO B 32 3.60 8.91 -31.68
N THR B 33 3.38 9.40 -32.91
CA THR B 33 2.71 10.69 -33.14
C THR B 33 1.17 10.60 -33.20
N GLY B 34 0.63 9.39 -33.36
CA GLY B 34 -0.82 9.16 -33.32
C GLY B 34 -1.48 8.70 -34.60
N SER B 35 -0.70 8.51 -35.68
CA SER B 35 -1.24 8.03 -36.95
C SER B 35 -1.27 6.51 -37.01
N TYR B 36 -2.25 5.98 -37.73
CA TYR B 36 -2.42 4.55 -37.93
C TYR B 36 -1.57 4.08 -39.11
N HIS B 37 -0.75 3.05 -38.87
CA HIS B 37 0.14 2.46 -39.91
C HIS B 37 0.15 0.93 -39.80
N GLY B 38 -1.06 0.35 -39.76
CA GLY B 38 -1.25 -1.08 -39.52
C GLY B 38 -1.45 -1.87 -40.80
N ASP B 39 -2.55 -2.63 -40.85
CA ASP B 39 -2.85 -3.56 -41.95
C ASP B 39 -4.28 -4.14 -41.89
N SER B 40 -4.65 -4.67 -40.73
CA SER B 40 -5.97 -5.26 -40.52
C SER B 40 -7.04 -4.18 -40.32
N ASP B 41 -8.29 -4.52 -40.61
CA ASP B 41 -9.45 -3.71 -40.18
C ASP B 41 -9.81 -4.02 -38.72
N LEU B 42 -9.34 -5.15 -38.19
CA LEU B 42 -9.62 -5.58 -36.80
C LEU B 42 -8.90 -4.72 -35.75
N GLN B 43 -7.81 -4.09 -36.15
CA GLN B 43 -7.09 -3.12 -35.31
C GLN B 43 -7.90 -1.84 -35.07
N LEU B 44 -8.72 -1.45 -36.04
CA LEU B 44 -9.51 -0.21 -35.95
C LEU B 44 -10.99 -0.39 -35.56
N GLU B 45 -11.50 -1.63 -35.53
CA GLU B 45 -12.96 -1.85 -35.41
C GLU B 45 -13.51 -1.52 -34.03
N ARG B 46 -12.70 -1.72 -32.98
CA ARG B 46 -13.04 -1.25 -31.62
C ARG B 46 -11.95 -0.33 -31.05
N ILE B 47 -11.39 0.53 -31.90
CA ILE B 47 -10.40 1.54 -31.51
C ILE B 47 -11.06 2.66 -30.71
N ASN B 48 -12.36 2.87 -30.94
CA ASN B 48 -13.13 3.87 -30.19
C ASN B 48 -13.31 3.60 -28.69
N VAL B 49 -12.88 2.44 -28.19
CA VAL B 49 -12.93 2.13 -26.75
C VAL B 49 -11.90 2.93 -25.96
N TYR B 50 -10.70 3.09 -26.53
CA TYR B 50 -9.59 3.78 -25.86
C TYR B 50 -9.03 5.00 -26.60
N TYR B 51 -9.60 5.36 -27.75
CA TYR B 51 -9.05 6.44 -28.58
C TYR B 51 -10.13 7.35 -29.18
N ASN B 52 -9.85 8.64 -29.22
CA ASN B 52 -10.62 9.61 -30.01
C ASN B 52 -9.97 9.77 -31.37
N GLU B 53 -10.79 9.97 -32.40
CA GLU B 53 -10.30 10.26 -33.75
C GLU B 53 -10.23 11.78 -33.92
N ALA B 54 -9.08 12.27 -34.37
CA ALA B 54 -8.80 13.70 -34.45
C ALA B 54 -8.80 14.22 -35.90
N THR B 55 -8.55 15.53 -36.05
CA THR B 55 -8.37 16.15 -37.37
C THR B 55 -7.13 15.56 -38.06
N GLY B 56 -7.25 15.30 -39.36
CA GLY B 56 -6.22 14.61 -40.13
C GLY B 56 -6.08 13.13 -39.80
N ASN B 57 -7.19 12.51 -39.38
CA ASN B 57 -7.23 11.09 -38.95
C ASN B 57 -6.06 10.65 -38.03
N LYS B 58 -5.82 11.44 -37.00
CA LYS B 58 -4.94 11.06 -35.89
C LYS B 58 -5.79 10.39 -34.81
N TYR B 59 -5.21 9.41 -34.12
CA TYR B 59 -5.86 8.73 -33.00
C TYR B 59 -5.19 9.15 -31.69
N VAL B 60 -5.92 9.88 -30.85
CA VAL B 60 -5.42 10.35 -29.55
C VAL B 60 -6.09 9.52 -28.43
N PRO B 61 -5.28 8.97 -27.49
CA PRO B 61 -5.80 8.26 -26.32
C PRO B 61 -6.79 9.06 -25.49
N ARG B 62 -7.75 8.36 -24.89
CA ARG B 62 -8.74 8.96 -24.00
C ARG B 62 -8.21 8.89 -22.57
N ALA B 63 -7.07 9.56 -22.37
CA ALA B 63 -6.19 9.35 -21.22
C ALA B 63 -5.86 10.68 -20.53
N ILE B 64 -5.99 10.68 -19.21
CA ILE B 64 -5.76 11.86 -18.39
C ILE B 64 -4.60 11.55 -17.46
N LEU B 65 -3.61 12.43 -17.43
CA LEU B 65 -2.38 12.22 -16.67
C LEU B 65 -2.37 13.14 -15.47
N VAL B 66 -2.29 12.56 -14.28
CA VAL B 66 -2.44 13.29 -13.01
C VAL B 66 -1.24 13.05 -12.10
N ASP B 67 -0.68 14.13 -11.55
CA ASP B 67 0.37 14.02 -10.53
C ASP B 67 0.48 15.35 -9.77
N LEU B 68 0.96 15.30 -8.52
CA LEU B 68 1.15 16.49 -7.70
C LEU B 68 2.56 17.09 -7.80
N GLU B 69 3.42 16.49 -8.62
CA GLU B 69 4.71 17.09 -8.97
C GLU B 69 5.01 16.85 -10.45
N PRO B 70 5.79 17.75 -11.09
CA PRO B 70 5.98 17.67 -12.54
C PRO B 70 7.00 16.64 -13.01
N GLY B 71 7.77 16.04 -12.10
CA GLY B 71 8.79 15.06 -12.45
C GLY B 71 8.33 14.03 -13.46
N THR B 72 7.41 13.14 -13.05
CA THR B 72 7.05 11.96 -13.84
C THR B 72 6.37 12.33 -15.15
N MET B 73 5.38 13.21 -15.09
CA MET B 73 4.69 13.64 -16.30
C MET B 73 5.60 14.34 -17.33
N ASP B 74 6.68 14.97 -16.87
CA ASP B 74 7.73 15.47 -17.78
C ASP B 74 8.44 14.33 -18.50
N SER B 75 8.77 13.25 -17.78
CA SER B 75 9.41 12.07 -18.38
C SER B 75 8.53 11.38 -19.40
N VAL B 76 7.22 11.34 -19.15
CA VAL B 76 6.24 10.74 -20.06
C VAL B 76 6.22 11.50 -21.39
N ARG B 77 6.30 12.83 -21.30
CA ARG B 77 6.32 13.71 -22.48
C ARG B 77 7.59 13.53 -23.30
N SER B 78 8.73 13.41 -22.60
CA SER B 78 10.04 13.13 -23.22
C SER B 78 10.14 11.69 -23.75
N GLY B 79 9.48 10.75 -23.06
CA GLY B 79 9.49 9.32 -23.41
C GLY B 79 8.93 8.98 -24.78
N PRO B 80 9.05 7.71 -25.19
CA PRO B 80 8.87 7.26 -26.58
C PRO B 80 7.49 7.55 -27.20
N PHE B 81 6.42 7.38 -26.43
CA PHE B 81 5.04 7.60 -26.90
C PHE B 81 4.40 8.87 -26.28
N GLY B 82 5.23 9.84 -25.87
CA GLY B 82 4.73 11.04 -25.21
C GLY B 82 3.94 12.01 -26.06
N GLN B 83 4.22 12.01 -27.36
CA GLN B 83 3.66 13.02 -28.28
C GLN B 83 2.23 12.68 -28.71
N ILE B 84 1.70 11.55 -28.25
CA ILE B 84 0.34 11.10 -28.60
C ILE B 84 -0.75 11.59 -27.65
N PHE B 85 -0.41 11.80 -26.38
CA PHE B 85 -1.38 12.21 -25.35
C PHE B 85 -1.76 13.67 -25.57
N ARG B 86 -3.06 13.96 -25.40
CA ARG B 86 -3.59 15.33 -25.54
C ARG B 86 -2.92 16.21 -24.49
N PRO B 87 -2.27 17.32 -24.89
CA PRO B 87 -1.51 18.09 -23.90
C PRO B 87 -2.40 18.73 -22.81
N ASP B 88 -3.63 19.07 -23.14
CA ASP B 88 -4.61 19.57 -22.16
C ASP B 88 -4.85 18.60 -21.00
N ASN B 89 -4.73 17.29 -21.29
CA ASN B 89 -4.95 16.24 -20.29
C ASN B 89 -3.78 15.98 -19.32
N PHE B 90 -2.69 16.73 -19.45
CA PHE B 90 -1.63 16.72 -18.46
C PHE B 90 -2.02 17.73 -17.38
N VAL B 91 -2.50 17.21 -16.24
CA VAL B 91 -2.91 18.04 -15.10
C VAL B 91 -1.97 17.78 -13.92
N PHE B 92 -1.13 18.76 -13.59
CA PHE B 92 -0.10 18.61 -12.55
C PHE B 92 0.01 19.80 -11.58
N GLY B 93 0.17 19.48 -10.30
CA GLY B 93 0.59 20.44 -9.28
C GLY B 93 2.10 20.45 -9.20
N GLN B 94 2.64 21.27 -8.30
CA GLN B 94 4.09 21.51 -8.18
C GLN B 94 4.74 21.03 -6.88
N SER B 95 3.98 21.06 -5.77
CA SER B 95 4.58 20.87 -4.44
C SER B 95 4.81 19.41 -4.02
N GLY B 96 4.22 18.45 -4.73
CA GLY B 96 4.40 17.04 -4.42
C GLY B 96 3.51 16.57 -3.27
N ALA B 97 3.52 15.26 -3.02
CA ALA B 97 2.68 14.61 -2.01
C ALA B 97 3.46 13.86 -0.90
N GLY B 98 4.80 13.87 -0.97
CA GLY B 98 5.66 13.28 0.06
C GLY B 98 5.36 11.87 0.54
N ASN B 99 4.91 11.00 -0.35
CA ASN B 99 4.45 9.65 0.02
C ASN B 99 3.45 9.69 1.17
N ASN B 100 2.58 10.70 1.17
CA ASN B 100 1.64 10.98 2.26
C ASN B 100 0.22 10.91 1.71
N TRP B 101 -0.57 9.96 2.20
CA TRP B 101 -1.97 9.85 1.82
C TRP B 101 -2.69 11.18 2.07
N ALA B 102 -2.48 11.73 3.26
CA ALA B 102 -3.19 12.93 3.71
C ALA B 102 -2.99 14.08 2.75
N LYS B 103 -1.76 14.28 2.32
CA LYS B 103 -1.47 15.32 1.32
C LYS B 103 -2.24 15.08 0.01
N GLY B 104 -2.23 13.84 -0.47
CA GLY B 104 -2.93 13.48 -1.70
C GLY B 104 -4.44 13.55 -1.62
N HIS B 105 -5.00 13.13 -0.49
CA HIS B 105 -6.45 13.04 -0.33
C HIS B 105 -7.08 14.34 0.18
N TYR B 106 -6.42 14.98 1.15
CA TYR B 106 -7.04 16.06 1.94
C TYR B 106 -6.56 17.48 1.72
N THR B 107 -5.30 17.68 1.35
CA THR B 107 -4.73 19.03 1.30
C THR B 107 -4.18 19.37 -0.09
N GLU B 108 -2.99 18.87 -0.43
CA GLU B 108 -2.35 19.22 -1.72
C GLU B 108 -3.21 18.80 -2.91
N GLY B 109 -3.74 17.58 -2.83
CA GLY B 109 -4.56 17.01 -3.90
C GLY B 109 -5.92 17.64 -4.02
N ALA B 110 -6.52 17.98 -2.87
CA ALA B 110 -7.79 18.73 -2.85
C ALA B 110 -7.73 20.01 -3.70
N GLU B 111 -6.58 20.69 -3.68
CA GLU B 111 -6.38 21.91 -4.48
C GLU B 111 -6.43 21.68 -5.99
N LEU B 112 -6.01 20.50 -6.44
CA LEU B 112 -5.89 20.17 -7.87
C LEU B 112 -7.05 19.33 -8.42
N VAL B 113 -7.85 18.72 -7.54
CA VAL B 113 -8.83 17.71 -7.97
C VAL B 113 -9.91 18.24 -8.92
N ASP B 114 -10.38 19.47 -8.70
CA ASP B 114 -11.40 20.08 -9.57
C ASP B 114 -10.90 20.28 -11.00
N SER B 115 -9.64 20.71 -11.15
CA SER B 115 -9.03 20.90 -12.47
C SER B 115 -8.84 19.58 -13.23
N VAL B 116 -8.67 18.48 -12.50
CA VAL B 116 -8.59 17.14 -13.10
C VAL B 116 -9.96 16.74 -13.65
N LEU B 117 -11.00 16.92 -12.84
CA LEU B 117 -12.38 16.53 -13.21
C LEU B 117 -12.96 17.31 -14.39
N ASP B 118 -12.46 18.53 -14.61
CA ASP B 118 -12.84 19.31 -15.79
C ASP B 118 -12.42 18.61 -17.07
N VAL B 119 -11.19 18.10 -17.10
CA VAL B 119 -10.67 17.32 -18.22
C VAL B 119 -11.39 15.98 -18.35
N VAL B 120 -11.70 15.34 -17.22
CA VAL B 120 -12.50 14.09 -17.20
C VAL B 120 -13.83 14.35 -17.90
N ARG B 121 -14.49 15.44 -17.51
CA ARG B 121 -15.75 15.88 -18.12
C ARG B 121 -15.58 16.20 -19.60
N LYS B 122 -14.49 16.88 -19.94
CA LYS B 122 -14.16 17.21 -21.33
C LYS B 122 -14.06 15.94 -22.19
N GLU B 123 -13.42 14.89 -21.66
CA GLU B 123 -13.30 13.62 -22.38
C GLU B 123 -14.60 12.80 -22.35
N SER B 124 -15.37 12.91 -21.27
CA SER B 124 -16.67 12.24 -21.16
C SER B 124 -17.74 12.84 -22.08
N GLU B 125 -17.85 14.17 -22.10
CA GLU B 125 -18.86 14.87 -22.93
C GLU B 125 -18.86 14.40 -24.38
N SER B 126 -17.67 14.21 -24.96
CA SER B 126 -17.52 13.66 -26.30
C SER B 126 -17.32 12.14 -26.32
N CYS B 127 -18.09 11.43 -25.48
CA CYS B 127 -18.24 9.97 -25.55
C CYS B 127 -19.67 9.65 -25.95
N ASP B 128 -19.82 8.98 -27.09
CA ASP B 128 -21.11 8.50 -27.60
C ASP B 128 -21.94 7.78 -26.52
N CYS B 129 -21.29 6.89 -25.78
CA CYS B 129 -21.92 6.22 -24.64
C CYS B 129 -20.87 5.71 -23.66
N LEU B 130 -20.52 6.56 -22.72
CA LEU B 130 -19.48 6.26 -21.73
C LEU B 130 -19.88 5.03 -20.92
N GLN B 131 -19.07 3.96 -20.95
CA GLN B 131 -19.34 2.73 -20.16
C GLN B 131 -18.69 2.75 -18.78
N GLY B 132 -17.50 3.31 -18.66
CA GLY B 132 -16.83 3.41 -17.36
C GLY B 132 -15.47 4.09 -17.35
N PHE B 133 -14.77 3.94 -16.22
CA PHE B 133 -13.44 4.53 -15.97
C PHE B 133 -12.45 3.47 -15.48
N GLN B 134 -11.18 3.61 -15.88
CA GLN B 134 -10.10 2.82 -15.29
C GLN B 134 -8.94 3.70 -14.80
N LEU B 135 -8.45 3.38 -13.60
CA LEU B 135 -7.36 4.12 -12.95
C LEU B 135 -6.17 3.23 -12.73
N THR B 136 -5.00 3.66 -13.21
CA THR B 136 -3.72 3.08 -12.84
C THR B 136 -3.14 3.94 -11.71
N HIS B 137 -2.71 3.29 -10.65
CA HIS B 137 -2.13 3.97 -9.49
C HIS B 137 -1.46 2.98 -8.55
N SER B 138 -0.78 3.51 -7.53
CA SER B 138 -0.24 2.70 -6.44
C SER B 138 -0.91 3.13 -5.15
N LEU B 139 -1.00 2.20 -4.20
CA LEU B 139 -1.57 2.47 -2.88
C LEU B 139 -0.48 2.78 -1.85
N GLY B 140 0.79 2.68 -2.24
CA GLY B 140 1.90 2.90 -1.32
C GLY B 140 2.34 4.35 -1.10
N GLY B 141 2.19 5.18 -2.12
CA GLY B 141 2.62 6.58 -2.08
C GLY B 141 1.56 7.58 -1.61
N GLY B 142 1.64 8.79 -2.15
CA GLY B 142 0.82 9.92 -1.74
C GLY B 142 -0.19 10.29 -2.79
N THR B 143 0.30 10.65 -3.98
CA THR B 143 -0.58 11.11 -5.05
C THR B 143 -1.50 10.01 -5.56
N GLY B 144 -0.93 8.95 -6.10
CA GLY B 144 -1.71 7.83 -6.64
C GLY B 144 -2.64 7.20 -5.62
N SER B 145 -2.14 7.05 -4.39
CA SER B 145 -2.93 6.48 -3.30
C SER B 145 -4.00 7.43 -2.80
N GLY B 146 -3.58 8.60 -2.34
CA GLY B 146 -4.48 9.59 -1.74
C GLY B 146 -5.34 10.30 -2.77
N MET B 147 -4.70 10.96 -3.72
CA MET B 147 -5.46 11.69 -4.73
C MET B 147 -6.22 10.74 -5.64
N GLY B 148 -5.63 9.60 -5.99
CA GLY B 148 -6.31 8.58 -6.78
C GLY B 148 -7.63 8.21 -6.16
N THR B 149 -7.63 7.81 -4.89
CA THR B 149 -8.88 7.48 -4.18
C THR B 149 -9.84 8.66 -4.00
N LEU B 150 -9.33 9.89 -3.99
CA LEU B 150 -10.20 11.09 -3.93
C LEU B 150 -10.94 11.28 -5.25
N LEU B 151 -10.20 11.25 -6.35
CA LEU B 151 -10.76 11.29 -7.72
C LEU B 151 -11.82 10.21 -7.96
N ILE B 152 -11.58 9.02 -7.43
CA ILE B 152 -12.56 7.93 -7.50
C ILE B 152 -13.87 8.31 -6.81
N SER B 153 -13.78 8.97 -5.66
CA SER B 153 -14.96 9.44 -4.95
C SER B 153 -15.66 10.60 -5.69
N LYS B 154 -14.89 11.49 -6.30
CA LYS B 154 -15.44 12.61 -7.07
C LYS B 154 -16.13 12.10 -8.32
N ILE B 155 -15.46 11.20 -9.03
CA ILE B 155 -16.01 10.58 -10.25
C ILE B 155 -17.30 9.82 -9.97
N ARG B 156 -17.37 9.13 -8.84
CA ARG B 156 -18.59 8.45 -8.44
C ARG B 156 -19.74 9.43 -8.17
N GLU B 157 -19.45 10.53 -7.46
CA GLU B 157 -20.45 11.58 -7.21
C GLU B 157 -21.08 12.08 -8.52
N GLU B 158 -20.24 12.39 -9.50
CA GLU B 158 -20.66 12.97 -10.78
C GLU B 158 -21.21 11.95 -11.80
N TYR B 159 -20.67 10.73 -11.79
CA TYR B 159 -21.09 9.64 -12.68
C TYR B 159 -21.37 8.39 -11.81
N PRO B 160 -22.46 8.42 -11.02
CA PRO B 160 -22.70 7.33 -10.06
C PRO B 160 -23.11 5.98 -10.63
N ASP B 161 -23.54 5.97 -11.91
CA ASP B 161 -24.02 4.75 -12.58
C ASP B 161 -23.03 4.11 -13.59
N ARG B 162 -21.85 4.72 -13.77
CA ARG B 162 -20.78 4.15 -14.61
C ARG B 162 -19.89 3.19 -13.80
N ILE B 163 -19.14 2.36 -14.53
CA ILE B 163 -18.25 1.38 -13.93
C ILE B 163 -16.91 2.04 -13.56
N MET B 164 -16.36 1.66 -12.41
CA MET B 164 -15.07 2.16 -11.94
C MET B 164 -14.13 0.97 -11.70
N ASN B 165 -13.19 0.79 -12.63
CA ASN B 165 -12.09 -0.18 -12.50
C ASN B 165 -10.85 0.48 -11.95
N THR B 166 -10.00 -0.29 -11.26
CA THR B 166 -8.64 0.15 -10.90
C THR B 166 -7.62 -0.93 -11.15
N PHE B 167 -6.42 -0.50 -11.56
CA PHE B 167 -5.24 -1.33 -11.60
C PHE B 167 -4.33 -0.79 -10.50
N SER B 168 -4.34 -1.45 -9.35
CA SER B 168 -3.79 -0.89 -8.11
C SER B 168 -2.54 -1.65 -7.63
N VAL B 169 -1.38 -1.02 -7.80
CA VAL B 169 -0.10 -1.63 -7.40
C VAL B 169 0.03 -1.62 -5.86
N VAL B 170 -0.29 -2.76 -5.26
CA VAL B 170 -0.22 -2.95 -3.80
C VAL B 170 1.26 -3.04 -3.35
N PRO B 171 1.63 -2.38 -2.22
CA PRO B 171 3.05 -2.29 -1.85
C PRO B 171 3.62 -3.51 -1.10
N SER B 172 4.94 -3.50 -0.91
CA SER B 172 5.68 -4.58 -0.28
C SER B 172 7.08 -4.12 0.17
N PRO B 173 7.53 -4.52 1.38
CA PRO B 173 8.91 -4.28 1.84
C PRO B 173 10.03 -4.69 0.87
N LYS B 174 9.83 -5.77 0.11
CA LYS B 174 10.81 -6.22 -0.91
C LYS B 174 11.06 -5.16 -2.00
N VAL B 175 10.05 -4.35 -2.31
CA VAL B 175 10.17 -3.25 -3.27
C VAL B 175 9.49 -2.02 -2.64
N SER B 176 10.22 -1.38 -1.72
CA SER B 176 9.69 -0.32 -0.85
C SER B 176 10.39 1.02 -1.05
N ASP B 177 9.60 2.08 -1.15
CA ASP B 177 10.10 3.46 -1.13
C ASP B 177 10.23 4.03 0.29
N THR B 178 9.25 3.74 1.14
CA THR B 178 9.12 4.40 2.46
C THR B 178 8.40 3.49 3.44
N VAL B 179 8.73 3.64 4.73
CA VAL B 179 8.11 2.81 5.78
C VAL B 179 6.62 3.02 5.96
N VAL B 180 6.11 4.17 5.51
CA VAL B 180 4.70 4.53 5.69
C VAL B 180 3.72 3.89 4.70
N GLU B 181 4.21 3.12 3.72
CA GLU B 181 3.35 2.48 2.72
C GLU B 181 2.14 1.71 3.28
N PRO B 182 2.34 0.89 4.32
CA PRO B 182 1.18 0.17 4.86
C PRO B 182 0.08 1.09 5.37
N TYR B 183 0.44 2.23 5.95
CA TYR B 183 -0.56 3.24 6.30
C TYR B 183 -1.33 3.68 5.06
N ASN B 184 -0.60 4.12 4.02
CA ASN B 184 -1.20 4.60 2.77
C ASN B 184 -2.07 3.54 2.10
N ALA B 185 -1.56 2.30 2.04
CA ALA B 185 -2.30 1.21 1.43
C ALA B 185 -3.60 0.94 2.16
N THR B 186 -3.55 0.91 3.50
CA THR B 186 -4.71 0.58 4.31
C THR B 186 -5.82 1.63 4.25
N LEU B 187 -5.43 2.91 4.18
CA LEU B 187 -6.37 4.01 4.00
C LEU B 187 -7.00 3.97 2.61
N SER B 188 -6.21 3.57 1.61
CA SER B 188 -6.71 3.44 0.25
C SER B 188 -7.65 2.24 0.07
N VAL B 189 -7.35 1.12 0.72
CA VAL B 189 -8.14 -0.11 0.54
C VAL B 189 -9.59 0.10 0.95
N HIS B 190 -9.77 0.75 2.10
CA HIS B 190 -11.09 1.17 2.62
C HIS B 190 -11.87 2.02 1.60
N GLN B 191 -11.19 2.92 0.92
CA GLN B 191 -11.79 3.68 -0.17
C GLN B 191 -12.23 2.77 -1.33
N LEU B 192 -11.33 1.88 -1.77
CA LEU B 192 -11.58 1.02 -2.93
C LEU B 192 -12.75 0.06 -2.71
N VAL B 193 -12.86 -0.48 -1.48
CA VAL B 193 -13.99 -1.33 -1.08
C VAL B 193 -15.37 -0.67 -1.31
N GLU B 194 -15.47 0.62 -0.99
CA GLU B 194 -16.69 1.39 -1.23
C GLU B 194 -16.86 1.75 -2.70
N ASN B 195 -15.85 2.38 -3.31
CA ASN B 195 -16.02 3.14 -4.56
C ASN B 195 -15.49 2.54 -5.89
N THR B 196 -15.17 1.24 -5.93
CA THR B 196 -14.82 0.56 -7.20
C THR B 196 -15.64 -0.71 -7.42
N ASP B 197 -15.92 -1.02 -8.69
CA ASP B 197 -16.65 -2.25 -9.06
C ASP B 197 -15.70 -3.42 -9.31
N GLU B 198 -14.49 -3.11 -9.77
CA GLU B 198 -13.41 -4.09 -9.93
C GLU B 198 -12.07 -3.44 -9.58
N THR B 199 -11.22 -4.15 -8.83
CA THR B 199 -9.86 -3.69 -8.51
C THR B 199 -8.86 -4.82 -8.77
N TYR B 200 -8.01 -4.63 -9.77
CA TYR B 200 -6.96 -5.60 -10.11
C TYR B 200 -5.76 -5.40 -9.16
N CYS B 201 -5.58 -6.34 -8.24
CA CYS B 201 -4.49 -6.28 -7.27
C CYS B 201 -3.17 -6.71 -7.90
N ILE B 202 -2.39 -5.73 -8.34
CA ILE B 202 -1.00 -5.96 -8.74
C ILE B 202 -0.16 -5.82 -7.48
N ASP B 203 0.50 -6.90 -7.04
CA ASP B 203 1.36 -6.87 -5.86
C ASP B 203 2.80 -6.81 -6.29
N ASN B 204 3.53 -5.80 -5.82
CA ASN B 204 4.97 -5.67 -6.12
C ASN B 204 5.82 -6.83 -5.60
N GLU B 205 5.41 -7.43 -4.48
CA GLU B 205 6.07 -8.66 -3.99
C GLU B 205 6.10 -9.71 -5.10
N ALA B 206 4.92 -9.98 -5.67
CA ALA B 206 4.74 -10.95 -6.75
C ALA B 206 5.56 -10.64 -8.00
N LEU B 207 5.48 -9.39 -8.47
CA LEU B 207 6.22 -8.95 -9.66
C LEU B 207 7.74 -9.08 -9.50
N TYR B 208 8.22 -8.84 -8.28
CA TYR B 208 9.65 -9.01 -7.97
C TYR B 208 10.00 -10.48 -8.09
N ASP B 209 9.29 -11.32 -7.34
CA ASP B 209 9.55 -12.76 -7.32
C ASP B 209 9.48 -13.37 -8.73
N ILE B 210 8.52 -12.92 -9.53
CA ILE B 210 8.44 -13.33 -10.93
C ILE B 210 9.64 -12.82 -11.73
N CYS B 211 10.04 -11.57 -11.53
CA CYS B 211 11.26 -11.06 -12.17
C CYS B 211 12.52 -11.76 -11.70
N PHE B 212 12.58 -12.10 -10.41
CA PHE B 212 13.79 -12.66 -9.82
C PHE B 212 13.91 -14.14 -10.11
N ARG B 213 12.92 -14.91 -9.63
CA ARG B 213 12.98 -16.38 -9.65
C ARG B 213 12.73 -16.96 -11.04
N THR B 214 11.60 -16.58 -11.63
CA THR B 214 11.08 -17.19 -12.86
C THR B 214 11.45 -16.40 -14.13
N LEU B 215 12.27 -15.34 -14.01
CA LEU B 215 12.85 -14.68 -15.21
C LEU B 215 14.38 -14.53 -15.17
N LYS B 216 15.00 -14.94 -14.06
CA LYS B 216 16.46 -14.89 -13.87
C LYS B 216 17.07 -13.49 -14.00
N LEU B 217 16.33 -12.47 -13.55
CA LEU B 217 16.84 -11.12 -13.44
C LEU B 217 17.31 -10.94 -12.01
N THR B 218 18.64 -10.81 -11.81
CA THR B 218 19.23 -10.75 -10.47
C THR B 218 18.85 -9.46 -9.74
N THR B 219 18.99 -8.32 -10.42
CA THR B 219 18.66 -6.99 -9.88
C THR B 219 17.58 -6.33 -10.76
N PRO B 220 16.29 -6.53 -10.43
CA PRO B 220 15.22 -6.02 -11.28
C PRO B 220 14.88 -4.55 -11.03
N THR B 221 14.76 -3.76 -12.10
CA THR B 221 14.28 -2.38 -12.01
C THR B 221 12.76 -2.34 -11.85
N TYR B 222 12.22 -1.13 -11.68
CA TYR B 222 10.78 -0.91 -11.84
C TYR B 222 10.35 -1.17 -13.29
N GLY B 223 11.24 -0.90 -14.25
CA GLY B 223 11.00 -1.21 -15.66
C GLY B 223 10.63 -2.68 -15.90
N ASP B 224 11.36 -3.57 -15.24
CA ASP B 224 11.10 -5.01 -15.35
C ASP B 224 9.78 -5.40 -14.68
N LEU B 225 9.44 -4.73 -13.58
CA LEU B 225 8.14 -4.92 -12.93
C LEU B 225 6.98 -4.41 -13.81
N ASN B 226 7.21 -3.30 -14.50
CA ASN B 226 6.16 -2.69 -15.35
C ASN B 226 5.94 -3.38 -16.69
N HIS B 227 6.93 -4.13 -17.18
CA HIS B 227 6.72 -4.98 -18.36
C HIS B 227 5.64 -6.00 -18.04
N LEU B 228 5.77 -6.67 -16.91
CA LEU B 228 4.78 -7.65 -16.46
C LEU B 228 3.39 -7.03 -16.30
N VAL B 229 3.31 -5.81 -15.80
CA VAL B 229 2.03 -5.13 -15.58
C VAL B 229 1.37 -4.74 -16.91
N SER B 230 2.13 -4.14 -17.82
CA SER B 230 1.58 -3.68 -19.10
C SER B 230 1.20 -4.83 -20.04
N ALA B 231 1.84 -6.00 -19.87
CA ALA B 231 1.41 -7.22 -20.54
C ALA B 231 0.06 -7.71 -19.98
N THR B 232 -0.01 -7.86 -18.66
CA THR B 232 -1.24 -8.20 -17.94
C THR B 232 -2.40 -7.24 -18.28
N MET B 233 -2.08 -5.94 -18.28
CA MET B 233 -3.08 -4.91 -18.60
C MET B 233 -3.58 -5.02 -20.04
N SER B 234 -2.70 -5.38 -20.98
CA SER B 234 -3.13 -5.66 -22.36
C SER B 234 -4.02 -6.89 -22.42
N GLY B 235 -3.69 -7.89 -21.61
CA GLY B 235 -4.38 -9.16 -21.57
C GLY B 235 -5.83 -9.10 -21.14
N VAL B 236 -6.10 -8.43 -20.02
CA VAL B 236 -7.47 -8.32 -19.49
C VAL B 236 -8.35 -7.46 -20.39
N THR B 237 -7.75 -6.46 -21.04
CA THR B 237 -8.46 -5.56 -21.94
C THR B 237 -8.51 -6.01 -23.42
N THR B 238 -8.10 -7.24 -23.72
CA THR B 238 -8.07 -7.72 -25.11
C THR B 238 -9.48 -7.78 -25.72
N CYS B 239 -10.40 -8.42 -25.02
CA CYS B 239 -11.78 -8.63 -25.50
C CYS B 239 -12.60 -7.36 -25.66
N LEU B 240 -12.22 -6.27 -24.98
CA LEU B 240 -12.80 -4.95 -25.23
C LEU B 240 -12.23 -4.32 -26.51
N ARG B 241 -10.94 -4.53 -26.73
CA ARG B 241 -10.19 -3.86 -27.80
C ARG B 241 -10.30 -4.52 -29.16
N PHE B 242 -10.60 -5.82 -29.19
CA PHE B 242 -10.74 -6.58 -30.44
C PHE B 242 -12.12 -7.24 -30.59
N PRO B 243 -12.52 -7.55 -31.85
CA PRO B 243 -13.68 -8.44 -32.08
C PRO B 243 -13.46 -9.86 -31.51
N GLY B 244 -14.53 -10.61 -31.25
CA GLY B 244 -15.91 -10.28 -31.63
C GLY B 244 -16.70 -11.56 -31.78
N GLN B 245 -18.03 -11.45 -31.75
CA GLN B 245 -18.95 -12.60 -31.62
C GLN B 245 -18.53 -13.40 -30.38
N LEU B 246 -19.27 -13.17 -29.28
CA LEU B 246 -18.81 -13.37 -27.89
C LEU B 246 -18.13 -12.07 -27.39
N ASN B 247 -18.50 -10.92 -27.96
CA ASN B 247 -17.89 -9.62 -27.61
C ASN B 247 -18.36 -9.13 -26.25
N ALA B 248 -17.66 -8.15 -25.70
CA ALA B 248 -17.68 -7.87 -24.27
C ALA B 248 -17.89 -6.41 -23.92
N ASP B 249 -18.35 -6.17 -22.69
CA ASP B 249 -18.32 -4.84 -22.04
C ASP B 249 -17.90 -4.95 -20.57
N LEU B 250 -17.65 -3.81 -19.94
CA LEU B 250 -17.22 -3.77 -18.54
C LEU B 250 -18.29 -4.24 -17.56
N ARG B 251 -19.53 -3.81 -17.78
CA ARG B 251 -20.61 -4.05 -16.81
C ARG B 251 -20.95 -5.53 -16.69
N LYS B 252 -21.04 -6.23 -17.82
CA LYS B 252 -21.29 -7.69 -17.80
C LYS B 252 -20.21 -8.47 -17.06
N LEU B 253 -18.94 -8.07 -17.22
CA LEU B 253 -17.82 -8.65 -16.49
C LEU B 253 -17.96 -8.42 -15.00
N ALA B 254 -18.13 -7.15 -14.64
CA ALA B 254 -18.35 -6.75 -13.25
C ALA B 254 -19.50 -7.52 -12.61
N VAL B 255 -20.59 -7.72 -13.36
CA VAL B 255 -21.76 -8.45 -12.86
C VAL B 255 -21.41 -9.90 -12.59
N ASN B 256 -20.85 -10.57 -13.59
CA ASN B 256 -20.58 -11.99 -13.48
C ASN B 256 -19.41 -12.37 -12.59
N MET B 257 -18.48 -11.44 -12.36
CA MET B 257 -17.29 -11.73 -11.55
C MET B 257 -17.46 -11.43 -10.04
N VAL B 258 -18.44 -10.59 -9.69
CA VAL B 258 -18.56 -10.03 -8.34
C VAL B 258 -19.86 -10.49 -7.66
N PRO B 259 -19.84 -11.62 -6.91
CA PRO B 259 -21.06 -12.08 -6.24
C PRO B 259 -21.53 -11.21 -5.09
N PHE B 260 -20.60 -10.56 -4.40
CA PHE B 260 -20.92 -9.63 -3.32
C PHE B 260 -20.08 -8.39 -3.54
N PRO B 261 -20.67 -7.20 -3.30
CA PRO B 261 -20.11 -5.97 -3.85
C PRO B 261 -18.73 -5.57 -3.29
N ARG B 262 -18.49 -5.82 -2.00
CA ARG B 262 -17.18 -5.49 -1.40
C ARG B 262 -16.07 -6.43 -1.87
N LEU B 263 -16.42 -7.66 -2.24
CA LEU B 263 -15.46 -8.65 -2.75
C LEU B 263 -15.26 -8.55 -4.28
N HIS B 264 -14.50 -7.55 -4.69
CA HIS B 264 -14.23 -7.30 -6.10
C HIS B 264 -12.73 -7.05 -6.32
N PHE B 265 -11.92 -7.80 -5.57
CA PHE B 265 -10.47 -7.68 -5.62
C PHE B 265 -9.90 -8.90 -6.32
N PHE B 266 -9.50 -8.70 -7.58
CA PHE B 266 -9.06 -9.78 -8.43
C PHE B 266 -7.56 -9.99 -8.38
N MET B 267 -7.16 -11.19 -8.79
CA MET B 267 -5.81 -11.70 -8.70
C MET B 267 -5.35 -12.04 -10.13
N PRO B 268 -4.63 -11.11 -10.81
CA PRO B 268 -4.27 -11.36 -12.21
C PRO B 268 -3.20 -12.43 -12.41
N GLY B 269 -3.14 -12.98 -13.63
CA GLY B 269 -2.09 -13.92 -14.04
C GLY B 269 -1.81 -13.77 -15.53
N PHE B 270 -0.60 -14.11 -15.96
CA PHE B 270 -0.20 -14.05 -17.38
C PHE B 270 0.68 -15.24 -17.71
N ALA B 271 0.59 -15.70 -18.96
CA ALA B 271 1.41 -16.81 -19.46
C ALA B 271 1.65 -16.70 -20.97
N PRO B 272 2.86 -16.98 -21.47
CA PRO B 272 4.06 -17.28 -20.68
C PRO B 272 4.71 -16.01 -20.15
N LEU B 273 5.65 -16.15 -19.22
CA LEU B 273 6.31 -14.98 -18.61
C LEU B 273 7.58 -14.58 -19.38
N THR B 274 7.63 -13.32 -19.82
CA THR B 274 8.60 -12.82 -20.81
C THR B 274 9.43 -11.63 -20.33
N SER B 275 10.45 -11.27 -21.11
CA SER B 275 11.27 -10.08 -20.89
C SER B 275 12.05 -9.70 -22.16
N GLN B 280 9.82 -15.30 -27.13
CA GLN B 280 10.67 -16.48 -27.10
C GLN B 280 10.44 -17.39 -28.30
N TYR B 281 11.28 -18.41 -28.45
CA TYR B 281 11.38 -19.18 -29.70
C TYR B 281 10.39 -20.36 -29.77
N ARG B 282 10.29 -21.13 -28.68
CA ARG B 282 9.29 -22.21 -28.60
C ARG B 282 7.93 -21.63 -28.21
N ALA B 283 6.93 -21.81 -29.06
CA ALA B 283 5.54 -21.49 -28.71
C ALA B 283 5.00 -22.58 -27.77
N LEU B 284 4.10 -22.19 -26.88
CA LEU B 284 3.54 -23.11 -25.88
C LEU B 284 2.30 -23.82 -26.42
N THR B 285 2.17 -25.10 -26.07
CA THR B 285 0.94 -25.85 -26.35
C THR B 285 -0.17 -25.37 -25.40
N VAL B 286 -1.41 -25.55 -25.82
CA VAL B 286 -2.58 -25.07 -25.05
C VAL B 286 -2.59 -25.64 -23.62
N PRO B 287 -2.30 -26.95 -23.45
CA PRO B 287 -2.22 -27.51 -22.07
C PRO B 287 -1.20 -26.83 -21.15
N GLU B 288 -0.14 -26.25 -21.72
CA GLU B 288 0.87 -25.53 -20.93
C GLU B 288 0.37 -24.15 -20.48
N LEU B 289 -0.19 -23.38 -21.43
CA LEU B 289 -0.82 -22.09 -21.10
C LEU B 289 -1.83 -22.27 -19.96
N THR B 290 -2.66 -23.30 -20.06
CA THR B 290 -3.68 -23.59 -19.05
C THR B 290 -3.03 -23.92 -17.71
N GLN B 291 -1.99 -24.76 -17.72
CA GLN B 291 -1.25 -25.09 -16.51
C GLN B 291 -0.59 -23.85 -15.89
N GLN B 292 0.06 -23.05 -16.74
CA GLN B 292 0.83 -21.88 -16.30
C GLN B 292 -0.06 -20.76 -15.75
N MET B 293 -1.07 -20.33 -16.50
CA MET B 293 -1.98 -19.26 -16.05
C MET B 293 -2.67 -19.55 -14.70
N PHE B 294 -2.89 -20.84 -14.40
CA PHE B 294 -3.45 -21.27 -13.11
C PHE B 294 -2.40 -21.54 -12.03
N ASP B 295 -1.13 -21.53 -12.40
CA ASP B 295 -0.01 -21.71 -11.46
C ASP B 295 0.09 -20.49 -10.54
N ALA B 296 0.43 -20.73 -9.27
CA ALA B 296 0.68 -19.65 -8.31
C ALA B 296 1.88 -18.78 -8.72
N LYS B 297 2.88 -19.40 -9.33
CA LYS B 297 4.07 -18.69 -9.85
C LYS B 297 3.74 -17.57 -10.83
N ASN B 298 2.68 -17.74 -11.62
CA ASN B 298 2.28 -16.73 -12.62
C ASN B 298 1.34 -15.64 -12.12
N MET B 299 0.97 -15.69 -10.83
CA MET B 299 0.03 -14.74 -10.22
C MET B 299 0.69 -13.40 -9.92
N MET B 300 -0.03 -12.32 -10.18
CA MET B 300 0.46 -10.96 -9.93
C MET B 300 0.15 -10.45 -8.51
N ALA B 301 -0.68 -11.17 -7.75
CA ALA B 301 -0.96 -10.86 -6.34
C ALA B 301 -0.44 -12.02 -5.51
N ALA B 302 0.51 -11.74 -4.60
CA ALA B 302 1.29 -12.80 -3.94
C ALA B 302 0.47 -13.57 -2.91
N CYS B 303 -0.42 -14.40 -3.43
CA CYS B 303 -1.29 -15.24 -2.63
C CYS B 303 -1.28 -16.63 -3.26
N ASP B 304 -1.35 -17.64 -2.40
CA ASP B 304 -1.39 -19.02 -2.82
C ASP B 304 -2.88 -19.32 -3.01
N PRO B 305 -3.32 -19.58 -4.25
CA PRO B 305 -4.75 -19.81 -4.49
C PRO B 305 -5.28 -21.12 -3.93
N ARG B 306 -4.38 -22.02 -3.53
CA ARG B 306 -4.72 -23.22 -2.76
C ARG B 306 -5.17 -22.93 -1.32
N HIS B 307 -4.79 -21.78 -0.77
CA HIS B 307 -5.17 -21.38 0.59
C HIS B 307 -6.59 -20.80 0.65
N GLY B 308 -7.22 -20.58 -0.51
CA GLY B 308 -8.64 -20.26 -0.58
C GLY B 308 -9.36 -20.95 -1.72
N ARG B 309 -10.52 -20.40 -2.09
CA ARG B 309 -11.37 -20.94 -3.16
C ARG B 309 -11.75 -19.84 -4.14
N TYR B 310 -11.81 -20.17 -5.42
CA TYR B 310 -12.28 -19.23 -6.44
C TYR B 310 -13.80 -19.06 -6.38
N LEU B 311 -14.25 -17.82 -6.30
CA LEU B 311 -15.66 -17.48 -6.42
C LEU B 311 -16.01 -17.45 -7.91
N THR B 312 -15.18 -16.75 -8.67
CA THR B 312 -15.31 -16.65 -10.13
C THR B 312 -13.94 -16.60 -10.78
N VAL B 313 -13.84 -17.16 -12.00
CA VAL B 313 -12.64 -17.01 -12.83
C VAL B 313 -13.03 -16.50 -14.23
N ALA B 314 -12.13 -15.74 -14.83
CA ALA B 314 -12.26 -15.30 -16.22
C ALA B 314 -10.90 -15.49 -16.89
N ALA B 315 -10.89 -16.12 -18.06
CA ALA B 315 -9.63 -16.46 -18.76
C ALA B 315 -9.70 -16.02 -20.21
N VAL B 316 -8.62 -15.39 -20.68
CA VAL B 316 -8.56 -14.82 -22.02
C VAL B 316 -7.34 -15.37 -22.75
N PHE B 317 -7.56 -16.36 -23.60
CA PHE B 317 -6.50 -16.94 -24.44
C PHE B 317 -6.34 -16.11 -25.71
N ARG B 318 -5.09 -15.75 -26.04
CA ARG B 318 -4.78 -14.99 -27.24
C ARG B 318 -4.02 -15.87 -28.21
N GLY B 319 -4.32 -15.76 -29.50
CA GLY B 319 -3.61 -16.48 -30.56
C GLY B 319 -4.51 -17.35 -31.43
N ARG B 320 -3.93 -17.90 -32.49
CA ARG B 320 -4.61 -18.84 -33.38
C ARG B 320 -4.41 -20.25 -32.83
N MET B 321 -5.49 -20.83 -32.30
CA MET B 321 -5.44 -22.14 -31.65
C MET B 321 -6.79 -22.85 -31.71
N SER B 322 -6.78 -24.11 -31.30
CA SER B 322 -7.97 -24.95 -31.29
C SER B 322 -8.88 -24.58 -30.12
N MET B 323 -10.00 -23.92 -30.41
CA MET B 323 -11.01 -23.61 -29.39
C MET B 323 -11.62 -24.86 -28.73
N LYS B 324 -11.60 -25.99 -29.45
CA LYS B 324 -11.90 -27.33 -28.90
C LYS B 324 -10.92 -27.70 -27.76
N GLU B 325 -9.64 -27.51 -28.04
CA GLU B 325 -8.54 -27.85 -27.11
C GLU B 325 -8.48 -26.91 -25.90
N VAL B 326 -8.87 -25.65 -26.09
CA VAL B 326 -9.00 -24.68 -24.99
C VAL B 326 -10.10 -25.14 -24.02
N ASP B 327 -11.30 -25.35 -24.55
CA ASP B 327 -12.44 -25.87 -23.77
C ASP B 327 -12.06 -27.14 -23.03
N GLU B 328 -11.48 -28.10 -23.75
CA GLU B 328 -11.06 -29.38 -23.15
C GLU B 328 -10.09 -29.18 -22.00
N GLN B 329 -9.12 -28.28 -22.18
CA GLN B 329 -8.11 -27.99 -21.16
C GLN B 329 -8.67 -27.23 -19.95
N MET B 330 -9.54 -26.25 -20.21
CA MET B 330 -10.18 -25.51 -19.12
C MET B 330 -11.10 -26.41 -18.30
N LEU B 331 -11.77 -27.34 -18.96
CA LEU B 331 -12.59 -28.34 -18.28
C LEU B 331 -11.75 -29.36 -17.49
N ASN B 332 -10.51 -29.61 -17.94
CA ASN B 332 -9.59 -30.50 -17.22
C ASN B 332 -9.21 -29.99 -15.82
N VAL B 333 -8.71 -28.75 -15.71
CA VAL B 333 -8.32 -28.18 -14.39
C VAL B 333 -9.50 -27.96 -13.43
N GLN B 334 -10.69 -27.66 -13.97
CA GLN B 334 -11.93 -27.52 -13.18
C GLN B 334 -12.39 -28.88 -12.62
N ASN B 335 -12.40 -29.90 -13.47
CA ASN B 335 -12.82 -31.24 -13.10
C ASN B 335 -11.77 -32.03 -12.30
N LYS B 336 -10.50 -31.63 -12.40
CA LYS B 336 -9.41 -32.27 -11.63
C LYS B 336 -9.03 -31.53 -10.33
N ASN B 337 -9.51 -30.30 -10.13
CA ASN B 337 -9.23 -29.52 -8.90
C ASN B 337 -10.48 -28.80 -8.40
N SER B 338 -11.62 -29.49 -8.44
CA SER B 338 -12.92 -28.90 -8.15
C SER B 338 -13.11 -28.44 -6.69
N SER B 339 -12.25 -28.88 -5.77
CA SER B 339 -12.28 -28.41 -4.40
C SER B 339 -11.93 -26.93 -4.24
N TYR B 340 -11.15 -26.38 -5.19
CA TYR B 340 -10.73 -24.97 -5.15
C TYR B 340 -11.65 -23.98 -5.89
N PHE B 341 -12.76 -24.48 -6.45
CA PHE B 341 -13.80 -23.64 -7.02
C PHE B 341 -15.05 -23.86 -6.20
N VAL B 342 -15.70 -22.78 -5.76
CA VAL B 342 -16.91 -22.92 -4.95
C VAL B 342 -17.99 -23.67 -5.72
N GLU B 343 -18.60 -24.64 -5.03
CA GLU B 343 -19.67 -25.46 -5.60
C GLU B 343 -20.95 -24.63 -5.76
N TRP B 344 -21.19 -23.71 -4.84
CA TRP B 344 -22.43 -22.92 -4.82
C TRP B 344 -22.56 -21.82 -5.90
N ILE B 345 -21.55 -21.64 -6.75
CA ILE B 345 -21.67 -20.83 -7.98
C ILE B 345 -21.38 -21.77 -9.16
N PRO B 346 -22.43 -22.25 -9.85
CA PRO B 346 -22.22 -23.15 -11.00
C PRO B 346 -21.67 -22.44 -12.22
N ASN B 347 -20.79 -23.14 -12.94
CA ASN B 347 -20.19 -22.65 -14.19
C ASN B 347 -19.49 -21.32 -13.98
N ASN B 348 -18.71 -21.24 -12.91
CA ASN B 348 -18.05 -19.99 -12.51
C ASN B 348 -16.70 -19.70 -13.19
N VAL B 349 -16.34 -20.48 -14.22
CA VAL B 349 -15.18 -20.19 -15.06
C VAL B 349 -15.68 -19.90 -16.46
N LYS B 350 -15.36 -18.71 -16.97
CA LYS B 350 -15.74 -18.29 -18.32
C LYS B 350 -14.46 -18.07 -19.11
N THR B 351 -14.37 -18.70 -20.28
CA THR B 351 -13.21 -18.59 -21.15
C THR B 351 -13.59 -17.84 -22.40
N ALA B 352 -12.69 -16.99 -22.88
CA ALA B 352 -12.82 -16.35 -24.19
C ALA B 352 -11.53 -16.56 -24.98
N VAL B 353 -11.64 -16.55 -26.30
CA VAL B 353 -10.49 -16.62 -27.20
C VAL B 353 -10.48 -15.40 -28.12
N CYS B 354 -9.26 -14.95 -28.44
CA CYS B 354 -9.02 -13.82 -29.31
C CYS B 354 -7.91 -14.18 -30.29
N ASP B 355 -8.16 -13.95 -31.59
CA ASP B 355 -7.25 -14.41 -32.66
C ASP B 355 -5.94 -13.61 -32.77
N ILE B 356 -6.00 -12.33 -32.43
CA ILE B 356 -4.82 -11.44 -32.50
C ILE B 356 -3.96 -11.70 -31.24
N PRO B 357 -2.68 -12.11 -31.43
CA PRO B 357 -1.79 -12.29 -30.28
C PRO B 357 -0.96 -11.03 -29.99
N PRO B 358 -0.34 -10.96 -28.80
CA PRO B 358 0.47 -9.80 -28.44
C PRO B 358 1.87 -9.82 -29.08
N ARG B 359 2.50 -8.65 -29.10
CA ARG B 359 3.85 -8.50 -29.68
C ARG B 359 4.81 -9.47 -29.03
N GLY B 360 5.43 -10.31 -29.86
CA GLY B 360 6.48 -11.23 -29.43
C GLY B 360 6.03 -12.68 -29.40
N LEU B 361 4.88 -12.94 -28.79
CA LEU B 361 4.39 -14.31 -28.58
C LEU B 361 3.34 -14.70 -29.59
N LYS B 362 3.37 -15.98 -30.01
CA LYS B 362 2.39 -16.53 -30.95
C LYS B 362 1.08 -16.89 -30.28
N MET B 363 1.11 -17.16 -28.97
CA MET B 363 -0.11 -17.41 -28.21
C MET B 363 0.09 -17.28 -26.70
N SER B 364 -0.76 -16.48 -26.06
CA SER B 364 -0.66 -16.18 -24.63
C SER B 364 -1.98 -16.42 -23.93
N ALA B 365 -1.96 -16.31 -22.60
CA ALA B 365 -3.15 -16.50 -21.76
C ALA B 365 -3.12 -15.59 -20.54
N THR B 366 -4.13 -14.73 -20.41
CA THR B 366 -4.31 -13.85 -19.26
C THR B 366 -5.42 -14.39 -18.36
N PHE B 367 -5.20 -14.32 -17.05
CA PHE B 367 -6.02 -14.99 -16.04
C PHE B 367 -6.52 -13.97 -15.03
N ILE B 368 -7.83 -13.96 -14.77
CA ILE B 368 -8.45 -13.05 -13.79
C ILE B 368 -9.24 -13.88 -12.78
N GLY B 369 -8.81 -13.85 -11.53
CA GLY B 369 -9.39 -14.70 -10.48
C GLY B 369 -9.87 -13.89 -9.30
N ASN B 370 -11.12 -14.11 -8.91
CA ASN B 370 -11.68 -13.55 -7.68
C ASN B 370 -11.65 -14.65 -6.63
N SER B 371 -10.46 -14.92 -6.10
CA SER B 371 -10.27 -15.94 -5.06
C SER B 371 -10.37 -15.37 -3.66
N THR B 372 -10.79 -16.22 -2.73
CA THR B 372 -10.79 -15.88 -1.30
C THR B 372 -9.38 -15.82 -0.71
N ALA B 373 -8.39 -16.38 -1.40
CA ALA B 373 -6.99 -16.31 -0.98
C ALA B 373 -6.44 -14.88 -0.93
N ILE B 374 -7.01 -13.98 -1.73
CA ILE B 374 -6.62 -12.56 -1.74
C ILE B 374 -6.67 -11.92 -0.35
N GLN B 375 -7.45 -12.48 0.57
CA GLN B 375 -7.40 -12.08 1.98
C GLN B 375 -5.97 -12.03 2.55
N GLU B 376 -5.11 -12.94 2.10
CA GLU B 376 -3.70 -13.02 2.52
C GLU B 376 -2.94 -11.72 2.28
N LEU B 377 -3.21 -11.09 1.14
CA LEU B 377 -2.60 -9.81 0.80
C LEU B 377 -3.01 -8.72 1.77
N PHE B 378 -4.29 -8.69 2.12
CA PHE B 378 -4.82 -7.70 3.06
C PHE B 378 -4.39 -8.02 4.49
N LYS B 379 -4.30 -9.30 4.85
CA LYS B 379 -3.69 -9.71 6.13
C LYS B 379 -2.21 -9.28 6.28
N ARG B 380 -1.46 -9.32 5.18
N ARG B 380 -1.46 -9.34 5.19
CA ARG B 380 -0.05 -8.94 5.17
CA ARG B 380 -0.05 -8.94 5.18
C ARG B 380 0.11 -7.45 5.45
C ARG B 380 0.11 -7.43 5.45
N ILE B 381 -0.68 -6.63 4.75
CA ILE B 381 -0.67 -5.17 4.94
C ILE B 381 -1.29 -4.79 6.29
N SER B 382 -2.26 -5.57 6.76
CA SER B 382 -2.86 -5.32 8.07
C SER B 382 -1.87 -5.57 9.22
N GLU B 383 -0.98 -6.55 9.06
CA GLU B 383 0.10 -6.80 10.02
C GLU B 383 1.15 -5.70 10.03
N GLN B 384 1.62 -5.34 8.84
CA GLN B 384 2.61 -4.27 8.65
C GLN B 384 2.13 -2.93 9.23
N PHE B 385 0.83 -2.64 9.05
CA PHE B 385 0.14 -1.47 9.61
C PHE B 385 0.18 -1.42 11.13
N THR B 386 -0.16 -2.53 11.78
CA THR B 386 -0.33 -2.56 13.24
C THR B 386 1.00 -2.52 13.99
N ALA B 387 2.04 -3.16 13.45
CA ALA B 387 3.39 -3.06 14.00
C ALA B 387 3.79 -1.62 14.27
N MET B 388 3.50 -0.74 13.31
CA MET B 388 3.71 0.70 13.45
C MET B 388 2.61 1.38 14.26
N PHE B 389 1.35 1.14 13.91
CA PHE B 389 0.23 1.88 14.49
C PHE B 389 0.07 1.69 15.98
N ARG B 390 0.38 0.49 16.48
CA ARG B 390 0.27 0.19 17.92
C ARG B 390 1.20 1.07 18.78
N ARG B 391 2.21 1.68 18.14
CA ARG B 391 3.11 2.67 18.76
C ARG B 391 2.95 4.07 18.16
N LYS B 392 1.85 4.29 17.44
CA LYS B 392 1.59 5.55 16.73
C LYS B 392 2.78 6.08 15.91
N ALA B 393 3.59 5.17 15.40
CA ALA B 393 4.84 5.51 14.73
C ALA B 393 4.56 6.18 13.40
N PHE B 394 5.28 7.26 13.11
CA PHE B 394 5.16 7.99 11.85
C PHE B 394 3.83 8.71 11.64
N LEU B 395 2.97 8.74 12.66
CA LEU B 395 1.65 9.39 12.54
C LEU B 395 1.75 10.90 12.41
N HIS B 396 2.82 11.50 12.95
CA HIS B 396 2.96 12.94 12.92
C HIS B 396 2.87 13.49 11.48
N TRP B 397 3.40 12.75 10.51
CA TRP B 397 3.32 13.13 9.09
C TRP B 397 1.87 13.33 8.60
N TYR B 398 0.94 12.57 9.17
CA TYR B 398 -0.48 12.59 8.81
C TYR B 398 -1.29 13.54 9.68
N THR B 399 -1.06 13.51 10.99
CA THR B 399 -1.79 14.38 11.91
C THR B 399 -1.44 15.86 11.66
N GLY B 400 -0.24 16.13 11.14
CA GLY B 400 0.15 17.45 10.68
C GLY B 400 -0.68 18.00 9.51
N GLU B 401 -1.28 17.11 8.73
CA GLU B 401 -2.20 17.48 7.63
C GLU B 401 -3.67 17.46 8.05
N GLY B 402 -3.95 17.34 9.34
CA GLY B 402 -5.31 17.40 9.87
C GLY B 402 -5.97 16.06 10.17
N MET B 403 -5.30 14.96 9.84
CA MET B 403 -5.88 13.64 10.07
C MET B 403 -5.91 13.28 11.54
N ASP B 404 -6.82 12.38 11.90
CA ASP B 404 -7.01 11.93 13.26
C ASP B 404 -6.62 10.46 13.37
N GLU B 405 -6.35 10.01 14.59
CA GLU B 405 -6.04 8.61 14.86
C GLU B 405 -7.28 7.73 14.71
N MET B 406 -8.45 8.32 14.94
CA MET B 406 -9.72 7.63 14.75
C MET B 406 -9.86 7.14 13.30
N GLU B 407 -9.48 7.99 12.34
CA GLU B 407 -9.55 7.62 10.92
C GLU B 407 -8.68 6.40 10.58
N PHE B 408 -7.54 6.26 11.25
CA PHE B 408 -6.67 5.08 11.11
C PHE B 408 -7.32 3.84 11.71
N THR B 409 -7.90 3.98 12.90
CA THR B 409 -8.57 2.87 13.57
C THR B 409 -9.79 2.37 12.78
N GLU B 410 -10.48 3.28 12.11
CA GLU B 410 -11.56 2.92 11.18
C GLU B 410 -11.04 2.08 10.01
N ALA B 411 -10.10 2.64 9.25
CA ALA B 411 -9.55 2.01 8.04
C ALA B 411 -8.94 0.62 8.31
N GLU B 412 -8.27 0.49 9.46
CA GLU B 412 -7.81 -0.80 9.98
C GLU B 412 -8.96 -1.80 10.11
N SER B 413 -10.02 -1.38 10.81
N SER B 413 -10.02 -1.38 10.81
CA SER B 413 -11.18 -2.22 11.07
CA SER B 413 -11.18 -2.22 11.07
C SER B 413 -11.95 -2.61 9.82
C SER B 413 -11.95 -2.62 9.81
N ASN B 414 -12.09 -1.68 8.87
CA ASN B 414 -12.79 -1.95 7.59
C ASN B 414 -12.11 -3.06 6.80
N MET B 415 -10.78 -3.03 6.78
CA MET B 415 -9.97 -4.02 6.08
C MET B 415 -9.91 -5.37 6.82
N ASN B 416 -9.98 -5.34 8.14
CA ASN B 416 -10.12 -6.58 8.92
C ASN B 416 -11.48 -7.24 8.72
N ASP B 417 -12.53 -6.45 8.43
CA ASP B 417 -13.84 -6.98 8.05
C ASP B 417 -13.80 -7.57 6.64
N LEU B 418 -13.14 -6.89 5.72
CA LEU B 418 -12.93 -7.42 4.36
C LEU B 418 -12.29 -8.82 4.41
N VAL B 419 -11.29 -8.98 5.27
CA VAL B 419 -10.59 -10.26 5.45
C VAL B 419 -11.52 -11.29 6.09
N SER B 420 -12.35 -10.87 7.04
CA SER B 420 -13.38 -11.74 7.60
C SER B 420 -14.39 -12.16 6.53
N GLU B 421 -14.80 -11.19 5.72
CA GLU B 421 -15.78 -11.43 4.67
C GLU B 421 -15.27 -12.44 3.63
N TYR B 422 -14.02 -12.28 3.21
CA TYR B 422 -13.38 -13.26 2.31
C TYR B 422 -13.25 -14.64 2.97
N GLN B 423 -12.93 -14.67 4.27
CA GLN B 423 -12.80 -15.93 5.04
C GLN B 423 -14.13 -16.68 5.18
N GLN B 424 -15.23 -15.94 5.25
CA GLN B 424 -16.57 -16.49 5.40
C GLN B 424 -16.93 -17.48 4.28
N TYR B 425 -16.65 -17.09 3.03
CA TYR B 425 -17.00 -17.88 1.84
C TYR B 425 -15.96 -18.93 1.47
N GLN B 426 -14.76 -18.81 2.05
CA GLN B 426 -13.72 -19.83 1.93
C GLN B 426 -14.06 -21.12 2.69
N ASP B 427 -14.92 -21.02 3.70
CA ASP B 427 -15.41 -22.16 4.49
C ASP B 427 -16.78 -22.69 4.02
N ALA B 428 -17.65 -21.79 3.56
CA ALA B 428 -18.96 -22.16 3.03
C ALA B 428 -18.84 -22.87 1.69
N MET C 1 12.32 24.84 -9.48
CA MET C 1 12.01 25.25 -8.08
C MET C 1 12.38 24.14 -7.08
N ARG C 2 11.78 24.16 -5.88
CA ARG C 2 12.25 23.40 -4.72
C ARG C 2 13.58 23.98 -4.22
N GLU C 3 13.57 25.30 -4.02
CA GLU C 3 14.76 26.05 -3.59
C GLU C 3 15.05 25.80 -2.12
N CYS C 4 16.32 25.97 -1.75
CA CYS C 4 16.82 25.69 -0.41
CA CYS C 4 16.83 25.69 -0.40
C CYS C 4 17.78 26.80 0.05
N ILE C 5 17.37 27.57 1.06
CA ILE C 5 18.15 28.70 1.55
C ILE C 5 19.02 28.27 2.72
N SER C 6 20.34 28.50 2.64
CA SER C 6 21.28 28.13 3.69
C SER C 6 21.59 29.33 4.60
N ILE C 7 21.45 29.15 5.92
CA ILE C 7 21.85 30.17 6.89
C ILE C 7 23.00 29.67 7.75
N HIS C 8 24.09 30.44 7.78
CA HIS C 8 25.29 30.12 8.52
C HIS C 8 25.47 31.15 9.64
N VAL C 9 25.45 30.68 10.88
CA VAL C 9 25.33 31.52 12.07
C VAL C 9 26.54 31.35 12.99
N GLY C 10 27.22 32.44 13.27
CA GLY C 10 28.44 32.42 14.09
C GLY C 10 29.62 31.83 13.34
N GLN C 11 30.81 31.87 13.96
CA GLN C 11 32.05 31.40 13.32
C GLN C 11 31.89 30.02 12.70
N ALA C 12 31.58 29.01 13.53
CA ALA C 12 31.48 27.62 13.08
C ALA C 12 30.66 27.48 11.81
N GLY C 13 29.45 28.03 11.84
CA GLY C 13 28.56 28.04 10.69
C GLY C 13 29.22 28.71 9.51
N VAL C 14 29.70 29.94 9.72
CA VAL C 14 30.33 30.71 8.64
C VAL C 14 31.47 29.92 8.02
N GLN C 15 32.38 29.41 8.86
CA GLN C 15 33.55 28.69 8.38
C GLN C 15 33.20 27.37 7.69
N ILE C 16 32.16 26.70 8.15
CA ILE C 16 31.67 25.49 7.49
C ILE C 16 30.97 25.82 6.16
N GLY C 17 30.35 27.01 6.09
CA GLY C 17 29.75 27.52 4.85
C GLY C 17 30.78 27.79 3.78
N ASN C 18 31.90 28.41 4.14
CA ASN C 18 33.02 28.60 3.22
C ASN C 18 33.47 27.28 2.61
N ALA C 19 33.66 26.28 3.46
CA ALA C 19 33.99 24.93 3.03
C ALA C 19 32.91 24.37 2.12
N CYS C 20 31.66 24.39 2.59
CA CYS C 20 30.52 23.85 1.84
C CYS C 20 30.33 24.50 0.49
N TRP C 21 30.30 25.83 0.44
CA TRP C 21 30.11 26.56 -0.82
C TRP C 21 31.31 26.48 -1.77
N GLU C 22 32.54 26.41 -1.23
CA GLU C 22 33.70 26.14 -2.06
C GLU C 22 33.53 24.80 -2.75
N LEU C 23 33.16 23.79 -1.97
CA LEU C 23 32.96 22.44 -2.47
C LEU C 23 31.84 22.37 -3.50
N TYR C 24 30.71 23.02 -3.26
CA TYR C 24 29.58 23.02 -4.21
C TYR C 24 29.99 23.60 -5.55
N CYS C 25 30.75 24.69 -5.53
CA CYS C 25 31.26 25.30 -6.76
C CYS C 25 32.18 24.37 -7.55
N LEU C 26 32.99 23.59 -6.87
CA LEU C 26 33.84 22.61 -7.54
C LEU C 26 33.05 21.44 -8.08
N GLU C 27 31.96 21.08 -7.41
CA GLU C 27 31.08 19.99 -7.85
C GLU C 27 30.24 20.36 -9.09
N HIS C 28 29.82 21.63 -9.17
CA HIS C 28 29.00 22.13 -10.28
C HIS C 28 29.78 22.87 -11.37
N GLY C 29 31.12 22.86 -11.28
CA GLY C 29 31.95 23.63 -12.20
C GLY C 29 31.70 25.12 -12.19
N ILE C 30 31.35 25.68 -11.03
CA ILE C 30 31.20 27.14 -10.88
C ILE C 30 32.55 27.75 -10.47
N GLN C 31 32.88 28.87 -11.10
CA GLN C 31 34.12 29.58 -10.85
C GLN C 31 33.95 30.53 -9.66
N PRO C 32 35.06 31.00 -9.06
CA PRO C 32 34.96 31.96 -7.94
C PRO C 32 34.24 33.28 -8.23
N ASP C 33 34.24 33.74 -9.48
CA ASP C 33 33.50 34.96 -9.86
C ASP C 33 32.00 34.71 -10.08
N GLY C 34 31.59 33.44 -10.10
CA GLY C 34 30.19 33.04 -10.19
C GLY C 34 29.76 32.53 -11.55
N GLN C 35 30.64 32.57 -12.55
CA GLN C 35 30.29 32.16 -13.90
C GLN C 35 30.29 30.64 -14.05
N MET C 36 29.28 30.12 -14.75
CA MET C 36 29.14 28.70 -15.06
C MET C 36 29.14 28.57 -16.59
N PRO C 37 30.30 28.20 -17.18
CA PRO C 37 30.41 27.89 -18.61
C PRO C 37 29.44 26.82 -19.13
N SER C 38 29.22 25.77 -18.35
CA SER C 38 28.28 24.69 -18.74
C SER C 38 26.81 25.10 -18.67
N ASP C 39 26.49 26.20 -17.98
CA ASP C 39 25.12 26.70 -17.91
C ASP C 39 24.82 27.53 -19.15
N LYS C 40 23.91 27.03 -19.99
CA LYS C 40 23.54 27.67 -21.24
C LYS C 40 22.35 28.63 -21.09
N THR C 41 21.41 28.29 -20.20
CA THR C 41 20.31 29.20 -19.87
C THR C 41 20.83 30.37 -19.04
N ILE C 42 21.05 31.51 -19.70
CA ILE C 42 21.62 32.70 -19.06
C ILE C 42 20.50 33.38 -18.29
N GLY C 43 20.79 33.84 -17.07
CA GLY C 43 19.81 34.61 -16.29
C GLY C 43 18.90 33.81 -15.36
N GLY C 44 18.44 32.64 -15.82
CA GLY C 44 17.62 31.75 -15.01
C GLY C 44 17.74 30.30 -15.45
N GLY C 45 16.89 29.45 -14.87
CA GLY C 45 16.86 28.03 -15.22
C GLY C 45 16.15 27.21 -14.18
N ASP C 46 15.74 26.02 -14.60
CA ASP C 46 15.01 25.08 -13.74
C ASP C 46 15.85 23.82 -13.43
N ASP C 47 17.17 23.98 -13.38
CA ASP C 47 18.08 22.84 -13.19
C ASP C 47 18.17 22.44 -11.71
N SER C 48 18.78 21.30 -11.45
CA SER C 48 18.87 20.76 -10.09
C SER C 48 19.81 21.56 -9.20
N PHE C 49 20.91 22.06 -9.78
CA PHE C 49 21.83 22.95 -9.07
C PHE C 49 21.22 24.30 -8.70
N ASN C 50 20.16 24.70 -9.42
CA ASN C 50 19.43 25.94 -9.11
C ASN C 50 18.68 25.93 -7.77
N THR C 51 18.54 24.75 -7.16
CA THR C 51 18.01 24.65 -5.80
C THR C 51 18.93 25.37 -4.81
N PHE C 52 20.23 25.40 -5.07
CA PHE C 52 21.21 26.11 -4.21
C PHE C 52 21.79 27.39 -4.80
N PHE C 53 21.65 27.60 -6.11
CA PHE C 53 22.16 28.80 -6.76
C PHE C 53 21.08 29.48 -7.59
N SER C 54 20.87 30.79 -7.36
CA SER C 54 20.10 31.64 -8.28
C SER C 54 21.07 32.15 -9.35
N GLU C 55 20.51 32.69 -10.43
CA GLU C 55 21.31 33.28 -11.50
C GLU C 55 20.95 34.74 -11.71
N THR C 56 21.96 35.57 -11.96
CA THR C 56 21.73 36.94 -12.43
C THR C 56 21.73 36.94 -13.95
N GLY C 57 21.18 38.00 -14.54
CA GLY C 57 21.17 38.20 -15.99
C GLY C 57 22.54 38.24 -16.64
N ALA C 58 23.51 38.78 -15.91
CA ALA C 58 24.94 38.74 -16.31
C ALA C 58 25.57 37.34 -16.29
N GLY C 59 24.93 36.39 -15.62
CA GLY C 59 25.40 35.00 -15.56
C GLY C 59 26.10 34.58 -14.27
N LYS C 60 26.07 35.46 -13.25
CA LYS C 60 26.63 35.12 -11.95
C LYS C 60 25.68 34.17 -11.24
N HIS C 61 26.22 33.02 -10.84
CA HIS C 61 25.52 32.07 -10.00
C HIS C 61 25.85 32.42 -8.55
N VAL C 62 24.80 32.81 -7.83
CA VAL C 62 24.91 33.31 -6.46
C VAL C 62 24.24 32.32 -5.51
N PRO C 63 24.98 31.83 -4.50
CA PRO C 63 24.41 31.00 -3.43
C PRO C 63 23.12 31.56 -2.84
N ARG C 64 22.12 30.72 -2.67
CA ARG C 64 20.92 31.09 -1.91
C ARG C 64 21.27 30.96 -0.44
N ALA C 65 21.99 31.94 0.10
CA ALA C 65 22.53 31.82 1.44
C ALA C 65 22.83 33.13 2.15
N VAL C 66 22.77 33.07 3.47
CA VAL C 66 23.02 34.21 4.36
C VAL C 66 24.09 33.79 5.35
N PHE C 67 25.02 34.70 5.62
CA PHE C 67 26.08 34.51 6.61
C PHE C 67 25.84 35.56 7.67
N VAL C 68 25.62 35.13 8.92
CA VAL C 68 25.45 36.04 10.06
C VAL C 68 26.47 35.74 11.13
N ASP C 69 27.09 36.78 11.69
CA ASP C 69 27.88 36.64 12.91
C ASP C 69 27.83 37.99 13.61
N LEU C 70 27.78 37.98 14.94
CA LEU C 70 27.70 39.23 15.72
C LEU C 70 28.99 40.04 15.81
N GLU C 71 30.11 39.50 15.30
CA GLU C 71 31.35 40.26 15.14
C GLU C 71 31.95 40.06 13.74
N PRO C 72 32.70 41.06 13.24
CA PRO C 72 33.09 41.07 11.83
C PRO C 72 34.28 40.20 11.42
N THR C 73 35.15 39.75 12.34
CA THR C 73 36.43 39.13 11.93
C THR C 73 36.28 37.94 10.97
N VAL C 74 35.31 37.07 11.23
CA VAL C 74 35.18 35.82 10.47
C VAL C 74 34.52 36.07 9.11
N ILE C 75 33.47 36.88 9.08
CA ILE C 75 32.81 37.22 7.82
C ILE C 75 33.69 38.14 6.95
N ASP C 76 34.50 38.99 7.58
CA ASP C 76 35.42 39.86 6.83
C ASP C 76 36.41 39.08 5.94
N GLU C 77 36.77 37.86 6.34
CA GLU C 77 37.64 36.99 5.52
C GLU C 77 36.93 36.44 4.28
N VAL C 78 35.62 36.26 4.36
CA VAL C 78 34.80 35.96 3.17
C VAL C 78 34.76 37.20 2.26
N ARG C 79 34.53 38.37 2.84
CA ARG C 79 34.46 39.65 2.12
C ARG C 79 35.74 40.03 1.35
N THR C 80 36.90 39.57 1.80
CA THR C 80 38.18 39.83 1.13
C THR C 80 38.78 38.63 0.42
N GLY C 81 38.29 37.42 0.73
CA GLY C 81 38.87 36.16 0.25
C GLY C 81 38.50 35.74 -1.16
N THR C 82 38.88 34.52 -1.51
CA THR C 82 38.76 33.97 -2.87
C THR C 82 37.35 34.08 -3.48
N TYR C 83 36.33 33.82 -2.66
CA TYR C 83 34.94 33.80 -3.11
C TYR C 83 34.14 35.07 -2.74
N ARG C 84 34.85 36.19 -2.56
CA ARG C 84 34.22 37.48 -2.27
C ARG C 84 33.25 37.94 -3.36
N GLN C 85 33.56 37.61 -4.61
CA GLN C 85 32.69 37.95 -5.75
C GLN C 85 31.42 37.10 -5.84
N LEU C 86 31.43 35.94 -5.19
CA LEU C 86 30.32 34.98 -5.29
C LEU C 86 29.05 35.47 -4.61
N PHE C 87 29.22 36.17 -3.49
CA PHE C 87 28.11 36.64 -2.67
C PHE C 87 27.82 38.12 -2.90
N HIS C 88 26.54 38.49 -2.88
CA HIS C 88 26.15 39.90 -2.83
C HIS C 88 26.48 40.38 -1.39
N PRO C 89 26.94 41.65 -1.23
CA PRO C 89 27.30 42.16 0.11
C PRO C 89 26.24 42.03 1.20
N GLU C 90 24.97 42.08 0.82
CA GLU C 90 23.86 42.01 1.78
C GLU C 90 23.55 40.59 2.27
N GLN C 91 24.10 39.57 1.62
CA GLN C 91 24.08 38.20 2.17
C GLN C 91 25.06 38.02 3.34
N LEU C 92 26.07 38.88 3.43
CA LEU C 92 27.05 38.86 4.51
C LEU C 92 26.72 39.93 5.55
N ILE C 93 26.30 39.51 6.75
CA ILE C 93 25.77 40.38 7.79
C ILE C 93 26.63 40.32 9.06
N THR C 94 27.04 41.47 9.59
CA THR C 94 27.80 41.53 10.86
C THR C 94 27.30 42.60 11.83
N GLY C 95 27.60 42.38 13.11
CA GLY C 95 27.55 43.42 14.14
C GLY C 95 28.98 43.84 14.45
N LYS C 96 29.15 44.45 15.61
CA LYS C 96 30.47 44.87 16.09
C LYS C 96 30.96 44.11 17.33
N GLU C 97 30.03 43.68 18.17
CA GLU C 97 30.33 43.03 19.45
C GLU C 97 29.65 41.65 19.46
N ASP C 98 30.40 40.61 19.83
CA ASP C 98 29.86 39.24 19.82
C ASP C 98 29.08 38.88 21.10
N ALA C 99 28.58 37.65 21.15
CA ALA C 99 27.78 37.16 22.27
C ALA C 99 28.62 36.54 23.38
N ALA C 100 29.94 36.47 23.18
CA ALA C 100 30.88 36.18 24.25
C ALA C 100 30.65 34.84 24.97
N ASN C 101 30.41 33.80 24.18
CA ASN C 101 30.04 32.46 24.69
C ASN C 101 28.83 32.51 25.64
N ASN C 102 27.91 33.44 25.41
CA ASN C 102 26.72 33.60 26.25
C ASN C 102 25.44 33.48 25.40
N TYR C 103 24.67 32.42 25.64
CA TYR C 103 23.37 32.23 24.97
C TYR C 103 22.48 33.45 25.22
N ALA C 104 22.59 34.02 26.42
CA ALA C 104 21.78 35.18 26.78
C ALA C 104 22.08 36.38 25.89
N ARG C 105 23.34 36.62 25.58
CA ARG C 105 23.72 37.74 24.70
C ARG C 105 23.37 37.49 23.25
N GLY C 106 23.49 36.23 22.81
CA GLY C 106 23.15 35.85 21.44
C GLY C 106 21.65 35.83 21.19
N HIS C 107 20.89 35.37 22.19
CA HIS C 107 19.44 35.27 22.05
C HIS C 107 18.72 36.59 22.33
N TYR C 108 19.16 37.34 23.34
CA TYR C 108 18.50 38.58 23.76
C TYR C 108 19.36 39.83 23.46
N THR C 109 20.39 40.07 24.29
CA THR C 109 21.03 41.40 24.41
C THR C 109 21.58 41.95 23.09
N ILE C 110 22.63 41.33 22.57
CA ILE C 110 23.20 41.72 21.28
C ILE C 110 22.32 41.24 20.12
N GLY C 111 21.62 40.13 20.33
CA GLY C 111 20.85 39.49 19.27
C GLY C 111 19.64 40.25 18.79
N LYS C 112 18.89 40.84 19.72
CA LYS C 112 17.69 41.59 19.36
C LYS C 112 17.97 42.82 18.48
N GLU C 113 19.20 43.33 18.50
CA GLU C 113 19.61 44.48 17.68
C GLU C 113 19.76 44.17 16.19
N ILE C 114 19.93 42.90 15.83
CA ILE C 114 20.18 42.53 14.42
C ILE C 114 19.18 41.51 13.82
N ILE C 115 18.32 40.92 14.64
CA ILE C 115 17.35 39.91 14.20
C ILE C 115 16.46 40.38 13.05
N ASP C 116 15.91 41.60 13.15
CA ASP C 116 15.01 42.13 12.12
C ASP C 116 15.72 42.29 10.79
N LEU C 117 16.95 42.79 10.86
CA LEU C 117 17.77 42.95 9.67
C LEU C 117 18.02 41.60 9.00
N VAL C 118 18.31 40.57 9.79
CA VAL C 118 18.59 39.25 9.23
C VAL C 118 17.34 38.68 8.53
N LEU C 119 16.20 38.72 9.20
CA LEU C 119 14.93 38.23 8.64
C LEU C 119 14.51 39.00 7.39
N ASP C 120 14.80 40.29 7.37
CA ASP C 120 14.63 41.13 6.18
C ASP C 120 15.52 40.64 5.02
N ARG C 121 16.76 40.24 5.33
CA ARG C 121 17.70 39.74 4.30
C ARG C 121 17.41 38.31 3.86
N ILE C 122 16.87 37.49 4.77
CA ILE C 122 16.41 36.14 4.41
C ILE C 122 15.19 36.27 3.50
N ARG C 123 14.27 37.14 3.88
CA ARG C 123 13.07 37.45 3.08
C ARG C 123 13.36 37.87 1.63
N LYS C 124 14.46 38.59 1.40
CA LYS C 124 14.84 38.99 0.03
C LYS C 124 15.30 37.81 -0.84
N LEU C 125 15.90 36.79 -0.20
CA LEU C 125 16.22 35.53 -0.87
C LEU C 125 14.96 34.68 -1.11
N ALA C 126 14.05 34.68 -0.13
CA ALA C 126 12.80 33.92 -0.22
C ALA C 126 11.92 34.38 -1.36
N ASP C 127 11.91 35.69 -1.64
CA ASP C 127 11.12 36.26 -2.75
C ASP C 127 11.71 36.02 -4.14
N GLN C 128 13.00 35.69 -4.24
CA GLN C 128 13.59 35.16 -5.48
C GLN C 128 13.07 33.75 -5.81
N CYS C 129 12.56 33.03 -4.80
CA CYS C 129 12.12 31.64 -4.95
C CYS C 129 10.69 31.51 -5.48
N THR C 130 10.51 30.57 -6.41
CA THR C 130 9.20 30.24 -6.95
C THR C 130 8.51 29.10 -6.18
N GLY C 131 9.26 28.33 -5.39
CA GLY C 131 8.69 27.20 -4.66
C GLY C 131 9.54 26.70 -3.50
N LEU C 132 9.96 27.64 -2.65
CA LEU C 132 10.83 27.38 -1.49
C LEU C 132 10.47 26.09 -0.73
N GLN C 133 11.47 25.25 -0.52
CA GLN C 133 11.32 23.98 0.21
C GLN C 133 11.60 24.14 1.70
N GLY C 134 12.63 24.91 2.05
CA GLY C 134 13.01 25.12 3.43
C GLY C 134 14.41 25.68 3.63
N PHE C 135 14.86 25.68 4.88
CA PHE C 135 16.14 26.28 5.28
C PHE C 135 17.09 25.25 5.87
N LEU C 136 18.39 25.45 5.62
CA LEU C 136 19.45 24.70 6.28
C LEU C 136 20.21 25.66 7.17
N VAL C 137 20.30 25.33 8.46
CA VAL C 137 20.92 26.20 9.46
C VAL C 137 22.21 25.57 9.98
N PHE C 138 23.32 26.29 9.80
CA PHE C 138 24.65 25.85 10.19
C PHE C 138 25.11 26.66 11.40
N HIS C 139 25.35 25.96 12.51
CA HIS C 139 25.80 26.62 13.74
C HIS C 139 26.51 25.68 14.72
N SER C 140 27.19 26.27 15.69
CA SER C 140 27.79 25.53 16.79
C SER C 140 26.84 25.53 17.98
N PHE C 141 26.85 24.44 18.74
CA PHE C 141 26.13 24.36 20.02
C PHE C 141 26.79 25.25 21.08
N GLY C 142 28.11 25.39 20.99
CA GLY C 142 28.91 26.02 22.03
C GLY C 142 28.91 27.53 22.09
N GLY C 143 29.03 28.18 20.95
CA GLY C 143 29.12 29.64 20.88
C GLY C 143 27.90 30.40 21.36
N GLY C 144 28.09 31.67 21.67
CA GLY C 144 27.01 32.55 22.11
C GLY C 144 26.05 32.91 20.99
N THR C 145 26.61 33.26 19.83
CA THR C 145 25.84 33.50 18.61
C THR C 145 25.28 32.19 18.07
N GLY C 146 26.15 31.20 17.93
CA GLY C 146 25.80 29.87 17.45
C GLY C 146 24.64 29.23 18.20
N SER C 147 24.57 29.45 19.51
CA SER C 147 23.49 28.91 20.33
C SER C 147 22.33 29.90 20.43
N GLY C 148 22.63 31.11 20.88
CA GLY C 148 21.61 32.09 21.22
C GLY C 148 20.92 32.69 20.02
N PHE C 149 21.71 33.20 19.08
CA PHE C 149 21.14 33.84 17.91
C PHE C 149 20.43 32.83 17.02
N THR C 150 20.93 31.59 16.97
CA THR C 150 20.28 30.54 16.19
C THR C 150 18.87 30.29 16.70
N SER C 151 18.77 30.06 18.01
CA SER C 151 17.47 29.80 18.64
CA SER C 151 17.47 29.82 18.65
C SER C 151 16.48 30.93 18.37
N LEU C 152 16.94 32.17 18.51
CA LEU C 152 16.13 33.36 18.23
C LEU C 152 15.64 33.31 16.79
N LEU C 153 16.58 33.09 15.88
CA LEU C 153 16.27 32.99 14.45
C LEU C 153 15.28 31.87 14.14
N MET C 154 15.50 30.70 14.75
CA MET C 154 14.64 29.53 14.49
C MET C 154 13.20 29.80 14.92
N GLU C 155 13.03 30.40 16.09
CA GLU C 155 11.71 30.86 16.58
C GLU C 155 11.04 31.83 15.62
N ARG C 156 11.81 32.80 15.15
CA ARG C 156 11.29 33.84 14.26
C ARG C 156 10.94 33.31 12.88
N LEU C 157 11.72 32.34 12.39
CA LEU C 157 11.43 31.72 11.09
C LEU C 157 10.15 30.87 11.14
N SER C 158 9.93 30.20 12.26
CA SER C 158 8.67 29.50 12.52
C SER C 158 7.44 30.41 12.45
N VAL C 159 7.60 31.67 12.88
CA VAL C 159 6.56 32.69 12.75
C VAL C 159 6.38 33.10 11.28
N ASP C 160 7.45 33.56 10.65
CA ASP C 160 7.39 34.10 9.29
C ASP C 160 7.11 33.05 8.21
N TYR C 161 7.53 31.81 8.43
CA TYR C 161 7.40 30.74 7.41
C TYR C 161 6.56 29.55 7.87
N GLY C 162 5.84 29.70 8.97
CA GLY C 162 4.95 28.66 9.45
C GLY C 162 5.66 27.35 9.74
N LYS C 163 5.25 26.31 9.02
CA LYS C 163 5.78 24.94 9.23
C LYS C 163 6.79 24.50 8.16
N LYS C 164 7.01 25.35 7.14
CA LYS C 164 8.09 25.19 6.16
C LYS C 164 9.37 24.68 6.79
N SER C 165 9.96 23.65 6.20
CA SER C 165 10.96 22.82 6.88
C SER C 165 12.25 23.56 7.23
N LYS C 166 12.80 23.23 8.40
CA LYS C 166 14.07 23.78 8.86
C LYS C 166 14.96 22.66 9.39
N LEU C 167 16.06 22.43 8.68
CA LEU C 167 17.07 21.43 9.04
C LEU C 167 18.24 22.14 9.71
N GLU C 168 18.86 21.46 10.67
CA GLU C 168 20.05 21.96 11.36
C GLU C 168 21.27 21.10 11.05
N PHE C 169 22.42 21.75 10.92
CA PHE C 169 23.72 21.09 11.04
C PHE C 169 24.41 21.67 12.28
N SER C 170 24.26 20.97 13.40
CA SER C 170 24.75 21.43 14.70
C SER C 170 26.15 20.89 14.98
N ILE C 171 27.06 21.75 15.49
CA ILE C 171 28.41 21.31 15.89
C ILE C 171 28.44 21.11 17.41
N TYR C 172 28.39 19.84 17.81
CA TYR C 172 28.46 19.41 19.21
C TYR C 172 29.90 19.61 19.72
N PRO C 173 30.07 20.19 20.92
CA PRO C 173 31.39 20.61 21.37
C PRO C 173 32.24 19.46 21.92
N ALA C 174 33.55 19.68 21.92
CA ALA C 174 34.52 18.69 22.39
C ALA C 174 35.81 19.41 22.79
N PRO C 175 36.44 18.96 23.90
CA PRO C 175 37.60 19.66 24.46
C PRO C 175 38.88 19.67 23.62
N GLN C 176 38.99 18.79 22.62
CA GLN C 176 40.19 18.73 21.76
C GLN C 176 40.37 20.03 20.97
N VAL C 177 39.36 20.36 20.18
CA VAL C 177 39.26 21.69 19.55
C VAL C 177 38.96 22.72 20.63
N SER C 178 38.95 24.01 20.28
CA SER C 178 38.56 25.06 21.22
C SER C 178 37.24 24.69 21.89
N THR C 179 37.16 24.92 23.18
CA THR C 179 35.91 24.85 23.91
C THR C 179 35.99 25.95 24.97
N ALA C 180 34.85 26.29 25.56
CA ALA C 180 34.76 27.21 26.67
C ALA C 180 34.16 26.40 27.81
N VAL C 181 34.15 26.97 29.01
CA VAL C 181 33.66 26.25 30.19
C VAL C 181 32.12 26.15 30.15
N VAL C 182 31.49 27.14 29.53
CA VAL C 182 30.04 27.29 29.55
C VAL C 182 29.32 26.69 28.34
N GLU C 183 30.03 25.91 27.50
CA GLU C 183 29.41 25.37 26.29
C GLU C 183 28.30 24.34 26.56
N PRO C 184 28.46 23.50 27.61
CA PRO C 184 27.33 22.67 28.02
C PRO C 184 26.05 23.46 28.33
N TYR C 185 26.19 24.61 28.98
CA TYR C 185 25.03 25.48 29.26
C TYR C 185 24.38 25.99 27.99
N ASN C 186 25.21 26.48 27.06
CA ASN C 186 24.72 26.96 25.77
C ASN C 186 24.13 25.83 24.93
N SER C 187 24.73 24.64 25.02
CA SER C 187 24.27 23.47 24.27
C SER C 187 22.86 23.05 24.71
N ILE C 188 22.68 22.86 26.01
CA ILE C 188 21.37 22.49 26.56
C ILE C 188 20.37 23.62 26.30
N LEU C 189 20.77 24.87 26.45
CA LEU C 189 19.84 26.00 26.27
C LEU C 189 19.29 26.07 24.85
N THR C 190 20.18 25.96 23.85
CA THR C 190 19.76 26.03 22.44
C THR C 190 19.03 24.78 21.95
N THR C 191 19.48 23.61 22.42
CA THR C 191 18.83 22.34 22.06
C THR C 191 17.38 22.32 22.57
N HIS C 192 17.15 22.86 23.77
CA HIS C 192 15.81 23.01 24.32
C HIS C 192 14.96 24.00 23.51
N THR C 193 15.45 25.22 23.32
CA THR C 193 14.64 26.26 22.67
C THR C 193 14.47 26.09 21.15
N THR C 194 15.25 25.20 20.52
CA THR C 194 15.12 24.92 19.07
C THR C 194 14.31 23.65 18.75
N LEU C 195 14.19 22.75 19.73
CA LEU C 195 13.61 21.40 19.53
C LEU C 195 12.21 21.40 18.88
N GLU C 196 11.36 22.36 19.23
CA GLU C 196 10.03 22.51 18.61
C GLU C 196 10.09 22.99 17.16
N HIS C 197 11.15 23.74 16.84
CA HIS C 197 11.22 24.49 15.60
C HIS C 197 12.06 23.84 14.50
N SER C 198 12.85 22.82 14.84
CA SER C 198 13.66 22.08 13.88
C SER C 198 12.96 20.78 13.45
N ASP C 199 12.95 20.53 12.15
CA ASP C 199 12.32 19.34 11.58
C ASP C 199 13.27 18.12 11.56
N CYS C 200 14.57 18.41 11.43
CA CYS C 200 15.62 17.38 11.41
C CYS C 200 16.97 18.04 11.71
N ALA C 201 17.82 17.39 12.50
CA ALA C 201 19.09 18.01 12.93
C ALA C 201 20.27 17.03 12.93
N PHE C 202 21.25 17.29 12.07
CA PHE C 202 22.45 16.45 11.98
C PHE C 202 23.54 16.99 12.91
N MET C 203 23.69 16.39 14.08
CA MET C 203 24.79 16.74 15.00
C MET C 203 26.13 16.24 14.46
N VAL C 204 27.17 17.05 14.67
CA VAL C 204 28.55 16.70 14.31
C VAL C 204 29.44 16.91 15.53
N ASP C 205 29.92 15.81 16.11
CA ASP C 205 30.83 15.83 17.25
C ASP C 205 32.23 16.17 16.75
N ASN C 206 32.74 17.33 17.18
CA ASN C 206 34.08 17.76 16.81
C ASN C 206 35.15 16.73 17.18
N GLU C 207 34.96 16.03 18.31
CA GLU C 207 35.87 14.93 18.71
C GLU C 207 35.88 13.85 17.64
N ALA C 208 34.70 13.47 17.15
CA ALA C 208 34.58 12.47 16.08
C ALA C 208 35.31 12.89 14.82
N ILE C 209 35.16 14.16 14.44
CA ILE C 209 35.84 14.72 13.26
C ILE C 209 37.35 14.86 13.55
N TYR C 210 37.68 15.14 14.81
CA TYR C 210 39.06 15.20 15.26
C TYR C 210 39.74 13.84 15.17
N ASP C 211 39.11 12.81 15.72
CA ASP C 211 39.73 11.47 15.72
C ASP C 211 39.90 10.93 14.32
N ILE C 212 38.92 11.17 13.45
CA ILE C 212 38.97 10.75 12.04
C ILE C 212 40.13 11.41 11.28
N CYS C 213 40.29 12.72 11.42
CA CYS C 213 41.41 13.43 10.80
C CYS C 213 42.78 12.93 11.27
N ARG C 214 42.88 12.60 12.56
CA ARG C 214 44.12 12.06 13.12
C ARG C 214 44.40 10.66 12.62
N ARG C 215 43.38 9.81 12.69
CA ARG C 215 43.54 8.38 12.38
C ARG C 215 43.66 8.13 10.88
N ASN C 216 42.76 8.70 10.09
CA ASN C 216 42.60 8.35 8.67
C ASN C 216 43.36 9.23 7.67
N LEU C 217 43.51 10.51 8.00
CA LEU C 217 44.28 11.44 7.18
C LEU C 217 45.70 11.70 7.72
N ASP C 218 46.04 11.10 8.86
CA ASP C 218 47.40 11.19 9.46
C ASP C 218 47.82 12.64 9.80
N ILE C 219 46.85 13.43 10.26
CA ILE C 219 47.05 14.84 10.60
C ILE C 219 47.27 14.91 12.11
N GLU C 220 48.42 15.44 12.53
CA GLU C 220 48.86 15.36 13.93
C GLU C 220 47.97 16.15 14.89
N ARG C 221 47.75 17.42 14.55
CA ARG C 221 46.87 18.32 15.32
C ARG C 221 45.96 19.03 14.30
N PRO C 222 44.80 18.42 13.97
CA PRO C 222 43.94 19.01 12.95
C PRO C 222 43.44 20.40 13.30
N THR C 223 43.34 21.25 12.28
CA THR C 223 42.83 22.60 12.40
C THR C 223 41.36 22.63 12.01
N TYR C 224 40.71 23.77 12.22
CA TYR C 224 39.32 23.96 11.77
C TYR C 224 39.16 23.76 10.26
N THR C 225 40.17 24.17 9.49
CA THR C 225 40.17 23.97 8.03
C THR C 225 40.14 22.48 7.68
N ASN C 226 40.87 21.67 8.44
CA ASN C 226 40.86 20.20 8.27
C ASN C 226 39.50 19.59 8.59
N LEU C 227 38.94 20.00 9.73
CA LEU C 227 37.66 19.47 10.20
C LEU C 227 36.52 19.90 9.27
N ASN C 228 36.52 21.17 8.88
CA ASN C 228 35.46 21.72 8.03
C ASN C 228 35.44 21.13 6.62
N ARG C 229 36.62 20.81 6.08
CA ARG C 229 36.71 20.19 4.76
C ARG C 229 36.19 18.76 4.74
N LEU C 230 36.33 18.05 5.87
CA LEU C 230 35.70 16.74 6.04
C LEU C 230 34.19 16.89 6.20
N ILE C 231 33.79 17.78 7.11
CA ILE C 231 32.37 18.03 7.41
C ILE C 231 31.59 18.34 6.13
N SER C 232 32.16 19.22 5.31
CA SER C 232 31.50 19.69 4.10
C SER C 232 31.25 18.60 3.07
N GLN C 233 32.06 17.53 3.12
CA GLN C 233 31.81 16.35 2.29
C GLN C 233 30.59 15.58 2.79
N ILE C 234 30.44 15.46 4.11
CA ILE C 234 29.23 14.87 4.73
C ILE C 234 28.00 15.74 4.45
N VAL C 235 28.16 17.06 4.58
CA VAL C 235 27.08 18.00 4.24
C VAL C 235 26.72 17.86 2.76
N SER C 236 27.72 17.70 1.90
CA SER C 236 27.52 17.54 0.45
C SER C 236 26.80 16.24 0.08
N SER C 237 27.12 15.16 0.78
CA SER C 237 26.46 13.86 0.56
C SER C 237 24.97 13.92 0.84
N ILE C 238 24.60 14.64 1.89
CA ILE C 238 23.20 14.79 2.28
C ILE C 238 22.44 15.71 1.31
N THR C 239 23.05 16.84 0.96
CA THR C 239 22.47 17.78 0.00
C THR C 239 22.65 17.40 -1.49
N ALA C 240 23.47 16.41 -1.80
CA ALA C 240 23.66 15.95 -3.19
C ALA C 240 22.37 15.57 -3.89
N SER C 241 21.48 14.92 -3.16
CA SER C 241 20.16 14.56 -3.65
C SER C 241 19.34 15.77 -4.14
N LEU C 242 19.52 16.93 -3.51
CA LEU C 242 18.83 18.18 -3.90
C LEU C 242 19.47 18.94 -5.08
N ARG C 243 20.75 18.71 -5.32
CA ARG C 243 21.56 19.49 -6.27
C ARG C 243 21.85 18.78 -7.62
N PHE C 244 21.51 17.50 -7.74
CA PHE C 244 21.83 16.74 -8.95
C PHE C 244 20.66 15.94 -9.50
N ASP C 245 20.59 15.88 -10.84
CA ASP C 245 19.73 14.94 -11.58
C ASP C 245 20.13 13.51 -11.22
N GLY C 246 19.17 12.58 -11.33
CA GLY C 246 19.49 11.18 -11.10
C GLY C 246 18.30 10.23 -11.20
N ALA C 247 18.48 9.17 -12.00
CA ALA C 247 17.48 8.09 -12.14
C ALA C 247 17.25 7.40 -10.79
N LEU C 248 18.35 7.00 -10.15
CA LEU C 248 18.32 6.31 -8.85
C LEU C 248 18.60 7.24 -7.67
N ASN C 249 18.25 8.52 -7.81
CA ASN C 249 18.48 9.53 -6.78
C ASN C 249 17.20 9.72 -5.97
N VAL C 250 17.26 9.36 -4.69
CA VAL C 250 16.16 9.57 -3.76
C VAL C 250 16.34 10.95 -3.12
N ASP C 251 15.25 11.73 -3.06
CA ASP C 251 15.30 13.08 -2.50
C ASP C 251 15.45 13.05 -0.98
N LEU C 252 16.09 14.07 -0.41
CA LEU C 252 16.37 14.11 1.03
C LEU C 252 15.11 14.14 1.93
N THR C 253 13.99 14.65 1.41
CA THR C 253 12.72 14.64 2.16
C THR C 253 12.11 13.24 2.26
N GLU C 254 12.44 12.38 1.32
CA GLU C 254 11.95 11.01 1.30
C GLU C 254 12.67 10.17 2.34
N PHE C 255 13.98 10.37 2.46
CA PHE C 255 14.75 9.80 3.56
C PHE C 255 14.20 10.28 4.91
N GLN C 256 13.87 11.58 5.01
CA GLN C 256 13.29 12.15 6.24
C GLN C 256 11.98 11.50 6.71
N THR C 257 11.13 11.08 5.77
CA THR C 257 9.93 10.30 6.09
C THR C 257 10.28 9.07 6.94
N ASN C 258 11.38 8.41 6.58
CA ASN C 258 11.86 7.24 7.32
C ASN C 258 12.64 7.61 8.57
N LEU C 259 13.44 8.68 8.51
CA LEU C 259 14.35 9.04 9.62
C LEU C 259 13.69 9.62 10.88
N VAL C 260 12.46 10.11 10.78
CA VAL C 260 11.79 10.83 11.86
C VAL C 260 10.47 10.14 12.25
N PRO C 261 10.51 9.19 13.20
CA PRO C 261 9.28 8.47 13.57
C PRO C 261 8.34 9.27 14.45
N TYR C 262 8.91 10.11 15.32
CA TYR C 262 8.16 11.10 16.11
C TYR C 262 8.88 12.44 15.93
N PRO C 263 8.18 13.57 16.18
CA PRO C 263 8.80 14.86 15.85
C PRO C 263 10.08 15.17 16.64
N ARG C 264 10.09 14.86 17.94
CA ARG C 264 11.27 15.07 18.79
C ARG C 264 12.44 14.14 18.43
N ILE C 265 12.15 12.98 17.85
CA ILE C 265 13.18 12.02 17.47
C ILE C 265 13.68 12.40 16.08
N HIS C 266 14.36 13.54 15.98
CA HIS C 266 14.81 14.05 14.68
C HIS C 266 16.32 14.24 14.57
N PHE C 267 17.09 13.38 15.25
CA PHE C 267 18.55 13.48 15.29
C PHE C 267 19.28 12.25 14.68
N PRO C 268 19.51 12.27 13.35
CA PRO C 268 20.21 11.15 12.72
C PRO C 268 21.71 11.14 12.89
N LEU C 269 22.25 9.92 12.95
CA LEU C 269 23.67 9.67 13.07
C LEU C 269 24.27 9.61 11.67
N ALA C 270 25.12 10.56 11.33
CA ALA C 270 25.79 10.54 10.03
C ALA C 270 27.08 9.71 10.15
N THR C 271 27.35 8.90 9.12
CA THR C 271 28.56 8.07 9.04
C THR C 271 29.02 8.05 7.59
N TYR C 272 30.29 8.35 7.35
CA TYR C 272 30.81 8.59 5.99
C TYR C 272 32.09 7.79 5.73
N ALA C 273 32.28 7.39 4.48
CA ALA C 273 33.43 6.60 4.05
C ALA C 273 33.58 6.62 2.52
N PRO C 274 34.81 6.61 1.98
CA PRO C 274 36.06 6.51 2.72
C PRO C 274 36.68 7.88 3.05
N VAL C 275 37.32 7.96 4.21
CA VAL C 275 38.17 9.09 4.56
C VAL C 275 39.59 8.52 4.55
N ILE C 276 40.38 8.90 3.54
CA ILE C 276 41.66 8.23 3.28
C ILE C 276 42.66 9.22 2.69
N SER C 277 43.93 9.10 3.08
CA SER C 277 44.99 9.97 2.57
C SER C 277 45.42 9.55 1.17
N ALA C 278 45.89 10.50 0.37
CA ALA C 278 46.43 10.20 -0.96
C ALA C 278 47.53 9.13 -0.94
N GLU C 279 48.36 9.15 0.10
CA GLU C 279 49.42 8.14 0.30
C GLU C 279 48.89 6.71 0.36
N LYS C 280 47.83 6.51 1.15
CA LYS C 280 47.25 5.16 1.36
C LYS C 280 46.34 4.69 0.21
N ALA C 281 45.63 5.64 -0.42
CA ALA C 281 44.71 5.35 -1.53
C ALA C 281 45.41 4.98 -2.85
N TYR C 282 46.72 5.23 -2.96
CA TYR C 282 47.48 4.89 -4.16
C TYR C 282 47.50 3.37 -4.37
N HIS C 283 47.18 2.95 -5.60
CA HIS C 283 47.00 1.51 -5.94
C HIS C 283 46.07 0.78 -4.96
N GLU C 284 44.99 1.45 -4.57
CA GLU C 284 44.06 0.97 -3.56
C GLU C 284 42.68 1.50 -3.91
N GLN C 285 41.89 0.68 -4.62
CA GLN C 285 40.54 1.04 -5.00
C GLN C 285 39.57 0.40 -4.02
N LEU C 286 38.74 1.23 -3.38
CA LEU C 286 37.81 0.77 -2.36
C LEU C 286 36.44 0.51 -2.97
N SER C 287 36.01 -0.75 -2.94
CA SER C 287 34.77 -1.19 -3.57
C SER C 287 33.53 -0.73 -2.79
N VAL C 288 32.38 -0.96 -3.41
CA VAL C 288 31.10 -0.70 -2.75
C VAL C 288 30.98 -1.53 -1.46
N ALA C 289 31.41 -2.78 -1.52
CA ALA C 289 31.39 -3.66 -0.35
C ALA C 289 32.24 -3.13 0.82
N GLU C 290 33.37 -2.53 0.50
CA GLU C 290 34.32 -2.03 1.51
C GLU C 290 33.83 -0.76 2.19
N ILE C 291 33.36 0.21 1.39
CA ILE C 291 32.86 1.48 1.92
C ILE C 291 31.54 1.32 2.69
N THR C 292 30.68 0.43 2.20
CA THR C 292 29.43 0.10 2.90
C THR C 292 29.72 -0.55 4.26
N ASN C 293 30.68 -1.47 4.31
N ASN C 293 30.67 -1.49 4.28
CA ASN C 293 31.07 -2.10 5.57
CA ASN C 293 31.15 -2.12 5.51
C ASN C 293 31.69 -1.09 6.55
C ASN C 293 31.69 -1.11 6.53
N ALA C 294 32.40 -0.10 6.02
CA ALA C 294 32.96 0.99 6.83
C ALA C 294 31.91 1.86 7.55
N CYS C 295 30.72 2.00 6.96
CA CYS C 295 29.61 2.73 7.60
C CYS C 295 29.17 2.15 8.94
N PHE C 296 29.42 0.87 9.17
CA PHE C 296 29.07 0.24 10.44
C PHE C 296 30.24 0.17 11.42
N GLU C 297 31.44 0.53 10.95
CA GLU C 297 32.58 0.76 11.85
C GLU C 297 32.39 2.11 12.54
N PRO C 298 32.16 2.11 13.88
CA PRO C 298 31.79 3.34 14.58
C PRO C 298 32.87 4.41 14.69
N ALA C 299 34.11 4.06 14.36
CA ALA C 299 35.17 5.04 14.20
C ALA C 299 34.97 6.01 13.02
N ASN C 300 33.96 5.78 12.17
CA ASN C 300 33.63 6.69 11.06
C ASN C 300 32.38 7.56 11.26
N GLN C 301 31.80 7.54 12.47
CA GLN C 301 30.61 8.32 12.79
C GLN C 301 30.90 9.81 13.02
N MET C 302 29.94 10.66 12.64
CA MET C 302 30.02 12.10 12.95
C MET C 302 29.79 12.37 14.43
N VAL C 303 29.16 11.42 15.13
CA VAL C 303 28.92 11.57 16.56
C VAL C 303 29.37 10.30 17.27
N LYS C 304 30.11 10.50 18.37
CA LYS C 304 30.57 9.39 19.19
C LYS C 304 29.44 8.80 20.01
N CYS C 305 29.07 7.58 19.67
CA CYS C 305 28.14 6.77 20.42
C CYS C 305 28.38 5.32 20.00
N ASP C 306 27.67 4.37 20.60
CA ASP C 306 27.76 2.98 20.15
C ASP C 306 26.40 2.46 19.71
N PRO C 307 26.15 2.49 18.38
CA PRO C 307 24.92 1.92 17.81
C PRO C 307 24.73 0.43 18.12
N ARG C 308 25.85 -0.27 18.35
CA ARG C 308 25.83 -1.69 18.66
C ARG C 308 25.24 -1.98 20.03
N HIS C 309 25.31 -1.02 20.95
CA HIS C 309 24.63 -1.14 22.25
C HIS C 309 23.37 -0.25 22.32
N GLY C 310 22.65 -0.16 21.20
CA GLY C 310 21.37 0.56 21.11
C GLY C 310 20.44 -0.17 20.14
N LYS C 311 19.60 0.56 19.42
CA LYS C 311 18.61 -0.03 18.51
C LYS C 311 18.26 0.89 17.34
N TYR C 312 18.15 0.30 16.14
CA TYR C 312 17.89 1.06 14.93
C TYR C 312 16.40 1.31 14.70
N MET C 313 16.07 2.53 14.27
CA MET C 313 14.73 2.87 13.83
C MET C 313 14.69 3.22 12.34
N ALA C 314 15.84 3.16 11.67
CA ALA C 314 15.99 3.62 10.29
C ALA C 314 17.45 3.50 9.88
N CYS C 315 17.66 3.07 8.64
CA CYS C 315 18.97 2.99 8.04
CA CYS C 315 18.98 2.97 8.03
C CYS C 315 18.86 3.42 6.57
N CYS C 316 19.59 4.47 6.21
CA CYS C 316 19.59 4.99 4.84
C CYS C 316 21.01 5.08 4.34
N LEU C 317 21.24 4.69 3.08
CA LEU C 317 22.57 4.72 2.48
C LEU C 317 22.58 5.63 1.27
N LEU C 318 23.35 6.70 1.33
CA LEU C 318 23.42 7.69 0.27
C LEU C 318 24.76 7.58 -0.47
N TYR C 319 24.77 6.75 -1.51
CA TYR C 319 25.97 6.52 -2.33
C TYR C 319 26.10 7.64 -3.34
N ARG C 320 27.35 8.04 -3.60
CA ARG C 320 27.65 8.86 -4.76
C ARG C 320 28.86 8.29 -5.50
N GLY C 321 28.86 8.45 -6.83
CA GLY C 321 29.92 7.95 -7.68
C GLY C 321 29.57 6.69 -8.44
N ASP C 322 30.62 5.98 -8.87
CA ASP C 322 30.52 4.71 -9.60
C ASP C 322 29.93 3.64 -8.68
N VAL C 323 28.61 3.61 -8.63
CA VAL C 323 27.83 2.62 -7.88
C VAL C 323 26.60 2.25 -8.72
N VAL C 324 26.20 0.98 -8.62
CA VAL C 324 24.98 0.48 -9.25
C VAL C 324 24.24 -0.39 -8.21
N PRO C 325 22.90 -0.48 -8.31
CA PRO C 325 22.07 -1.26 -7.39
C PRO C 325 22.59 -2.65 -7.02
N LYS C 326 23.04 -3.40 -8.02
CA LYS C 326 23.48 -4.80 -7.83
C LYS C 326 24.47 -4.98 -6.68
N ASP C 327 25.54 -4.18 -6.71
CA ASP C 327 26.64 -4.27 -5.74
C ASP C 327 26.20 -3.88 -4.33
N VAL C 328 25.45 -2.79 -4.25
CA VAL C 328 24.83 -2.31 -3.00
C VAL C 328 24.04 -3.43 -2.36
N ASN C 329 23.25 -4.13 -3.15
CA ASN C 329 22.39 -5.19 -2.63
C ASN C 329 23.23 -6.35 -2.08
N ALA C 330 24.26 -6.72 -2.83
CA ALA C 330 25.22 -7.74 -2.39
C ALA C 330 25.88 -7.33 -1.07
N ALA C 331 26.36 -6.09 -1.03
CA ALA C 331 27.04 -5.53 0.15
C ALA C 331 26.18 -5.53 1.41
N ILE C 332 24.91 -5.12 1.29
CA ILE C 332 23.97 -5.09 2.43
C ILE C 332 23.70 -6.51 2.94
N ALA C 333 23.55 -7.47 2.03
CA ALA C 333 23.36 -8.89 2.36
C ALA C 333 24.52 -9.45 3.18
N THR C 334 25.75 -9.10 2.77
CA THR C 334 26.97 -9.43 3.52
C THR C 334 26.88 -8.91 4.96
N ILE C 335 26.56 -7.63 5.08
CA ILE C 335 26.48 -6.94 6.38
C ILE C 335 25.41 -7.52 7.30
N LYS C 336 24.23 -7.81 6.76
CA LYS C 336 23.10 -8.30 7.58
C LYS C 336 23.46 -9.51 8.45
N THR C 337 24.26 -10.43 7.90
CA THR C 337 24.71 -11.61 8.64
C THR C 337 25.87 -11.33 9.61
N LYS C 338 26.90 -10.63 9.12
CA LYS C 338 28.15 -10.44 9.86
C LYS C 338 28.15 -9.34 10.95
N ARG C 339 27.11 -8.51 11.03
CA ARG C 339 27.17 -7.30 11.87
C ARG C 339 25.96 -7.07 12.79
N SER C 340 26.21 -6.23 13.80
CA SER C 340 25.33 -6.05 14.96
C SER C 340 24.26 -4.98 14.71
N ILE C 341 23.24 -5.37 13.93
CA ILE C 341 22.16 -4.47 13.51
C ILE C 341 20.82 -5.00 14.03
N GLN C 342 20.41 -4.51 15.20
CA GLN C 342 19.09 -4.82 15.73
C GLN C 342 18.16 -3.63 15.55
N PHE C 343 16.99 -3.87 14.96
CA PHE C 343 15.94 -2.85 14.85
C PHE C 343 14.94 -2.99 15.98
N VAL C 344 14.26 -1.89 16.29
CA VAL C 344 13.09 -1.94 17.18
C VAL C 344 11.99 -2.81 16.54
N ASP C 345 11.10 -3.35 17.38
CA ASP C 345 10.06 -4.24 16.87
C ASP C 345 8.96 -3.58 16.07
N TRP C 346 8.89 -2.24 16.11
CA TRP C 346 7.85 -1.48 15.40
C TRP C 346 8.25 -0.93 14.02
N CYS C 347 9.54 -0.96 13.71
N CYS C 347 9.53 -0.96 13.69
CA CYS C 347 10.04 -0.48 12.41
CA CYS C 347 10.02 -0.42 12.41
C CYS C 347 10.34 -1.66 11.48
C CYS C 347 10.47 -1.56 11.48
N PRO C 348 10.15 -1.48 10.17
CA PRO C 348 10.66 -2.47 9.22
C PRO C 348 12.17 -2.37 9.06
N THR C 349 12.83 -3.51 8.87
CA THR C 349 14.29 -3.61 8.95
C THR C 349 15.02 -3.40 7.61
N GLY C 350 14.34 -2.88 6.59
CA GLY C 350 15.00 -2.54 5.32
C GLY C 350 16.03 -1.42 5.41
N PHE C 351 16.91 -1.34 4.42
CA PHE C 351 17.84 -0.23 4.28
C PHE C 351 17.38 0.56 3.06
N LYS C 352 17.19 1.85 3.20
CA LYS C 352 16.75 2.67 2.10
C LYS C 352 17.96 3.17 1.37
N VAL C 353 17.99 3.03 0.05
CA VAL C 353 19.18 3.37 -0.75
C VAL C 353 18.92 4.48 -1.76
N GLY C 354 19.92 5.36 -1.87
CA GLY C 354 19.99 6.36 -2.95
C GLY C 354 21.38 6.32 -3.56
N ILE C 355 21.47 6.70 -4.83
CA ILE C 355 22.72 6.71 -5.58
C ILE C 355 22.76 7.96 -6.47
N ASN C 356 23.78 8.81 -6.32
CA ASN C 356 24.11 9.84 -7.31
C ASN C 356 25.30 9.37 -8.14
N TYR C 357 25.29 9.69 -9.42
CA TYR C 357 26.39 9.27 -10.29
C TYR C 357 27.52 10.28 -10.24
N GLN C 358 27.20 11.57 -10.15
CA GLN C 358 28.22 12.61 -10.02
C GLN C 358 29.22 12.23 -8.91
N PRO C 359 30.47 11.86 -9.28
CA PRO C 359 31.38 11.31 -8.27
C PRO C 359 31.96 12.39 -7.38
N PRO C 360 32.40 12.01 -6.18
CA PRO C 360 32.75 12.99 -5.15
C PRO C 360 34.05 13.72 -5.45
N THR C 361 34.04 15.04 -5.33
CA THR C 361 35.23 15.84 -5.62
C THR C 361 35.92 16.19 -4.32
N VAL C 362 37.12 16.75 -4.46
CA VAL C 362 37.91 17.20 -3.33
C VAL C 362 38.42 18.60 -3.59
N VAL C 363 38.70 19.32 -2.51
CA VAL C 363 39.20 20.68 -2.56
C VAL C 363 40.69 20.60 -2.91
N PRO C 364 41.16 21.39 -3.91
CA PRO C 364 42.56 21.28 -4.35
C PRO C 364 43.55 21.63 -3.23
N GLY C 365 44.60 20.82 -3.10
CA GLY C 365 45.50 20.90 -1.96
C GLY C 365 44.84 20.54 -0.64
N GLY C 366 43.86 19.64 -0.70
CA GLY C 366 43.20 19.11 0.50
C GLY C 366 43.95 17.90 1.01
N ASP C 367 43.39 17.25 2.03
CA ASP C 367 43.98 16.03 2.59
C ASP C 367 43.29 14.76 2.12
N LEU C 368 42.01 14.85 1.78
CA LEU C 368 41.24 13.70 1.26
C LEU C 368 41.71 13.29 -0.13
N ALA C 369 41.84 11.99 -0.33
CA ALA C 369 42.14 11.43 -1.64
C ALA C 369 40.88 11.48 -2.48
N LYS C 370 41.07 11.63 -3.79
CA LYS C 370 39.95 11.55 -4.72
C LYS C 370 39.62 10.06 -4.86
N VAL C 371 38.37 9.71 -4.63
CA VAL C 371 37.94 8.32 -4.80
C VAL C 371 36.83 8.23 -5.85
N GLN C 372 36.67 7.05 -6.45
CA GLN C 372 35.67 6.84 -7.51
C GLN C 372 34.22 6.72 -6.97
N ARG C 373 34.09 6.17 -5.76
CA ARG C 373 32.79 6.04 -5.07
C ARG C 373 32.89 6.43 -3.59
N ALA C 374 31.73 6.69 -3.01
CA ALA C 374 31.61 7.15 -1.61
C ALA C 374 30.22 6.84 -1.10
N VAL C 375 30.02 7.01 0.20
CA VAL C 375 28.73 6.75 0.81
C VAL C 375 28.58 7.51 2.13
N CYS C 376 27.39 8.06 2.36
CA CYS C 376 27.02 8.60 3.66
C CYS C 376 25.82 7.83 4.17
N MET C 377 25.97 7.18 5.32
CA MET C 377 24.86 6.50 5.95
C MET C 377 24.21 7.46 6.93
N LEU C 378 22.89 7.57 6.86
CA LEU C 378 22.10 8.30 7.84
C LEU C 378 21.23 7.27 8.52
N SER C 379 21.49 7.03 9.80
CA SER C 379 20.69 6.10 10.60
C SER C 379 20.02 6.86 11.74
N ASN C 380 18.86 6.36 12.16
CA ASN C 380 18.21 6.82 13.38
C ASN C 380 18.37 5.75 14.47
N THR C 381 19.42 5.92 15.27
CA THR C 381 19.75 4.98 16.33
C THR C 381 19.47 5.63 17.70
N THR C 382 19.05 4.81 18.66
CA THR C 382 18.83 5.26 20.03
C THR C 382 20.14 5.63 20.70
N ALA C 383 21.23 5.01 20.23
CA ALA C 383 22.58 5.29 20.72
C ALA C 383 22.97 6.77 20.74
N ILE C 384 22.43 7.57 19.81
CA ILE C 384 22.75 8.99 19.75
C ILE C 384 22.36 9.77 21.02
N ALA C 385 21.43 9.23 21.80
CA ALA C 385 21.10 9.77 23.12
C ALA C 385 22.30 9.85 24.06
N GLU C 386 23.31 9.00 23.84
CA GLU C 386 24.59 9.07 24.56
C GLU C 386 25.25 10.44 24.46
N ALA C 387 25.17 11.07 23.29
CA ALA C 387 25.66 12.43 23.12
C ALA C 387 24.93 13.43 24.04
N TRP C 388 23.61 13.30 24.14
CA TRP C 388 22.82 14.10 25.08
C TRP C 388 23.23 13.80 26.53
N ALA C 389 23.52 12.52 26.83
CA ALA C 389 23.91 12.11 28.18
C ALA C 389 25.22 12.73 28.64
N ARG C 390 26.27 12.63 27.82
CA ARG C 390 27.57 13.20 28.14
C ARG C 390 27.48 14.70 28.43
N LEU C 391 26.68 15.38 27.63
CA LEU C 391 26.51 16.83 27.69
C LEU C 391 25.67 17.23 28.88
N ASP C 392 24.58 16.50 29.13
CA ASP C 392 23.72 16.71 30.30
C ASP C 392 24.44 16.52 31.65
N HIS C 393 25.40 15.62 31.71
CA HIS C 393 26.22 15.42 32.91
C HIS C 393 27.09 16.65 33.21
N LYS C 394 27.78 17.16 32.19
CA LYS C 394 28.60 18.36 32.30
C LYS C 394 27.76 19.55 32.76
N PHE C 395 26.58 19.71 32.15
CA PHE C 395 25.61 20.71 32.58
C PHE C 395 25.33 20.58 34.07
N ASP C 396 24.96 19.38 34.50
CA ASP C 396 24.61 19.10 35.90
C ASP C 396 25.72 19.40 36.92
N LEU C 397 26.98 19.12 36.57
CA LEU C 397 28.12 19.34 37.47
C LEU C 397 28.29 20.80 37.85
N MET C 398 28.19 21.67 36.85
CA MET C 398 28.25 23.12 37.05
C MET C 398 26.96 23.68 37.66
N TYR C 399 25.81 23.28 37.14
CA TYR C 399 24.52 23.83 37.61
C TYR C 399 24.23 23.50 39.08
N ALA C 400 24.75 22.36 39.56
CA ALA C 400 24.69 22.00 40.98
C ALA C 400 25.28 23.07 41.92
N LYS C 401 26.35 23.74 41.47
CA LYS C 401 27.01 24.85 42.21
C LYS C 401 26.62 26.25 41.68
N ARG C 402 25.71 26.29 40.71
CA ARG C 402 25.36 27.50 39.95
C ARG C 402 26.55 28.22 39.25
N ALA C 403 27.61 27.46 38.96
CA ALA C 403 28.85 28.01 38.40
C ALA C 403 28.53 28.76 37.12
N PHE C 404 29.02 30.01 37.02
CA PHE C 404 28.88 30.86 35.82
C PHE C 404 27.45 31.35 35.50
N VAL C 405 26.46 30.97 36.32
CA VAL C 405 25.06 31.26 36.00
C VAL C 405 24.76 32.77 36.06
N HIS C 406 25.55 33.50 36.85
CA HIS C 406 25.44 34.97 36.94
C HIS C 406 25.67 35.70 35.61
N TRP C 407 26.55 35.18 34.75
CA TRP C 407 26.77 35.77 33.41
C TRP C 407 25.50 35.75 32.57
N TYR C 408 24.67 34.73 32.79
CA TYR C 408 23.40 34.54 32.08
C TYR C 408 22.29 35.38 32.72
N VAL C 409 22.23 35.35 34.05
CA VAL C 409 21.27 36.16 34.82
C VAL C 409 21.52 37.66 34.63
N GLY C 410 22.79 38.05 34.55
CA GLY C 410 23.16 39.43 34.27
C GLY C 410 22.56 39.96 32.98
N GLU C 411 22.50 39.12 31.96
CA GLU C 411 21.99 39.50 30.66
C GLU C 411 20.47 39.29 30.49
N GLY C 412 19.79 38.94 31.58
CA GLY C 412 18.33 38.92 31.64
C GLY C 412 17.67 37.58 31.85
N MET C 413 18.41 36.48 31.74
CA MET C 413 17.82 35.16 31.93
C MET C 413 17.49 34.88 33.39
N GLU C 414 16.55 33.97 33.61
CA GLU C 414 16.18 33.48 34.93
C GLU C 414 16.79 32.11 35.13
N GLU C 415 16.88 31.69 36.38
CA GLU C 415 17.25 30.31 36.71
C GLU C 415 16.22 29.30 36.21
N GLY C 416 14.95 29.72 36.14
CA GLY C 416 13.88 28.89 35.57
C GLY C 416 14.15 28.37 34.18
N GLU C 417 14.79 29.18 33.33
CA GLU C 417 15.11 28.78 31.96
C GLU C 417 16.14 27.65 31.87
N PHE C 418 17.06 27.58 32.83
CA PHE C 418 18.03 26.49 32.92
C PHE C 418 17.36 25.15 33.24
N SER C 419 16.56 25.15 34.32
CA SER C 419 15.86 23.93 34.77
C SER C 419 14.78 23.47 33.78
N GLU C 420 14.08 24.44 33.19
CA GLU C 420 13.14 24.17 32.12
C GLU C 420 13.83 23.46 30.97
N ALA C 421 14.99 23.99 30.55
CA ALA C 421 15.76 23.38 29.47
C ALA C 421 16.24 22.00 29.88
N ARG C 422 16.85 21.92 31.06
CA ARG C 422 17.39 20.64 31.51
C ARG C 422 16.33 19.54 31.63
N GLU C 423 15.14 19.90 32.11
N GLU C 423 15.14 19.92 32.12
CA GLU C 423 14.03 18.93 32.21
CA GLU C 423 14.00 19.00 32.22
C GLU C 423 13.53 18.48 30.83
C GLU C 423 13.53 18.51 30.84
N ASP C 424 13.60 19.38 29.83
CA ASP C 424 13.30 19.02 28.44
C ASP C 424 14.31 17.99 27.93
N MET C 425 15.58 18.18 28.30
CA MET C 425 16.64 17.25 27.93
C MET C 425 16.50 15.91 28.65
N ALA C 426 16.03 15.95 29.90
CA ALA C 426 15.74 14.75 30.66
C ALA C 426 14.61 13.96 30.01
N ALA C 427 13.59 14.69 29.54
CA ALA C 427 12.48 14.09 28.79
C ALA C 427 12.96 13.45 27.48
N LEU C 428 13.78 14.19 26.72
CA LEU C 428 14.34 13.71 25.46
C LEU C 428 15.16 12.42 25.63
N GLU C 429 15.95 12.34 26.70
CA GLU C 429 16.70 11.11 27.02
C GLU C 429 15.76 9.95 27.32
N LYS C 430 14.66 10.26 28.01
CA LYS C 430 13.62 9.27 28.34
C LYS C 430 12.79 8.86 27.11
N ASP C 431 12.61 9.78 26.17
CA ASP C 431 11.94 9.49 24.89
C ASP C 431 12.75 8.51 24.04
N TYR C 432 14.05 8.78 23.91
CA TYR C 432 14.97 7.87 23.22
C TYR C 432 15.08 6.49 23.89
N GLU C 433 14.82 6.45 25.20
CA GLU C 433 14.75 5.20 25.97
C GLU C 433 13.44 4.44 25.70
N GLU C 434 12.31 5.17 25.72
CA GLU C 434 10.97 4.61 25.51
C GLU C 434 10.74 4.01 24.12
N VAL C 435 11.23 4.67 23.08
CA VAL C 435 11.12 4.16 21.70
C VAL C 435 11.84 2.83 21.47
N GLY C 436 12.94 2.62 22.20
CA GLY C 436 13.69 1.37 22.13
C GLY C 436 13.01 0.17 22.77
N VAL C 437 12.09 0.41 23.71
CA VAL C 437 11.42 -0.68 24.44
C VAL C 437 10.46 -1.44 23.50
N ASP C 438 10.40 -2.75 23.71
CA ASP C 438 9.56 -3.64 22.90
C ASP C 438 8.09 -3.49 23.28
N SER C 439 7.22 -3.75 22.31
CA SER C 439 5.78 -3.51 22.44
C SER C 439 5.10 -4.64 23.22
N VAL C 440 3.82 -4.44 23.55
CA VAL C 440 3.03 -5.41 24.31
C VAL C 440 1.64 -5.58 23.71
N MET D 1 34.41 43.71 19.24
CA MET D 1 35.12 44.38 20.36
C MET D 1 36.63 44.42 20.10
N ARG D 2 37.26 45.53 20.47
CA ARG D 2 38.69 45.74 20.20
C ARG D 2 39.38 46.64 21.23
N GLU D 3 38.94 47.89 21.36
CA GLU D 3 39.72 48.89 22.09
C GLU D 3 39.65 48.75 23.61
N ILE D 4 40.82 48.69 24.24
CA ILE D 4 40.96 48.80 25.69
C ILE D 4 41.47 50.21 26.02
N VAL D 5 40.97 50.76 27.12
CA VAL D 5 41.43 52.05 27.64
C VAL D 5 42.23 51.82 28.93
N HIS D 6 43.51 52.18 28.88
CA HIS D 6 44.46 51.95 29.98
C HIS D 6 44.45 53.13 30.96
N ILE D 7 44.66 52.86 32.25
CA ILE D 7 44.77 53.90 33.29
C ILE D 7 45.85 53.49 34.29
N GLN D 8 46.80 54.38 34.57
CA GLN D 8 47.85 54.13 35.57
C GLN D 8 47.76 55.19 36.66
N ALA D 9 47.54 54.75 37.90
CA ALA D 9 47.30 55.66 39.03
C ALA D 9 48.36 55.46 40.11
N GLY D 10 48.87 56.57 40.64
CA GLY D 10 49.94 56.53 41.63
C GLY D 10 51.29 56.22 41.00
N GLN D 11 52.27 55.99 41.86
CA GLN D 11 53.66 55.78 41.45
C GLN D 11 53.89 54.39 40.87
N CYS D 12 53.44 53.37 41.61
CA CYS D 12 53.59 51.98 41.18
C CYS D 12 52.91 51.74 39.85
N GLY D 13 51.64 52.14 39.78
CA GLY D 13 50.84 52.08 38.55
C GLY D 13 51.50 52.72 37.34
N ASN D 14 52.11 53.88 37.55
CA ASN D 14 52.78 54.60 36.46
C ASN D 14 54.09 53.95 36.03
N GLN D 15 54.85 53.41 36.98
CA GLN D 15 56.10 52.71 36.63
C GLN D 15 55.86 51.35 35.98
N ILE D 16 55.07 50.46 36.61
CA ILE D 16 54.74 49.15 35.98
C ILE D 16 53.99 49.35 34.66
N GLY D 17 53.17 50.40 34.61
CA GLY D 17 52.50 50.82 33.39
C GLY D 17 53.47 51.26 32.32
N ALA D 18 54.45 52.07 32.69
CA ALA D 18 55.49 52.51 31.76
C ALA D 18 56.25 51.33 31.15
N LYS D 19 56.64 50.37 32.00
CA LYS D 19 57.34 49.16 31.55
C LYS D 19 56.47 48.40 30.57
N PHE D 20 55.21 48.19 30.94
CA PHE D 20 54.24 47.53 30.06
C PHE D 20 54.22 48.16 28.68
N TRP D 21 54.21 49.49 28.62
CA TRP D 21 54.14 50.21 27.34
C TRP D 21 55.44 50.15 26.51
N GLU D 22 56.59 50.09 27.18
CA GLU D 22 57.88 49.86 26.50
C GLU D 22 57.90 48.48 25.84
N VAL D 23 57.51 47.46 26.60
CA VAL D 23 57.58 46.06 26.16
C VAL D 23 56.64 45.77 24.99
N ILE D 24 55.38 46.18 25.11
CA ILE D 24 54.40 45.88 24.05
C ILE D 24 54.63 46.74 22.80
N SER D 25 55.19 47.93 22.97
CA SER D 25 55.62 48.75 21.84
C SER D 25 56.77 48.06 21.10
N ASP D 26 57.74 47.52 21.84
CA ASP D 26 58.82 46.71 21.26
C ASP D 26 58.28 45.54 20.43
N GLU D 27 57.34 44.78 21.03
CA GLU D 27 56.78 43.59 20.38
C GLU D 27 55.93 43.91 19.14
N HIS D 28 55.21 45.04 19.17
CA HIS D 28 54.41 45.48 18.01
C HIS D 28 55.22 46.27 16.97
N GLY D 29 56.50 46.50 17.22
CA GLY D 29 57.37 47.22 16.30
C GLY D 29 57.02 48.69 16.31
N ILE D 30 57.13 49.31 17.50
CA ILE D 30 56.87 50.73 17.71
C ILE D 30 58.05 51.34 18.47
N ASP D 31 58.47 52.53 18.03
CA ASP D 31 59.63 53.26 18.61
C ASP D 31 59.13 54.49 19.38
N PRO D 32 59.99 55.11 20.23
CA PRO D 32 59.49 56.21 21.08
C PRO D 32 58.81 57.39 20.38
N THR D 33 59.11 57.63 19.10
CA THR D 33 58.36 58.61 18.29
C THR D 33 56.97 58.09 17.91
N GLY D 34 56.88 56.80 17.58
CA GLY D 34 55.61 56.13 17.30
C GLY D 34 55.43 55.78 15.83
N SER D 35 56.41 55.07 15.27
CA SER D 35 56.42 54.65 13.87
C SER D 35 56.55 53.13 13.79
N TYR D 36 55.85 52.52 12.85
CA TYR D 36 55.93 51.06 12.66
C TYR D 36 57.24 50.66 11.97
N HIS D 37 58.22 50.25 12.78
CA HIS D 37 59.45 49.64 12.28
C HIS D 37 59.46 48.17 12.72
N GLY D 38 58.78 47.34 11.93
CA GLY D 38 58.70 45.90 12.16
C GLY D 38 59.00 45.12 10.89
N ASP D 39 58.08 44.23 10.50
CA ASP D 39 58.26 43.32 9.35
C ASP D 39 57.05 42.42 9.11
N SER D 40 56.49 41.87 10.20
CA SER D 40 55.32 41.00 10.16
C SER D 40 54.02 41.80 10.16
N ASP D 41 53.05 41.35 9.36
CA ASP D 41 51.69 41.90 9.38
C ASP D 41 50.94 41.58 10.69
N LEU D 42 51.36 40.51 11.38
CA LEU D 42 50.78 40.12 12.68
C LEU D 42 50.93 41.19 13.77
N GLN D 43 52.02 41.96 13.73
CA GLN D 43 52.26 43.06 14.68
C GLN D 43 51.15 44.11 14.70
N LEU D 44 50.62 44.42 13.51
CA LEU D 44 49.63 45.48 13.34
C LEU D 44 48.18 45.03 13.41
N GLU D 45 47.91 43.75 13.16
CA GLU D 45 46.54 43.29 12.87
C GLU D 45 45.51 43.62 13.97
N ARG D 46 45.94 43.59 15.23
CA ARG D 46 45.11 44.01 16.37
C ARG D 46 45.85 45.06 17.20
N ILE D 47 46.39 46.06 16.51
CA ILE D 47 47.08 47.19 17.13
C ILE D 47 46.09 48.17 17.78
N ASN D 48 44.89 48.27 17.22
CA ASN D 48 43.83 49.17 17.72
C ASN D 48 43.47 48.96 19.20
N VAL D 49 43.67 47.74 19.69
CA VAL D 49 43.39 47.36 21.07
C VAL D 49 44.00 48.35 22.08
N TYR D 50 45.28 48.67 21.89
CA TYR D 50 46.03 49.53 22.81
C TYR D 50 46.49 50.87 22.21
N TYR D 51 46.27 51.10 20.91
CA TYR D 51 46.83 52.27 20.21
C TYR D 51 45.77 53.01 19.38
N ASN D 52 45.90 54.34 19.34
CA ASN D 52 45.13 55.20 18.43
C ASN D 52 45.97 55.52 17.20
N GLU D 53 45.31 55.68 16.05
CA GLU D 53 45.99 56.00 14.80
C GLU D 53 45.88 57.49 14.47
N ALA D 54 46.84 58.27 14.97
CA ALA D 54 46.95 59.70 14.62
C ALA D 54 47.50 59.86 13.20
N THR D 55 47.44 61.09 12.68
CA THR D 55 47.89 61.38 11.32
C THR D 55 49.40 61.16 11.15
N GLY D 56 49.80 60.91 9.90
CA GLY D 56 51.18 60.54 9.58
C GLY D 56 51.54 59.15 10.08
N ASN D 57 50.55 58.25 10.11
CA ASN D 57 50.70 56.88 10.64
C ASN D 57 51.35 56.82 12.03
N LYS D 58 50.94 57.73 12.91
CA LYS D 58 51.45 57.81 14.27
C LYS D 58 50.63 56.89 15.20
N TYR D 59 51.33 56.02 15.95
CA TYR D 59 50.69 55.09 16.90
C TYR D 59 50.86 55.58 18.34
N VAL D 60 49.73 55.89 18.98
CA VAL D 60 49.71 56.57 20.29
C VAL D 60 48.92 55.74 21.30
N PRO D 61 49.54 55.36 22.44
CA PRO D 61 48.85 54.60 23.49
C PRO D 61 47.53 55.20 23.94
N ARG D 62 46.59 54.34 24.31
CA ARG D 62 45.32 54.78 24.88
C ARG D 62 45.42 54.69 26.39
N ALA D 63 46.39 55.42 26.93
CA ALA D 63 46.72 55.41 28.36
C ALA D 63 46.45 56.78 28.97
N ILE D 64 46.03 56.77 30.24
CA ILE D 64 45.65 57.98 30.97
C ILE D 64 46.48 58.04 32.25
N LEU D 65 47.49 58.92 32.26
CA LEU D 65 48.51 58.94 33.29
C LEU D 65 48.06 59.86 34.41
N VAL D 66 47.95 59.32 35.62
CA VAL D 66 47.29 59.99 36.73
C VAL D 66 48.10 59.82 38.02
N ASP D 67 48.21 60.89 38.80
CA ASP D 67 48.77 60.86 40.18
C ASP D 67 48.48 62.19 40.89
N LEU D 68 48.31 62.14 42.22
CA LEU D 68 48.17 63.37 43.04
C LEU D 68 49.53 64.07 43.32
N GLU D 69 50.63 63.47 42.88
CA GLU D 69 51.97 64.00 43.01
C GLU D 69 52.55 64.24 41.60
N PRO D 70 53.01 65.47 41.29
CA PRO D 70 53.82 65.63 40.08
C PRO D 70 55.23 65.07 40.29
N GLY D 71 56.07 65.08 39.27
CA GLY D 71 57.39 64.42 39.32
C GLY D 71 57.35 63.01 38.78
N THR D 72 56.29 62.27 39.14
CA THR D 72 55.94 61.03 38.44
C THR D 72 55.58 61.30 36.98
N MET D 73 54.96 62.44 36.71
CA MET D 73 54.78 62.92 35.32
C MET D 73 56.10 63.10 34.57
N ASP D 74 57.12 63.61 35.25
CA ASP D 74 58.43 63.85 34.66
C ASP D 74 59.18 62.54 34.41
N SER D 75 59.25 61.68 35.41
CA SER D 75 59.99 60.40 35.30
C SER D 75 59.41 59.49 34.21
N VAL D 76 58.09 59.50 34.05
CA VAL D 76 57.44 58.76 32.95
C VAL D 76 57.81 59.39 31.60
N ARG D 77 57.80 60.72 31.53
CA ARG D 77 58.11 61.45 30.29
C ARG D 77 59.60 61.42 29.93
N SER D 78 60.47 61.45 30.94
CA SER D 78 61.92 61.32 30.74
C SER D 78 62.32 59.89 30.38
N GLY D 79 61.53 58.91 30.80
CA GLY D 79 61.82 57.49 30.55
C GLY D 79 61.78 57.08 29.09
N PRO D 80 62.33 55.88 28.75
CA PRO D 80 62.57 55.43 27.38
C PRO D 80 61.45 55.71 26.36
N PHE D 81 60.21 55.39 26.72
CA PHE D 81 59.05 55.63 25.84
C PHE D 81 58.12 56.74 26.38
N GLY D 82 58.70 57.73 27.05
CA GLY D 82 57.94 58.84 27.59
C GLY D 82 57.36 59.75 26.51
N GLN D 83 58.08 59.88 25.40
CA GLN D 83 57.66 60.72 24.26
C GLN D 83 56.34 60.27 23.62
N ILE D 84 56.13 58.95 23.54
CA ILE D 84 55.02 58.38 22.76
C ILE D 84 53.62 58.67 23.33
N PHE D 85 53.55 58.93 24.64
CA PHE D 85 52.29 59.22 25.31
C PHE D 85 51.69 60.53 24.82
N ARG D 86 50.38 60.63 24.91
CA ARG D 86 49.64 61.80 24.46
C ARG D 86 49.69 62.87 25.55
N PRO D 87 50.00 64.14 25.19
CA PRO D 87 50.34 65.14 26.23
C PRO D 87 49.18 65.55 27.16
N ASP D 88 47.96 65.59 26.62
CA ASP D 88 46.78 65.99 27.41
C ASP D 88 46.30 64.86 28.33
N ASN D 89 46.71 63.62 28.06
CA ASN D 89 46.37 62.46 28.90
C ASN D 89 47.04 62.45 30.28
N PHE D 90 48.04 63.30 30.48
CA PHE D 90 48.66 63.49 31.80
C PHE D 90 47.68 64.33 32.63
N VAL D 91 47.31 63.83 33.82
CA VAL D 91 46.33 64.49 34.69
C VAL D 91 46.82 64.40 36.13
N PHE D 92 47.67 65.34 36.52
CA PHE D 92 48.44 65.25 37.77
C PHE D 92 48.05 66.31 38.77
N GLY D 93 47.92 65.89 40.03
CA GLY D 93 47.56 66.78 41.13
C GLY D 93 48.73 67.54 41.72
N GLN D 94 48.54 68.04 42.94
CA GLN D 94 49.46 68.99 43.58
C GLN D 94 50.29 68.35 44.70
N SER D 95 49.62 68.06 45.81
CA SER D 95 50.29 67.83 47.10
C SER D 95 50.56 66.36 47.43
N GLY D 96 50.09 65.43 46.60
CA GLY D 96 50.27 64.00 46.85
C GLY D 96 49.29 63.45 47.88
N ALA D 97 49.41 62.15 48.14
CA ALA D 97 48.50 61.41 49.04
C ALA D 97 49.12 61.01 50.38
N GLY D 98 50.45 60.79 50.40
CA GLY D 98 51.17 60.44 51.63
C GLY D 98 50.68 59.14 52.28
N ASN D 99 50.49 58.12 51.45
CA ASN D 99 50.00 56.80 51.88
C ASN D 99 48.73 56.88 52.73
N ASN D 100 47.76 57.67 52.24
CA ASN D 100 46.44 57.78 52.85
C ASN D 100 45.36 57.45 51.82
N TRP D 101 44.70 56.32 52.02
CA TRP D 101 43.59 55.86 51.19
C TRP D 101 42.37 56.78 51.25
N ALA D 102 42.08 57.32 52.44
CA ALA D 102 40.94 58.23 52.64
C ALA D 102 41.10 59.54 51.88
N LYS D 103 42.34 60.02 51.75
CA LYS D 103 42.64 61.17 50.91
C LYS D 103 42.40 60.88 49.42
N GLY D 104 42.93 59.74 48.95
CA GLY D 104 42.78 59.32 47.56
C GLY D 104 41.35 59.06 47.10
N HIS D 105 40.58 58.36 47.93
CA HIS D 105 39.22 57.95 47.58
C HIS D 105 38.19 59.06 47.84
N TYR D 106 38.21 59.64 49.04
CA TYR D 106 37.12 60.52 49.51
C TYR D 106 37.35 62.03 49.36
N THR D 107 38.51 62.55 49.80
CA THR D 107 38.72 64.02 49.91
C THR D 107 39.55 64.62 48.75
N GLU D 108 40.87 64.45 48.78
CA GLU D 108 41.77 65.09 47.81
C GLU D 108 41.59 64.55 46.39
N GLY D 109 41.67 63.22 46.25
CA GLY D 109 41.50 62.57 44.95
C GLY D 109 40.13 62.76 44.33
N ALA D 110 39.11 62.94 45.17
CA ALA D 110 37.74 63.23 44.72
C ALA D 110 37.61 64.54 43.93
N GLU D 111 38.53 65.49 44.16
CA GLU D 111 38.57 66.74 43.40
C GLU D 111 39.12 66.49 42.00
N LEU D 112 40.24 65.78 41.92
CA LEU D 112 40.92 65.52 40.65
C LEU D 112 40.16 64.54 39.72
N VAL D 113 39.31 63.70 40.31
CA VAL D 113 38.64 62.61 39.56
C VAL D 113 37.85 63.03 38.31
N ASP D 114 37.24 64.22 38.35
CA ASP D 114 36.42 64.71 37.23
C ASP D 114 37.25 65.03 35.98
N SER D 115 38.43 65.62 36.16
CA SER D 115 39.33 65.93 35.04
C SER D 115 40.05 64.68 34.51
N VAL D 116 40.13 63.62 35.33
CA VAL D 116 40.58 62.30 34.86
C VAL D 116 39.50 61.70 33.98
N LEU D 117 38.27 61.66 34.50
CA LEU D 117 37.11 61.18 33.75
C LEU D 117 36.94 61.84 32.38
N ASP D 118 37.25 63.14 32.28
CA ASP D 118 37.19 63.85 30.99
C ASP D 118 38.12 63.26 29.92
N VAL D 119 39.32 62.86 30.33
CA VAL D 119 40.28 62.22 29.42
C VAL D 119 39.77 60.82 29.03
N VAL D 120 39.17 60.12 30.00
CA VAL D 120 38.56 58.80 29.77
C VAL D 120 37.44 58.94 28.74
N ARG D 121 36.48 59.83 29.03
CA ARG D 121 35.35 60.11 28.13
C ARG D 121 35.77 60.53 26.73
N LYS D 122 36.88 61.27 26.63
CA LYS D 122 37.38 61.68 25.32
C LYS D 122 37.97 60.48 24.55
N GLU D 123 38.71 59.63 25.26
CA GLU D 123 39.30 58.40 24.66
C GLU D 123 38.25 57.32 24.35
N SER D 124 37.35 57.08 25.31
CA SER D 124 36.28 56.08 25.17
C SER D 124 35.36 56.36 23.99
N GLU D 125 34.99 57.63 23.85
CA GLU D 125 34.08 58.08 22.78
C GLU D 125 34.66 57.86 21.37
N SER D 126 35.98 57.97 21.25
CA SER D 126 36.68 57.78 19.97
C SER D 126 36.98 56.30 19.61
N CYS D 127 36.68 55.36 20.52
CA CYS D 127 36.79 53.92 20.23
C CYS D 127 35.69 53.48 19.27
N ASP D 128 36.08 52.72 18.25
CA ASP D 128 35.13 52.07 17.33
C ASP D 128 34.15 51.19 18.11
N CYS D 129 34.69 50.38 19.01
CA CYS D 129 33.90 49.54 19.90
C CYS D 129 34.67 49.25 21.18
N LEU D 130 34.41 50.04 22.22
CA LEU D 130 35.08 49.93 23.50
C LEU D 130 34.72 48.61 24.17
N GLN D 131 35.74 47.81 24.51
CA GLN D 131 35.52 46.53 25.20
C GLN D 131 35.65 46.65 26.72
N GLY D 132 36.64 47.40 27.20
CA GLY D 132 36.81 47.58 28.63
C GLY D 132 37.96 48.46 29.05
N PHE D 133 38.31 48.35 30.33
CA PHE D 133 39.33 49.18 30.97
C PHE D 133 40.34 48.31 31.72
N GLN D 134 41.60 48.76 31.78
CA GLN D 134 42.58 48.18 32.69
C GLN D 134 43.31 49.24 33.51
N LEU D 135 43.37 49.01 34.82
CA LEU D 135 44.05 49.88 35.78
C LEU D 135 45.33 49.22 36.28
N THR D 136 46.45 49.96 36.24
CA THR D 136 47.68 49.57 36.94
C THR D 136 47.83 50.47 38.15
N HIS D 137 47.96 49.84 39.32
CA HIS D 137 48.00 50.55 40.59
C HIS D 137 48.47 49.61 41.69
N SER D 138 48.68 50.15 42.88
CA SER D 138 49.03 49.37 44.06
C SER D 138 47.92 49.55 45.09
N LEU D 139 47.74 48.54 45.93
CA LEU D 139 46.76 48.59 47.00
C LEU D 139 47.39 49.05 48.33
N GLY D 140 48.72 49.24 48.34
CA GLY D 140 49.45 49.67 49.53
C GLY D 140 49.55 51.17 49.70
N GLY D 141 49.64 51.91 48.59
CA GLY D 141 49.82 53.36 48.62
C GLY D 141 48.58 54.17 48.99
N GLY D 142 48.52 55.40 48.49
CA GLY D 142 47.43 56.33 48.76
C GLY D 142 46.58 56.67 47.55
N THR D 143 47.24 57.07 46.45
CA THR D 143 46.54 57.48 45.24
C THR D 143 46.03 56.26 44.47
N GLY D 144 46.95 55.39 44.03
CA GLY D 144 46.60 54.18 43.29
C GLY D 144 45.66 53.29 44.07
N SER D 145 45.89 53.19 45.38
CA SER D 145 45.05 52.40 46.26
C SER D 145 43.66 53.01 46.42
N GLY D 146 43.58 54.31 46.68
CA GLY D 146 42.30 54.97 47.01
C GLY D 146 41.60 55.62 45.84
N MET D 147 42.32 56.49 45.13
CA MET D 147 41.78 57.19 43.97
C MET D 147 41.60 56.24 42.79
N GLY D 148 42.41 55.18 42.72
CA GLY D 148 42.22 54.12 41.74
C GLY D 148 40.88 53.43 41.91
N THR D 149 40.57 53.02 43.13
CA THR D 149 39.30 52.32 43.42
C THR D 149 38.07 53.23 43.37
N LEU D 150 38.29 54.55 43.36
CA LEU D 150 37.22 55.52 43.08
C LEU D 150 36.96 55.62 41.60
N LEU D 151 38.03 55.65 40.80
CA LEU D 151 37.93 55.68 39.33
C LEU D 151 37.26 54.43 38.80
N ILE D 152 37.62 53.28 39.37
CA ILE D 152 36.94 52.02 39.07
C ILE D 152 35.44 52.25 39.26
N SER D 153 35.08 52.71 40.46
CA SER D 153 33.67 52.96 40.81
C SER D 153 32.99 53.97 39.88
N LYS D 154 33.69 55.06 39.57
CA LYS D 154 33.14 56.14 38.74
C LYS D 154 33.02 55.76 37.27
N ILE D 155 34.00 55.02 36.75
CA ILE D 155 33.94 54.51 35.38
C ILE D 155 32.80 53.47 35.24
N ARG D 156 32.54 52.71 36.30
CA ARG D 156 31.44 51.76 36.36
C ARG D 156 30.05 52.43 36.21
N GLU D 157 29.92 53.69 36.64
CA GLU D 157 28.65 54.43 36.50
C GLU D 157 28.32 54.83 35.07
N GLU D 158 29.35 55.20 34.30
CA GLU D 158 29.16 55.62 32.89
C GLU D 158 29.40 54.51 31.86
N TYR D 159 29.98 53.39 32.30
CA TYR D 159 30.25 52.25 31.43
C TYR D 159 30.01 50.96 32.22
N PRO D 160 28.75 50.74 32.67
CA PRO D 160 28.47 49.59 33.55
C PRO D 160 28.52 48.21 32.88
N ASP D 161 28.42 48.17 31.55
CA ASP D 161 28.44 46.94 30.78
C ASP D 161 29.80 46.64 30.11
N ARG D 162 30.81 47.45 30.40
CA ARG D 162 32.18 47.21 29.92
C ARG D 162 33.00 46.45 30.97
N ILE D 163 34.03 45.72 30.51
CA ILE D 163 34.88 44.93 31.40
C ILE D 163 35.84 45.84 32.16
N MET D 164 36.08 45.51 33.43
CA MET D 164 36.99 46.27 34.28
C MET D 164 38.11 45.36 34.83
N ASN D 165 39.24 45.35 34.13
CA ASN D 165 40.46 44.66 34.60
C ASN D 165 41.26 45.54 35.54
N THR D 166 42.01 44.90 36.45
CA THR D 166 43.03 45.59 37.25
C THR D 166 44.27 44.71 37.38
N PHE D 167 45.42 45.37 37.38
CA PHE D 167 46.68 44.78 37.78
C PHE D 167 47.03 45.39 39.12
N SER D 168 46.41 44.86 40.17
CA SER D 168 46.54 45.38 41.53
C SER D 168 47.80 44.85 42.20
N VAL D 169 48.74 45.76 42.50
CA VAL D 169 50.00 45.40 43.18
C VAL D 169 49.81 45.36 44.70
N VAL D 170 49.84 44.14 45.25
CA VAL D 170 49.54 43.87 46.65
C VAL D 170 50.81 44.13 47.50
N PRO D 171 50.66 44.83 48.65
CA PRO D 171 51.84 45.24 49.43
C PRO D 171 52.50 44.12 50.24
N SER D 172 53.76 44.33 50.61
CA SER D 172 54.55 43.37 51.40
C SER D 172 55.60 44.11 52.26
N PRO D 173 55.76 43.71 53.55
CA PRO D 173 56.85 44.21 54.39
C PRO D 173 58.26 44.04 53.81
N LYS D 174 58.53 42.89 53.21
CA LYS D 174 59.86 42.57 52.65
C LYS D 174 60.36 43.59 51.61
N VAL D 175 59.44 44.25 50.90
CA VAL D 175 59.79 45.27 49.89
C VAL D 175 59.66 46.70 50.43
N SER D 176 58.56 46.97 51.14
CA SER D 176 58.25 48.31 51.65
C SER D 176 57.69 48.25 53.05
N ASP D 177 58.28 49.03 53.94
CA ASP D 177 58.07 48.90 55.39
C ASP D 177 57.29 50.08 55.99
N THR D 178 56.40 50.69 55.20
CA THR D 178 55.45 51.65 55.73
C THR D 178 54.47 50.88 56.60
N VAL D 179 54.05 51.48 57.72
CA VAL D 179 53.32 50.74 58.74
C VAL D 179 51.81 50.55 58.47
N VAL D 180 51.21 51.37 57.61
CA VAL D 180 49.73 51.35 57.38
C VAL D 180 49.28 50.82 56.01
N GLU D 181 50.12 50.04 55.33
CA GLU D 181 49.75 49.40 54.06
C GLU D 181 48.69 48.30 54.23
N PRO D 182 48.71 47.56 55.36
CA PRO D 182 47.62 46.63 55.64
C PRO D 182 46.23 47.26 55.71
N TYR D 183 46.13 48.48 56.23
CA TYR D 183 44.88 49.25 56.19
C TYR D 183 44.42 49.59 54.77
N ASN D 184 45.37 50.02 53.94
CA ASN D 184 45.08 50.50 52.58
C ASN D 184 44.65 49.37 51.64
N ALA D 185 45.34 48.23 51.71
CA ALA D 185 44.98 47.04 50.93
C ALA D 185 43.57 46.55 51.26
N THR D 186 43.29 46.36 52.55
CA THR D 186 41.98 45.87 53.00
C THR D 186 40.83 46.82 52.62
N LEU D 187 41.09 48.11 52.59
CA LEU D 187 40.09 49.09 52.14
C LEU D 187 39.88 48.99 50.62
N SER D 188 40.96 48.79 49.88
CA SER D 188 40.89 48.62 48.43
C SER D 188 40.17 47.33 48.04
N VAL D 189 40.55 46.22 48.66
CA VAL D 189 39.93 44.92 48.41
C VAL D 189 38.40 44.97 48.56
N HIS D 190 37.91 45.77 49.52
CA HIS D 190 36.45 45.99 49.71
C HIS D 190 35.76 46.63 48.48
N GLN D 191 36.48 47.45 47.73
CA GLN D 191 35.98 48.05 46.48
C GLN D 191 36.11 47.09 45.29
N LEU D 192 37.24 46.38 45.22
CA LEU D 192 37.56 45.48 44.10
C LEU D 192 36.62 44.28 43.97
N VAL D 193 36.18 43.74 45.11
CA VAL D 193 35.27 42.59 45.13
C VAL D 193 33.89 42.96 44.53
N GLU D 194 33.47 44.21 44.72
CA GLU D 194 32.18 44.68 44.24
C GLU D 194 32.27 45.26 42.81
N ASN D 195 33.36 45.96 42.47
CA ASN D 195 33.41 46.82 41.26
C ASN D 195 34.33 46.41 40.09
N THR D 196 34.94 45.23 40.13
CA THR D 196 35.76 44.76 39.00
C THR D 196 35.33 43.36 38.52
N ASP D 197 35.61 43.10 37.24
CA ASP D 197 35.28 41.82 36.61
C ASP D 197 36.42 40.81 36.71
N GLU D 198 37.66 41.28 36.73
CA GLU D 198 38.83 40.43 36.96
C GLU D 198 40.07 41.21 37.39
N THR D 199 40.70 40.79 38.48
CA THR D 199 41.84 41.46 39.08
C THR D 199 43.04 40.51 39.14
N TYR D 200 44.14 40.91 38.51
CA TYR D 200 45.40 40.18 38.56
C TYR D 200 46.17 40.55 39.83
N CYS D 201 46.16 39.67 40.82
CA CYS D 201 46.93 39.86 42.05
C CYS D 201 48.43 39.73 41.80
N ILE D 202 49.07 40.86 41.51
CA ILE D 202 50.53 40.95 41.43
C ILE D 202 51.00 41.26 42.85
N ASP D 203 51.79 40.35 43.43
CA ASP D 203 52.17 40.42 44.85
C ASP D 203 53.65 40.73 44.98
N ASN D 204 53.98 41.69 45.84
CA ASN D 204 55.36 42.07 46.09
C ASN D 204 56.19 41.03 46.83
N GLU D 205 55.56 40.27 47.74
CA GLU D 205 56.24 39.21 48.47
C GLU D 205 56.67 38.06 47.54
N ALA D 206 55.81 37.73 46.58
CA ALA D 206 56.17 36.79 45.52
C ALA D 206 57.28 37.34 44.62
N LEU D 207 57.19 38.63 44.29
CA LEU D 207 58.20 39.29 43.46
C LEU D 207 59.57 39.41 44.13
N TYR D 208 59.59 39.69 45.44
CA TYR D 208 60.84 39.74 46.22
C TYR D 208 61.47 38.36 46.30
N ASP D 209 60.67 37.37 46.69
CA ASP D 209 61.13 35.99 46.83
C ASP D 209 61.69 35.40 45.53
N ILE D 210 61.03 35.66 44.40
CA ILE D 210 61.53 35.21 43.09
C ILE D 210 62.85 35.90 42.73
N CYS D 211 62.93 37.20 42.99
CA CYS D 211 64.16 37.97 42.75
C CYS D 211 65.33 37.49 43.60
N PHE D 212 65.07 37.23 44.88
CA PHE D 212 66.08 36.71 45.79
C PHE D 212 66.47 35.28 45.43
N ARG D 213 65.49 34.37 45.47
CA ARG D 213 65.75 32.94 45.41
C ARG D 213 66.08 32.47 44.00
N THR D 214 65.13 32.60 43.07
CA THR D 214 65.32 32.08 41.72
C THR D 214 66.35 32.91 40.94
N LEU D 215 66.13 34.23 40.86
CA LEU D 215 67.01 35.13 40.10
C LEU D 215 68.31 35.56 40.83
N LYS D 216 68.54 35.04 42.04
CA LYS D 216 69.84 35.13 42.75
C LYS D 216 70.24 36.52 43.29
N LEU D 217 69.35 37.50 43.22
CA LEU D 217 69.69 38.89 43.60
C LEU D 217 69.55 39.10 45.11
N THR D 218 70.64 39.53 45.75
CA THR D 218 70.75 39.54 47.21
C THR D 218 69.83 40.55 47.92
N THR D 219 69.65 41.74 47.33
CA THR D 219 68.65 42.73 47.77
C THR D 219 68.13 43.55 46.56
N PRO D 220 66.88 43.29 46.09
CA PRO D 220 66.45 43.75 44.76
C PRO D 220 65.71 45.10 44.73
N THR D 221 65.93 45.85 43.66
CA THR D 221 65.30 47.15 43.45
C THR D 221 63.90 46.98 42.86
N TYR D 222 63.18 48.10 42.77
CA TYR D 222 61.90 48.14 42.05
C TYR D 222 62.05 47.85 40.54
N GLY D 223 63.23 48.10 39.97
CA GLY D 223 63.51 47.72 38.59
C GLY D 223 63.50 46.22 38.35
N ASP D 224 64.02 45.48 39.33
CA ASP D 224 64.08 44.00 39.26
C ASP D 224 62.71 43.34 39.44
N LEU D 225 61.88 43.92 40.32
CA LEU D 225 60.51 43.46 40.48
C LEU D 225 59.71 43.69 39.19
N ASN D 226 59.91 44.83 38.56
CA ASN D 226 59.14 45.22 37.38
C ASN D 226 59.58 44.57 36.06
N HIS D 227 60.78 44.00 36.01
CA HIS D 227 61.15 43.11 34.89
C HIS D 227 60.14 41.95 34.81
N LEU D 228 59.75 41.43 35.98
CA LEU D 228 58.75 40.36 36.11
C LEU D 228 57.35 40.86 35.79
N VAL D 229 56.92 41.92 36.47
CA VAL D 229 55.56 42.47 36.30
C VAL D 229 55.26 42.84 34.85
N SER D 230 56.27 43.33 34.13
CA SER D 230 56.15 43.63 32.70
C SER D 230 56.01 42.35 31.85
N ALA D 231 56.83 41.33 32.15
CA ALA D 231 56.76 40.06 31.43
C ALA D 231 55.43 39.34 31.65
N THR D 232 54.90 39.44 32.87
CA THR D 232 53.58 38.92 33.22
C THR D 232 52.48 39.69 32.47
N MET D 233 52.55 41.02 32.55
CA MET D 233 51.59 41.87 31.82
C MET D 233 51.69 41.72 30.31
N SER D 234 52.88 41.38 29.80
CA SER D 234 53.05 41.06 28.38
C SER D 234 52.36 39.74 28.02
N GLY D 235 52.47 38.76 28.91
CA GLY D 235 51.92 37.43 28.68
C GLY D 235 50.40 37.36 28.62
N VAL D 236 49.74 37.96 29.61
CA VAL D 236 48.26 37.84 29.71
C VAL D 236 47.52 38.67 28.67
N THR D 237 48.17 39.67 28.09
CA THR D 237 47.60 40.46 26.99
C THR D 237 47.96 39.92 25.59
N THR D 238 48.91 38.99 25.51
CA THR D 238 49.36 38.37 24.24
C THR D 238 48.23 37.97 23.27
N CYS D 239 47.20 37.33 23.81
CA CYS D 239 46.06 36.88 23.00
C CYS D 239 45.19 38.04 22.49
N LEU D 240 45.03 39.08 23.31
CA LEU D 240 44.34 40.31 22.90
C LEU D 240 45.12 41.09 21.83
N ARG D 241 46.45 41.05 21.94
CA ARG D 241 47.33 41.87 21.13
C ARG D 241 47.61 41.28 19.75
N PHE D 242 47.79 39.96 19.68
CA PHE D 242 48.07 39.25 18.42
C PHE D 242 46.87 38.43 17.94
N PRO D 243 46.91 37.93 16.68
CA PRO D 243 45.80 37.10 16.20
C PRO D 243 45.70 35.69 16.81
N GLY D 244 46.50 34.72 16.33
CA GLY D 244 46.22 33.30 16.60
C GLY D 244 44.86 32.86 16.04
N GLN D 245 44.52 31.58 16.20
CA GLN D 245 43.20 31.07 15.77
C GLN D 245 42.11 31.23 16.85
N LEU D 246 42.53 31.59 18.06
CA LEU D 246 41.63 32.11 19.09
C LEU D 246 41.44 33.60 18.81
N ASN D 247 40.23 34.12 19.06
CA ASN D 247 39.94 35.55 18.88
C ASN D 247 40.45 36.38 20.08
N ALA D 248 39.98 36.02 21.27
CA ALA D 248 40.42 36.59 22.55
C ALA D 248 39.98 38.02 22.79
N ASP D 249 38.93 38.19 23.61
CA ASP D 249 38.54 39.49 24.15
C ASP D 249 38.33 39.37 25.66
N LEU D 250 38.11 40.49 26.33
CA LEU D 250 38.08 40.48 27.80
C LEU D 250 36.85 39.76 28.33
N ARG D 251 35.73 39.86 27.60
CA ARG D 251 34.47 39.26 28.03
C ARG D 251 34.58 37.75 28.02
N LYS D 252 35.05 37.16 26.93
CA LYS D 252 35.14 35.70 26.85
C LYS D 252 36.11 35.13 27.88
N LEU D 253 37.20 35.84 28.16
CA LEU D 253 38.15 35.46 29.22
C LEU D 253 37.45 35.51 30.58
N ALA D 254 36.84 36.66 30.87
CA ALA D 254 36.14 36.89 32.13
C ALA D 254 35.03 35.88 32.36
N VAL D 255 34.23 35.65 31.31
CA VAL D 255 33.15 34.65 31.33
C VAL D 255 33.66 33.28 31.75
N ASN D 256 34.73 32.85 31.09
CA ASN D 256 35.28 31.52 31.32
C ASN D 256 36.12 31.38 32.59
N MET D 257 36.77 32.45 33.05
CA MET D 257 37.58 32.38 34.27
C MET D 257 36.81 32.61 35.57
N VAL D 258 35.68 33.33 35.52
CA VAL D 258 35.01 33.76 36.74
C VAL D 258 33.71 32.97 36.96
N PRO D 259 33.78 31.88 37.74
CA PRO D 259 32.56 31.11 38.00
C PRO D 259 31.55 31.81 38.91
N PHE D 260 32.02 32.63 39.84
CA PHE D 260 31.15 33.42 40.72
C PHE D 260 31.65 34.85 40.75
N PRO D 261 30.73 35.82 40.74
CA PRO D 261 31.11 37.19 40.41
C PRO D 261 32.10 37.84 41.38
N ARG D 262 32.09 37.44 42.65
CA ARG D 262 33.07 37.91 43.64
C ARG D 262 34.45 37.29 43.46
N LEU D 263 34.49 36.01 43.06
CA LEU D 263 35.74 35.25 43.03
C LEU D 263 36.50 35.45 41.72
N HIS D 264 37.11 36.64 41.61
CA HIS D 264 37.79 37.06 40.38
C HIS D 264 39.20 37.60 40.67
N PHE D 265 39.96 36.86 41.47
CA PHE D 265 41.29 37.27 41.85
C PHE D 265 42.28 36.22 41.40
N PHE D 266 42.96 36.52 40.29
CA PHE D 266 43.82 35.55 39.63
C PHE D 266 45.22 35.56 40.21
N MET D 267 45.84 34.39 40.13
CA MET D 267 47.20 34.14 40.58
C MET D 267 48.01 34.04 39.30
N PRO D 268 48.77 35.09 38.93
CA PRO D 268 49.55 34.99 37.70
C PRO D 268 50.81 34.14 37.88
N GLY D 269 51.40 33.74 36.76
CA GLY D 269 52.64 32.97 36.77
C GLY D 269 53.38 33.12 35.46
N PHE D 270 54.67 32.81 35.47
CA PHE D 270 55.51 32.95 34.28
C PHE D 270 56.66 31.93 34.29
N ALA D 271 57.06 31.47 33.10
CA ALA D 271 58.20 30.58 32.95
C ALA D 271 58.84 30.75 31.55
N PRO D 272 60.18 30.71 31.44
CA PRO D 272 61.13 30.62 32.55
C PRO D 272 61.44 32.01 33.11
N LEU D 273 61.82 32.07 34.37
CA LEU D 273 62.07 33.37 35.03
C LEU D 273 63.43 33.96 34.66
N LEU D 284 64.75 25.85 26.02
CA LEU D 284 63.97 25.11 27.01
C LEU D 284 62.87 24.27 26.33
N THR D 285 62.55 23.12 26.92
CA THR D 285 61.55 22.19 26.35
C THR D 285 60.14 22.38 26.94
N VAL D 286 59.16 21.81 26.24
CA VAL D 286 57.74 21.98 26.56
C VAL D 286 57.32 21.31 27.89
N PRO D 287 57.73 20.03 28.12
CA PRO D 287 57.36 19.41 29.38
C PRO D 287 57.94 20.11 30.61
N GLU D 288 59.13 20.71 30.45
CA GLU D 288 59.75 21.52 31.50
C GLU D 288 58.97 22.82 31.75
N LEU D 289 58.69 23.55 30.66
CA LEU D 289 57.83 24.75 30.70
C LEU D 289 56.55 24.52 31.47
N THR D 290 55.82 23.47 31.06
CA THR D 290 54.51 23.14 31.62
C THR D 290 54.60 22.86 33.12
N GLN D 291 55.60 22.07 33.53
CA GLN D 291 55.82 21.77 34.95
C GLN D 291 56.29 23.01 35.71
N GLN D 292 57.08 23.86 35.05
CA GLN D 292 57.52 25.13 35.64
C GLN D 292 56.37 26.11 35.94
N MET D 293 55.41 26.27 35.04
CA MET D 293 54.33 27.28 35.21
C MET D 293 53.33 26.89 36.31
N PHE D 294 53.08 25.58 36.49
CA PHE D 294 52.23 25.08 37.58
C PHE D 294 52.97 24.94 38.92
N ASP D 295 54.30 25.06 38.89
CA ASP D 295 55.15 25.03 40.11
C ASP D 295 54.94 26.29 40.95
N ALA D 296 54.82 26.11 42.26
CA ALA D 296 54.50 27.21 43.20
C ALA D 296 55.55 28.32 43.23
N LYS D 297 56.81 27.99 42.92
CA LYS D 297 57.90 28.98 42.83
C LYS D 297 57.71 30.05 41.74
N ASN D 298 56.96 29.71 40.69
CA ASN D 298 56.74 30.63 39.57
C ASN D 298 55.50 31.53 39.70
N MET D 299 54.77 31.44 40.82
CA MET D 299 53.59 32.28 41.03
C MET D 299 53.98 33.69 41.49
N MET D 300 53.39 34.68 40.82
CA MET D 300 53.55 36.10 41.17
C MET D 300 52.61 36.54 42.29
N ALA D 301 51.92 35.59 42.92
CA ALA D 301 51.25 35.79 44.20
C ALA D 301 51.79 34.78 45.19
N ALA D 302 51.88 35.19 46.46
CA ALA D 302 52.51 34.37 47.51
C ALA D 302 51.53 33.31 48.03
N CYS D 303 51.31 32.27 47.20
CA CYS D 303 50.44 31.16 47.55
C CYS D 303 50.92 29.86 46.89
N ASP D 304 50.63 28.72 47.51
CA ASP D 304 50.92 27.41 46.95
C ASP D 304 49.64 26.90 46.28
N PRO D 305 49.69 26.56 44.98
CA PRO D 305 48.52 25.93 44.37
C PRO D 305 48.10 24.61 45.01
N ARG D 306 49.05 23.92 45.63
CA ARG D 306 48.79 22.68 46.36
C ARG D 306 48.10 22.88 47.72
N HIS D 307 47.83 24.14 48.12
CA HIS D 307 47.02 24.44 49.31
C HIS D 307 45.58 24.85 49.01
N GLY D 308 45.17 24.71 47.75
CA GLY D 308 43.77 24.85 47.35
C GLY D 308 43.46 24.06 46.09
N ARG D 309 42.41 24.48 45.40
CA ARG D 309 42.00 23.86 44.13
C ARG D 309 41.80 24.94 43.07
N TYR D 310 42.13 24.60 41.83
CA TYR D 310 41.92 25.49 40.69
C TYR D 310 40.48 25.46 40.20
N LEU D 311 39.74 26.55 40.41
CA LEU D 311 38.41 26.69 39.82
C LEU D 311 38.53 26.75 38.31
N THR D 312 39.36 27.66 37.83
CA THR D 312 39.67 27.81 36.40
C THR D 312 41.11 28.23 36.19
N VAL D 313 41.67 27.83 35.05
CA VAL D 313 43.03 28.19 34.66
C VAL D 313 43.08 28.54 33.17
N ALA D 314 43.92 29.52 32.84
CA ALA D 314 44.25 29.86 31.47
C ALA D 314 45.78 29.86 31.35
N ALA D 315 46.29 29.21 30.30
CA ALA D 315 47.73 29.08 30.07
C ALA D 315 48.05 29.62 28.69
N VAL D 316 49.10 30.44 28.57
CA VAL D 316 49.50 31.00 27.26
C VAL D 316 50.97 30.67 26.97
N PHE D 317 51.20 29.85 25.95
CA PHE D 317 52.54 29.50 25.48
C PHE D 317 52.92 30.38 24.29
N ARG D 318 54.20 30.77 24.24
CA ARG D 318 54.72 31.65 23.20
C ARG D 318 55.98 31.05 22.59
N GLY D 319 56.07 31.07 21.26
CA GLY D 319 57.21 30.55 20.52
C GLY D 319 56.81 29.43 19.57
N ARG D 320 57.73 29.06 18.68
CA ARG D 320 57.53 27.89 17.82
C ARG D 320 57.70 26.65 18.70
N MET D 321 56.71 25.77 18.64
CA MET D 321 56.75 24.50 19.37
C MET D 321 55.65 23.58 18.85
N SER D 322 55.82 22.28 19.04
CA SER D 322 54.80 21.31 18.67
C SER D 322 53.53 21.53 19.51
N MET D 323 52.46 21.98 18.85
CA MET D 323 51.14 22.13 19.48
C MET D 323 50.55 20.78 19.91
N LYS D 324 50.93 19.71 19.21
CA LYS D 324 50.64 18.33 19.62
C LYS D 324 51.31 17.97 20.95
N GLU D 325 52.54 18.43 21.14
CA GLU D 325 53.27 18.22 22.39
C GLU D 325 52.68 19.05 23.57
N VAL D 326 52.18 20.25 23.28
CA VAL D 326 51.57 21.10 24.31
C VAL D 326 50.22 20.53 24.78
N ASP D 327 49.42 20.06 23.82
CA ASP D 327 48.13 19.40 24.13
C ASP D 327 48.33 18.20 25.04
N GLU D 328 49.26 17.32 24.66
CA GLU D 328 49.62 16.13 25.44
C GLU D 328 50.13 16.47 26.84
N GLN D 329 50.90 17.55 26.97
CA GLN D 329 51.50 17.95 28.25
C GLN D 329 50.54 18.59 29.23
N MET D 330 49.65 19.45 28.74
CA MET D 330 48.66 20.09 29.62
C MET D 330 47.65 19.06 30.13
N LEU D 331 47.27 18.12 29.27
CA LEU D 331 46.46 16.95 29.68
C LEU D 331 47.17 16.13 30.76
N ASN D 332 48.49 15.95 30.60
CA ASN D 332 49.32 15.22 31.54
C ASN D 332 49.28 15.77 32.97
N VAL D 333 49.43 17.09 33.10
CA VAL D 333 49.42 17.73 34.43
C VAL D 333 48.03 17.75 35.07
N GLN D 334 46.97 17.78 34.27
CA GLN D 334 45.61 17.66 34.79
C GLN D 334 45.33 16.24 35.26
N ASN D 335 45.73 15.25 34.45
CA ASN D 335 45.66 13.83 34.83
C ASN D 335 46.38 13.55 36.15
N LYS D 336 47.68 13.85 36.16
CA LYS D 336 48.55 13.57 37.30
C LYS D 336 48.28 14.42 38.54
N ASN D 337 47.71 15.62 38.37
CA ASN D 337 47.33 16.48 39.50
C ASN D 337 45.82 16.74 39.55
N SER D 338 45.03 15.68 39.34
CA SER D 338 43.56 15.77 39.26
C SER D 338 42.90 16.33 40.53
N SER D 339 43.52 16.08 41.68
CA SER D 339 43.01 16.59 42.97
C SER D 339 43.04 18.12 43.09
N TYR D 340 43.94 18.78 42.35
CA TYR D 340 44.12 20.23 42.46
C TYR D 340 43.33 21.04 41.43
N PHE D 341 42.32 20.41 40.79
CA PHE D 341 41.30 21.10 40.01
C PHE D 341 39.93 20.62 40.46
N VAL D 342 38.95 21.52 40.48
CA VAL D 342 37.59 21.14 40.93
C VAL D 342 36.92 20.21 39.92
N GLU D 343 36.30 19.16 40.44
CA GLU D 343 35.65 18.14 39.61
C GLU D 343 34.35 18.65 38.97
N TRP D 344 33.74 19.64 39.60
CA TRP D 344 32.41 20.14 39.22
C TRP D 344 32.44 21.25 38.13
N ILE D 345 33.63 21.58 37.64
CA ILE D 345 33.79 22.40 36.44
C ILE D 345 34.62 21.59 35.45
N PRO D 346 33.96 20.98 34.45
CA PRO D 346 34.66 20.24 33.40
C PRO D 346 35.47 21.14 32.49
N ASN D 347 36.56 20.59 31.94
CA ASN D 347 37.37 21.29 30.94
C ASN D 347 37.70 22.71 31.36
N ASN D 348 38.22 22.82 32.57
CA ASN D 348 38.41 24.11 33.24
C ASN D 348 39.82 24.66 33.13
N VAL D 349 40.66 24.06 32.29
CA VAL D 349 41.97 24.61 31.98
C VAL D 349 42.06 24.79 30.47
N LYS D 350 42.21 26.02 30.01
CA LYS D 350 42.33 26.31 28.58
C LYS D 350 43.69 26.83 28.22
N THR D 351 44.08 26.59 26.98
CA THR D 351 45.43 26.81 26.51
C THR D 351 45.44 27.40 25.11
N ALA D 352 46.02 28.60 24.97
CA ALA D 352 46.27 29.23 23.68
C ALA D 352 47.78 29.24 23.38
N VAL D 353 48.11 29.29 22.09
CA VAL D 353 49.50 29.42 21.64
C VAL D 353 49.64 30.56 20.63
N CYS D 354 50.63 31.42 20.88
CA CYS D 354 51.00 32.52 19.99
C CYS D 354 52.34 32.16 19.35
N ASP D 355 52.45 32.40 18.04
CA ASP D 355 53.69 32.11 17.30
C ASP D 355 54.84 32.97 17.77
N ILE D 356 54.58 34.28 17.87
CA ILE D 356 55.60 35.29 18.16
C ILE D 356 56.00 35.25 19.64
N PRO D 357 57.26 34.89 19.94
CA PRO D 357 57.71 34.93 21.33
C PRO D 357 58.05 36.35 21.79
N PRO D 358 58.29 36.53 23.10
CA PRO D 358 58.75 37.83 23.58
C PRO D 358 60.23 38.05 23.26
N ARG D 359 60.66 39.30 23.36
CA ARG D 359 62.07 39.65 23.13
C ARG D 359 62.90 39.06 24.27
N GLY D 360 64.01 38.41 23.92
CA GLY D 360 64.91 37.77 24.88
C GLY D 360 64.81 36.25 24.89
N LEU D 361 63.58 35.73 24.98
CA LEU D 361 63.32 34.30 25.09
C LEU D 361 62.81 33.72 23.78
N LYS D 362 63.17 32.45 23.53
CA LYS D 362 62.66 31.70 22.38
C LYS D 362 61.34 31.01 22.69
N MET D 363 61.15 30.61 23.96
CA MET D 363 59.94 29.95 24.42
C MET D 363 59.57 30.37 25.85
N SER D 364 58.49 31.13 26.00
CA SER D 364 57.94 31.48 27.31
C SER D 364 56.58 30.83 27.53
N ALA D 365 56.12 30.87 28.77
CA ALA D 365 54.80 30.36 29.14
C ALA D 365 54.22 31.22 30.27
N THR D 366 53.00 31.69 30.09
CA THR D 366 52.33 32.57 31.04
C THR D 366 51.06 31.94 31.58
N PHE D 367 50.85 32.06 32.88
CA PHE D 367 49.84 31.32 33.62
C PHE D 367 48.87 32.29 34.28
N ILE D 368 47.56 32.03 34.16
CA ILE D 368 46.53 32.77 34.90
C ILE D 368 45.62 31.74 35.55
N GLY D 369 45.55 31.74 36.88
CA GLY D 369 44.75 30.77 37.62
C GLY D 369 43.86 31.43 38.63
N ASN D 370 42.58 31.09 38.63
CA ASN D 370 41.68 31.45 39.71
C ASN D 370 41.66 30.26 40.65
N SER D 371 42.56 30.31 41.63
CA SER D 371 42.72 29.25 42.63
C SER D 371 42.13 29.68 43.97
N THR D 372 41.58 28.72 44.70
CA THR D 372 41.09 28.95 46.07
C THR D 372 42.27 29.16 47.04
N ALA D 373 43.48 28.79 46.63
CA ALA D 373 44.68 29.10 47.40
C ALA D 373 45.01 30.60 47.53
N ILE D 374 44.36 31.47 46.75
CA ILE D 374 44.51 32.93 46.88
C ILE D 374 44.11 33.43 48.28
N GLN D 375 43.23 32.70 48.97
CA GLN D 375 42.88 33.02 50.36
C GLN D 375 44.11 33.21 51.25
N GLU D 376 45.18 32.46 50.97
CA GLU D 376 46.47 32.62 51.67
C GLU D 376 47.03 34.05 51.61
N LEU D 377 46.88 34.72 50.47
CA LEU D 377 47.28 36.13 50.30
C LEU D 377 46.38 37.08 51.09
N PHE D 378 45.06 36.92 50.93
CA PHE D 378 44.09 37.74 51.67
C PHE D 378 44.19 37.51 53.18
N LYS D 379 44.53 36.29 53.58
CA LYS D 379 44.75 35.97 55.00
C LYS D 379 45.96 36.70 55.58
N ARG D 380 47.04 36.78 54.80
CA ARG D 380 48.25 37.53 55.17
C ARG D 380 47.98 39.02 55.38
N ILE D 381 47.22 39.61 54.46
CA ILE D 381 46.81 41.02 54.57
C ILE D 381 45.84 41.21 55.75
N SER D 382 44.98 40.22 56.00
CA SER D 382 44.02 40.29 57.11
C SER D 382 44.72 40.23 58.46
N GLU D 383 45.81 39.47 58.55
CA GLU D 383 46.59 39.35 59.79
C GLU D 383 47.32 40.64 60.14
N GLN D 384 47.97 41.24 59.14
CA GLN D 384 48.69 42.51 59.30
C GLN D 384 47.72 43.67 59.55
N PHE D 385 46.51 43.59 58.96
CA PHE D 385 45.44 44.55 59.21
C PHE D 385 44.96 44.41 60.65
N THR D 386 44.51 43.21 61.01
CA THR D 386 43.88 42.99 62.32
C THR D 386 44.84 43.13 63.50
N ALA D 387 46.15 42.99 63.24
CA ALA D 387 47.19 43.34 64.20
C ALA D 387 47.02 44.78 64.68
N MET D 388 46.92 45.69 63.71
CA MET D 388 46.80 47.11 64.00
C MET D 388 45.38 47.50 64.47
N PHE D 389 44.36 47.07 63.73
CA PHE D 389 42.99 47.54 63.96
C PHE D 389 42.42 47.21 65.34
N ARG D 390 42.74 46.05 65.89
CA ARG D 390 42.18 45.63 67.19
C ARG D 390 42.73 46.40 68.41
N ARG D 391 43.78 47.21 68.20
CA ARG D 391 44.24 48.21 69.20
C ARG D 391 44.07 49.68 68.72
N LYS D 392 43.27 49.89 67.67
CA LYS D 392 42.97 51.22 67.09
C LYS D 392 44.16 52.06 66.58
N ALA D 393 45.27 51.39 66.26
CA ALA D 393 46.53 52.08 65.89
C ALA D 393 46.45 52.80 64.54
N PHE D 394 47.00 54.02 64.49
CA PHE D 394 47.09 54.85 63.28
C PHE D 394 45.76 55.26 62.61
N LEU D 395 44.65 55.15 63.32
CA LEU D 395 43.33 55.51 62.77
C LEU D 395 43.12 57.01 62.52
N HIS D 396 43.82 57.86 63.25
CA HIS D 396 43.65 59.32 63.16
C HIS D 396 43.88 59.89 61.76
N TRP D 397 44.86 59.33 61.03
CA TRP D 397 45.06 59.64 59.61
C TRP D 397 43.76 59.57 58.79
N TYR D 398 42.97 58.52 59.05
CA TYR D 398 41.76 58.22 58.29
C TYR D 398 40.51 58.91 58.89
N THR D 399 40.24 58.67 60.18
CA THR D 399 39.12 59.34 60.89
C THR D 399 39.26 60.87 60.91
N GLY D 400 40.49 61.36 60.79
CA GLY D 400 40.76 62.77 60.52
C GLY D 400 40.16 63.21 59.21
N GLU D 401 40.41 62.45 58.14
CA GLU D 401 39.87 62.75 56.81
C GLU D 401 38.36 62.53 56.63
N GLY D 402 37.69 61.95 57.65
CA GLY D 402 36.23 61.94 57.73
C GLY D 402 35.55 60.59 57.84
N MET D 403 36.32 59.50 57.81
CA MET D 403 35.75 58.15 57.81
C MET D 403 35.26 57.71 59.18
N ASP D 404 34.33 56.76 59.18
CA ASP D 404 33.82 56.11 60.38
C ASP D 404 34.71 54.88 60.68
N GLU D 405 34.64 54.37 61.90
CA GLU D 405 35.25 53.07 62.25
C GLU D 405 34.47 51.90 61.60
N MET D 406 33.15 52.06 61.50
CA MET D 406 32.25 51.10 60.82
C MET D 406 32.79 50.58 59.49
N GLU D 407 33.35 51.49 58.68
CA GLU D 407 33.89 51.15 57.35
C GLU D 407 35.14 50.25 57.37
N PHE D 408 35.93 50.34 58.43
CA PHE D 408 37.05 49.39 58.63
C PHE D 408 36.54 47.99 59.01
N THR D 409 35.45 47.92 59.79
CA THR D 409 34.84 46.64 60.17
C THR D 409 34.18 45.94 58.98
N GLU D 410 33.48 46.72 58.15
CA GLU D 410 32.83 46.22 56.94
C GLU D 410 33.84 45.74 55.89
N ALA D 411 34.96 46.43 55.77
CA ALA D 411 36.05 46.01 54.88
C ALA D 411 36.77 44.76 55.41
N GLU D 412 36.96 44.71 56.74
CA GLU D 412 37.50 43.52 57.41
C GLU D 412 36.57 42.32 57.20
N SER D 413 35.25 42.55 57.38
CA SER D 413 34.24 41.51 57.24
C SER D 413 34.10 41.00 55.78
N ASN D 414 34.05 41.92 54.82
CA ASN D 414 33.90 41.55 53.40
C ASN D 414 35.10 40.80 52.81
N MET D 415 36.29 41.09 53.30
CA MET D 415 37.48 40.34 52.89
C MET D 415 37.50 38.96 53.53
N ASN D 416 37.02 38.83 54.76
CA ASN D 416 36.92 37.52 55.41
C ASN D 416 35.82 36.67 54.79
N ASP D 417 34.75 37.32 54.30
CA ASP D 417 33.72 36.64 53.51
C ASP D 417 34.31 36.06 52.22
N LEU D 418 35.11 36.86 51.52
CA LEU D 418 35.82 36.42 50.30
C LEU D 418 36.69 35.19 50.54
N VAL D 419 37.39 35.15 51.67
CA VAL D 419 38.19 34.00 52.09
C VAL D 419 37.28 32.80 52.34
N SER D 420 36.25 33.00 53.16
CA SER D 420 35.29 31.97 53.52
C SER D 420 34.61 31.33 52.29
N GLU D 421 34.31 32.16 51.29
CA GLU D 421 33.70 31.72 50.03
C GLU D 421 34.66 30.90 49.16
N TYR D 422 35.92 31.35 49.06
CA TYR D 422 36.96 30.55 48.40
C TYR D 422 37.16 29.21 49.09
N GLN D 423 36.96 29.16 50.41
CA GLN D 423 37.01 27.90 51.16
C GLN D 423 35.79 27.03 50.87
N GLN D 424 34.59 27.63 50.85
CA GLN D 424 33.35 26.91 50.53
C GLN D 424 33.49 26.05 49.27
N TYR D 425 33.97 26.67 48.19
CA TYR D 425 34.13 26.00 46.90
C TYR D 425 35.36 25.11 46.82
N GLN D 426 36.36 25.34 47.65
CA GLN D 426 37.46 24.39 47.80
C GLN D 426 36.95 23.08 48.41
N ASP D 427 36.07 23.21 49.41
CA ASP D 427 35.49 22.05 50.09
C ASP D 427 34.33 21.40 49.33
N ALA D 428 33.79 22.06 48.31
CA ALA D 428 32.68 21.52 47.51
C ALA D 428 33.09 20.26 46.76
N THR D 429 32.15 19.33 46.64
CA THR D 429 32.36 18.02 46.01
C THR D 429 31.31 17.79 44.92
N ALA D 430 31.49 16.76 44.10
CA ALA D 430 30.54 16.45 43.01
C ALA D 430 29.24 15.79 43.49
N ASP D 431 29.34 14.72 44.27
CA ASP D 431 28.17 13.92 44.65
C ASP D 431 27.29 14.63 45.68
N MET E 4 -56.75 -49.64 -34.55
CA MET E 4 -56.19 -48.29 -34.82
C MET E 4 -57.02 -47.54 -35.86
N GLU E 5 -57.72 -46.48 -35.42
CA GLU E 5 -58.71 -45.75 -36.23
C GLU E 5 -58.16 -44.43 -36.76
N VAL E 6 -58.28 -44.21 -38.07
CA VAL E 6 -57.71 -43.03 -38.77
C VAL E 6 -58.81 -42.04 -39.18
N ILE E 7 -59.07 -41.05 -38.32
CA ILE E 7 -60.23 -40.16 -38.45
C ILE E 7 -59.91 -38.80 -39.09
N GLU E 8 -60.96 -37.98 -39.27
CA GLU E 8 -60.89 -36.59 -39.75
C GLU E 8 -59.83 -36.28 -40.83
N LEU E 9 -59.77 -37.13 -41.84
CA LEU E 9 -58.82 -36.99 -42.94
C LEU E 9 -59.21 -35.80 -43.85
N ASN E 10 -58.31 -34.82 -43.95
CA ASN E 10 -58.50 -33.65 -44.82
C ASN E 10 -57.35 -33.50 -45.82
N LYS E 11 -57.69 -33.25 -47.08
CA LYS E 11 -56.70 -33.20 -48.17
C LYS E 11 -56.72 -31.86 -48.90
N CYS E 12 -55.59 -31.53 -49.51
CA CYS E 12 -55.47 -30.41 -50.46
C CYS E 12 -54.23 -30.65 -51.33
N THR E 13 -53.98 -29.75 -52.29
CA THR E 13 -52.88 -29.94 -53.25
C THR E 13 -51.47 -29.82 -52.63
N SER E 14 -51.32 -28.97 -51.62
CA SER E 14 -50.03 -28.78 -50.94
C SER E 14 -49.73 -29.83 -49.85
N GLY E 15 -50.77 -30.39 -49.22
CA GLY E 15 -50.59 -31.41 -48.17
C GLY E 15 -51.86 -32.12 -47.72
N GLN E 16 -51.80 -32.76 -46.55
CA GLN E 16 -52.98 -33.37 -45.93
C GLN E 16 -52.75 -33.63 -44.43
N SER E 17 -53.84 -33.92 -43.73
CA SER E 17 -53.79 -34.09 -42.27
C SER E 17 -54.90 -35.02 -41.76
N PHE E 18 -54.66 -35.57 -40.57
CA PHE E 18 -55.60 -36.48 -39.92
C PHE E 18 -55.23 -36.69 -38.45
N GLU E 19 -56.11 -37.36 -37.73
CA GLU E 19 -55.82 -37.84 -36.38
C GLU E 19 -55.83 -39.37 -36.43
N VAL E 20 -54.98 -39.99 -35.61
CA VAL E 20 -54.98 -41.44 -35.41
C VAL E 20 -54.95 -41.72 -33.91
N ILE E 21 -55.92 -42.50 -33.43
CA ILE E 21 -56.06 -42.83 -32.01
C ILE E 21 -55.85 -44.32 -31.82
N LEU E 22 -54.89 -44.69 -30.98
CA LEU E 22 -54.64 -46.09 -30.62
C LEU E 22 -55.68 -46.54 -29.58
N LYS E 23 -55.91 -45.71 -28.57
CA LYS E 23 -56.79 -46.03 -27.45
C LYS E 23 -57.50 -44.74 -26.95
N PRO E 24 -58.75 -44.87 -26.45
CA PRO E 24 -59.41 -43.72 -25.78
C PRO E 24 -59.01 -43.58 -24.29
N PRO E 25 -59.52 -42.54 -23.59
CA PRO E 25 -59.28 -42.38 -22.16
C PRO E 25 -59.80 -43.54 -21.30
N ASP E 42 -53.72 -11.94 -14.72
CA ASP E 42 -53.67 -10.82 -15.65
C ASP E 42 -54.00 -9.50 -14.91
N PRO E 43 -52.96 -8.79 -14.41
CA PRO E 43 -53.16 -7.44 -13.84
C PRO E 43 -53.30 -6.32 -14.89
N SER E 44 -53.77 -5.16 -14.43
CA SER E 44 -54.16 -4.04 -15.31
C SER E 44 -52.98 -3.15 -15.69
N LEU E 45 -53.28 -2.14 -16.52
CA LEU E 45 -52.31 -1.08 -16.86
C LEU E 45 -51.90 -0.24 -15.65
N GLU E 46 -52.83 -0.04 -14.71
CA GLU E 46 -52.54 0.70 -13.47
C GLU E 46 -51.60 -0.10 -12.56
N GLU E 47 -51.94 -1.36 -12.30
CA GLU E 47 -51.13 -2.24 -11.42
C GLU E 47 -49.69 -2.44 -11.92
N ILE E 48 -49.50 -2.45 -13.24
CA ILE E 48 -48.17 -2.56 -13.84
C ILE E 48 -47.40 -1.25 -13.69
N GLN E 49 -47.96 -0.15 -14.21
CA GLN E 49 -47.31 1.17 -14.18
C GLN E 49 -47.01 1.62 -12.74
N LYS E 50 -47.87 1.19 -11.81
CA LYS E 50 -47.62 1.31 -10.37
C LYS E 50 -46.24 0.78 -9.98
N LYS E 51 -46.05 -0.54 -10.08
CA LYS E 51 -44.86 -1.21 -9.54
C LYS E 51 -43.64 -1.23 -10.46
N LEU E 52 -43.76 -0.67 -11.66
CA LEU E 52 -42.59 -0.18 -12.41
C LEU E 52 -42.04 1.07 -11.71
N GLU E 53 -42.95 1.98 -11.34
CA GLU E 53 -42.59 3.22 -10.63
C GLU E 53 -42.15 2.97 -9.18
N ALA E 54 -42.70 1.95 -8.53
CA ALA E 54 -42.25 1.57 -7.17
C ALA E 54 -40.78 1.10 -7.18
N ALA E 55 -40.37 0.47 -8.28
CA ALA E 55 -38.96 0.12 -8.49
C ALA E 55 -38.10 1.36 -8.74
N GLU E 56 -38.66 2.39 -9.38
CA GLU E 56 -37.99 3.69 -9.52
C GLU E 56 -37.87 4.46 -8.19
N GLU E 57 -38.78 4.24 -7.24
CA GLU E 57 -38.68 4.86 -5.90
C GLU E 57 -37.45 4.35 -5.18
N ARG E 58 -37.36 3.03 -5.06
CA ARG E 58 -36.25 2.37 -4.35
C ARG E 58 -34.91 2.61 -5.03
N ARG E 59 -34.92 2.71 -6.36
CA ARG E 59 -33.75 3.08 -7.15
C ARG E 59 -33.30 4.51 -6.80
N LYS E 60 -34.27 5.42 -6.73
CA LYS E 60 -34.02 6.83 -6.43
C LYS E 60 -33.71 7.08 -4.94
N TYR E 61 -34.20 6.20 -4.06
CA TYR E 61 -33.87 6.24 -2.64
C TYR E 61 -32.42 5.82 -2.37
N GLN E 62 -31.97 4.76 -3.06
CA GLN E 62 -30.59 4.27 -2.95
C GLN E 62 -29.57 5.31 -3.42
N GLU E 63 -29.86 5.92 -4.57
CA GLU E 63 -29.03 6.99 -5.12
C GLU E 63 -28.98 8.21 -4.19
N ALA E 64 -30.12 8.52 -3.54
CA ALA E 64 -30.20 9.62 -2.58
C ALA E 64 -29.40 9.31 -1.31
N GLU E 65 -29.54 8.08 -0.82
CA GLU E 65 -28.73 7.58 0.30
C GLU E 65 -27.22 7.68 0.05
N LEU E 66 -26.81 7.34 -1.17
CA LEU E 66 -25.40 7.43 -1.60
C LEU E 66 -24.91 8.87 -1.63
N LEU E 67 -25.66 9.75 -2.29
CA LEU E 67 -25.27 11.16 -2.41
C LEU E 67 -25.35 11.91 -1.07
N LYS E 68 -26.12 11.36 -0.12
CA LYS E 68 -26.09 11.80 1.27
C LYS E 68 -24.80 11.33 1.95
N HIS E 69 -24.51 10.04 1.80
CA HIS E 69 -23.25 9.47 2.29
C HIS E 69 -22.02 10.18 1.72
N LEU E 70 -22.06 10.52 0.42
CA LEU E 70 -20.94 11.24 -0.22
C LEU E 70 -20.82 12.68 0.27
N ALA E 71 -21.93 13.30 0.64
CA ALA E 71 -21.92 14.63 1.27
C ALA E 71 -21.24 14.62 2.65
N GLU E 72 -21.46 13.57 3.42
CA GLU E 72 -20.81 13.37 4.72
C GLU E 72 -19.28 13.20 4.60
N LYS E 73 -18.81 12.68 3.47
CA LYS E 73 -17.38 12.64 3.15
C LYS E 73 -16.87 14.02 2.71
N ARG E 74 -17.69 14.78 1.99
CA ARG E 74 -17.32 16.13 1.55
C ARG E 74 -17.13 17.07 2.74
N GLU E 75 -18.04 17.01 3.74
CA GLU E 75 -17.90 17.84 4.94
C GLU E 75 -16.72 17.39 5.81
N HIS E 76 -16.37 16.11 5.77
CA HIS E 76 -15.16 15.60 6.45
C HIS E 76 -13.85 16.03 5.77
N GLU E 77 -13.86 16.10 4.43
CA GLU E 77 -12.72 16.60 3.67
C GLU E 77 -12.38 18.04 4.06
N ARG E 78 -13.41 18.88 4.20
CA ARG E 78 -13.24 20.27 4.65
C ARG E 78 -12.86 20.35 6.14
N GLU E 79 -13.39 19.46 6.97
CA GLU E 79 -13.04 19.42 8.41
C GLU E 79 -11.56 19.11 8.67
N VAL E 80 -10.94 18.32 7.80
CA VAL E 80 -9.52 17.97 7.92
C VAL E 80 -8.64 19.16 7.52
N ILE E 81 -8.85 19.74 6.34
CA ILE E 81 -8.05 20.87 5.86
C ILE E 81 -8.22 22.14 6.73
N GLN E 82 -9.42 22.37 7.26
CA GLN E 82 -9.64 23.45 8.23
C GLN E 82 -8.83 23.20 9.50
N LYS E 83 -8.81 21.95 9.96
CA LYS E 83 -8.01 21.56 11.12
C LYS E 83 -6.51 21.69 10.84
N ALA E 84 -6.09 21.35 9.64
CA ALA E 84 -4.68 21.52 9.23
C ALA E 84 -4.25 22.98 9.30
N ILE E 85 -5.11 23.88 8.81
CA ILE E 85 -4.84 25.32 8.92
C ILE E 85 -4.86 25.74 10.39
N GLU E 86 -5.90 25.34 11.13
CA GLU E 86 -6.08 25.72 12.54
C GLU E 86 -4.83 25.48 13.38
N GLU E 87 -4.24 24.28 13.27
CA GLU E 87 -3.06 23.94 14.08
C GLU E 87 -1.75 24.55 13.55
N ASN E 88 -1.62 24.69 12.24
CA ASN E 88 -0.51 25.45 11.66
C ASN E 88 -0.53 26.89 12.20
N ASN E 89 -1.70 27.53 12.16
CA ASN E 89 -1.88 28.88 12.71
C ASN E 89 -1.60 28.95 14.21
N ASN E 90 -2.12 27.95 14.94
CA ASN E 90 -1.95 27.86 16.40
C ASN E 90 -0.48 27.74 16.81
N PHE E 91 0.30 27.01 16.02
CA PHE E 91 1.74 26.90 16.22
C PHE E 91 2.43 28.24 16.01
N ILE E 92 2.05 28.99 14.98
CA ILE E 92 2.59 30.34 14.75
C ILE E 92 2.16 31.29 15.87
N LYS E 93 0.89 31.23 16.28
CA LYS E 93 0.36 32.07 17.35
C LYS E 93 1.15 31.87 18.66
N MET E 94 1.15 30.64 19.18
CA MET E 94 1.80 30.35 20.47
C MET E 94 3.33 30.44 20.44
N ALA E 95 3.92 30.35 19.25
CA ALA E 95 5.34 30.66 19.07
C ALA E 95 5.55 32.16 19.15
N LYS E 96 4.79 32.90 18.34
CA LYS E 96 4.83 34.37 18.34
C LYS E 96 4.64 34.98 19.74
N GLU E 97 3.70 34.43 20.51
CA GLU E 97 3.42 34.94 21.86
C GLU E 97 4.46 34.51 22.88
N LYS E 98 4.84 33.23 22.88
CA LYS E 98 5.88 32.72 23.79
C LYS E 98 7.21 33.46 23.63
N LEU E 99 7.54 33.87 22.40
CA LEU E 99 8.74 34.65 22.12
C LEU E 99 8.61 36.07 22.65
N ALA E 100 7.43 36.67 22.52
CA ALA E 100 7.16 38.00 23.07
C ALA E 100 7.26 38.03 24.59
N GLN E 101 6.68 37.04 25.25
CA GLN E 101 6.80 36.85 26.71
C GLN E 101 8.26 36.81 27.17
N LYS E 102 9.12 36.10 26.45
CA LYS E 102 10.54 35.99 26.81
C LYS E 102 11.31 37.30 26.60
N MET E 103 11.10 37.96 25.47
CA MET E 103 11.84 39.21 25.16
C MET E 103 11.42 40.37 26.06
N GLU E 104 10.19 40.35 26.57
CA GLU E 104 9.71 41.36 27.53
C GLU E 104 10.18 41.04 28.95
N SER E 105 10.03 39.78 29.36
CA SER E 105 10.52 39.31 30.67
C SER E 105 12.02 39.48 30.83
N ASN E 106 12.76 39.31 29.73
CA ASN E 106 14.21 39.49 29.71
C ASN E 106 14.61 40.94 29.89
N LYS E 107 14.02 41.81 29.08
CA LYS E 107 14.32 43.26 29.12
C LYS E 107 14.00 43.86 30.50
N GLU E 108 12.91 43.40 31.11
CA GLU E 108 12.58 43.75 32.50
C GLU E 108 13.66 43.28 33.47
N ASN E 109 14.05 42.01 33.34
CA ASN E 109 15.10 41.42 34.19
C ASN E 109 16.47 42.09 34.01
N ARG E 110 16.85 42.40 32.78
CA ARG E 110 18.16 42.98 32.51
C ARG E 110 18.28 44.40 33.07
N GLU E 111 17.22 45.18 32.89
CA GLU E 111 17.16 46.53 33.44
C GLU E 111 17.03 46.53 34.97
N ALA E 112 16.31 45.54 35.52
CA ALA E 112 16.27 45.35 36.98
C ALA E 112 17.65 45.11 37.58
N HIS E 113 18.51 44.39 36.85
CA HIS E 113 19.89 44.10 37.26
C HIS E 113 20.75 45.37 37.18
N LEU E 114 20.67 46.08 36.06
CA LEU E 114 21.43 47.32 35.85
C LEU E 114 20.94 48.50 36.70
N ALA E 115 19.65 48.50 37.08
CA ALA E 115 19.10 49.53 37.97
C ALA E 115 19.61 49.35 39.41
N ALA E 116 19.67 48.10 39.88
CA ALA E 116 20.21 47.78 41.20
C ALA E 116 21.71 48.03 41.30
N MET E 117 22.44 47.76 40.22
CA MET E 117 23.89 48.04 40.15
C MET E 117 24.14 49.54 40.29
N LEU E 118 23.40 50.34 39.52
CA LEU E 118 23.51 51.81 39.57
C LEU E 118 22.99 52.40 40.88
N GLU E 119 21.97 51.76 41.47
CA GLU E 119 21.47 52.21 42.78
C GLU E 119 22.46 51.96 43.92
N ARG E 120 23.29 50.92 43.81
CA ARG E 120 24.39 50.70 44.76
C ARG E 120 25.56 51.67 44.54
N LEU E 121 25.79 52.06 43.29
CA LEU E 121 26.80 53.08 42.97
C LEU E 121 26.34 54.51 43.34
N GLN E 122 25.02 54.77 43.25
CA GLN E 122 24.46 56.05 43.71
C GLN E 122 24.41 56.17 45.24
N GLU E 123 24.32 55.03 45.92
CA GLU E 123 24.41 54.98 47.39
C GLU E 123 25.84 55.22 47.88
N LYS E 124 26.84 54.84 47.10
CA LYS E 124 28.25 55.14 47.42
C LYS E 124 28.55 56.64 47.40
N ASP E 125 27.94 57.37 46.46
CA ASP E 125 28.11 58.82 46.36
C ASP E 125 27.56 59.54 47.59
N LYS E 126 26.38 59.12 48.05
CA LYS E 126 25.76 59.72 49.24
C LYS E 126 26.59 59.46 50.51
N HIS E 127 27.26 58.31 50.58
CA HIS E 127 28.19 58.00 51.68
C HIS E 127 29.45 58.87 51.61
N ALA E 128 29.99 59.07 50.41
CA ALA E 128 31.14 59.95 50.20
C ALA E 128 30.83 61.43 50.47
N GLU E 129 29.55 61.80 50.49
CA GLU E 129 29.11 63.14 50.90
C GLU E 129 29.02 63.26 52.43
N GLU E 130 28.72 62.17 53.13
CA GLU E 130 28.79 62.12 54.60
C GLU E 130 30.25 62.17 55.12
N VAL E 131 31.17 61.54 54.39
CA VAL E 131 32.58 61.57 54.73
C VAL E 131 33.18 62.97 54.49
N ARG E 132 32.82 63.62 53.38
CA ARG E 132 33.29 64.98 53.09
C ARG E 132 32.68 66.07 54.00
N LYS E 133 31.53 65.78 54.62
CA LYS E 133 30.95 66.68 55.63
C LYS E 133 31.52 66.45 57.03
N ASN E 134 31.82 65.20 57.39
CA ASN E 134 32.46 64.90 58.68
C ASN E 134 33.90 65.42 58.84
N LYS E 135 34.56 65.76 57.72
CA LYS E 135 35.83 66.47 57.76
C LYS E 135 35.59 67.97 58.02
N GLU E 136 34.67 68.55 57.26
CA GLU E 136 34.30 69.97 57.42
C GLU E 136 33.70 70.26 58.79
N LEU E 137 32.75 69.41 59.20
CA LEU E 137 32.05 69.54 60.49
C LEU E 137 32.76 68.78 61.62
N LYS E 138 34.08 68.85 61.67
CA LYS E 138 34.87 68.39 62.81
C LYS E 138 36.12 69.27 62.92
N GLU E 139 35.91 70.59 62.84
CA GLU E 139 36.97 71.60 62.87
C GLU E 139 36.45 72.89 63.49
N MET F 1 -7.21 -39.91 -13.82
CA MET F 1 -7.78 -39.60 -12.48
C MET F 1 -9.26 -39.21 -12.61
N TYR F 2 -10.12 -40.20 -12.35
CA TYR F 2 -11.57 -40.02 -12.42
C TYR F 2 -12.11 -39.61 -11.06
N THR F 3 -13.38 -39.21 -11.02
CA THR F 3 -14.02 -38.70 -9.80
C THR F 3 -15.36 -39.38 -9.54
N PHE F 4 -15.63 -39.65 -8.25
CA PHE F 4 -16.94 -40.18 -7.85
C PHE F 4 -17.52 -39.50 -6.62
N VAL F 5 -18.82 -39.72 -6.40
CA VAL F 5 -19.53 -39.22 -5.21
C VAL F 5 -20.37 -40.34 -4.62
N VAL F 6 -20.50 -40.32 -3.29
CA VAL F 6 -21.21 -41.34 -2.55
C VAL F 6 -22.36 -40.66 -1.82
N ARG F 7 -23.58 -40.89 -2.29
CA ARG F 7 -24.80 -40.30 -1.71
C ARG F 7 -25.69 -41.32 -0.98
N ASP F 8 -25.20 -42.57 -0.85
CA ASP F 8 -25.82 -43.59 -0.01
C ASP F 8 -24.75 -44.05 0.98
N GLU F 9 -24.85 -43.56 2.22
CA GLU F 9 -23.92 -43.94 3.30
C GLU F 9 -24.19 -45.38 3.77
N ASN F 10 -25.47 -45.72 3.91
CA ASN F 10 -25.89 -47.05 4.35
C ASN F 10 -25.50 -48.25 3.46
N SER F 11 -25.21 -48.01 2.18
CA SER F 11 -24.89 -49.10 1.26
C SER F 11 -23.55 -49.76 1.61
N SER F 12 -23.63 -50.99 2.11
CA SER F 12 -22.45 -51.79 2.48
C SER F 12 -21.66 -52.28 1.26
N VAL F 13 -22.34 -52.52 0.15
CA VAL F 13 -21.70 -52.93 -1.10
C VAL F 13 -20.89 -51.76 -1.64
N TYR F 14 -21.52 -50.60 -1.80
CA TYR F 14 -20.85 -49.41 -2.39
C TYR F 14 -20.07 -48.55 -1.39
N ALA F 15 -20.07 -48.94 -0.11
CA ALA F 15 -19.02 -48.52 0.82
C ALA F 15 -17.72 -49.22 0.40
N GLU F 16 -17.80 -50.51 0.10
CA GLU F 16 -16.64 -51.32 -0.34
C GLU F 16 -16.13 -50.95 -1.74
N VAL F 17 -17.03 -50.56 -2.64
CA VAL F 17 -16.64 -50.16 -4.00
C VAL F 17 -15.93 -48.80 -3.94
N SER F 18 -16.44 -47.89 -3.12
CA SER F 18 -15.73 -46.63 -2.82
C SER F 18 -14.32 -46.91 -2.31
N ARG F 19 -14.22 -47.78 -1.31
CA ARG F 19 -12.94 -48.16 -0.68
C ARG F 19 -11.96 -48.78 -1.69
N LEU F 20 -12.47 -49.70 -2.51
CA LEU F 20 -11.68 -50.31 -3.60
C LEU F 20 -11.26 -49.32 -4.70
N LEU F 21 -12.13 -48.34 -4.98
CA LEU F 21 -11.86 -47.31 -6.00
C LEU F 21 -10.74 -46.37 -5.56
N LEU F 22 -10.93 -45.78 -4.37
CA LEU F 22 -9.95 -44.87 -3.77
C LEU F 22 -8.56 -45.51 -3.80
N ALA F 23 -8.45 -46.67 -3.17
CA ALA F 23 -7.19 -47.41 -3.07
C ALA F 23 -6.76 -47.99 -4.43
N THR F 24 -6.17 -47.12 -5.24
CA THR F 24 -5.75 -47.43 -6.61
C THR F 24 -4.87 -46.29 -7.13
N GLY F 25 -5.37 -45.06 -6.97
CA GLY F 25 -4.62 -43.84 -7.28
C GLY F 25 -5.32 -42.98 -8.32
N GLN F 26 -6.24 -43.59 -9.08
CA GLN F 26 -6.88 -42.95 -10.23
C GLN F 26 -8.37 -42.64 -9.99
N TRP F 27 -8.77 -42.51 -8.72
CA TRP F 27 -10.17 -42.26 -8.36
C TRP F 27 -10.27 -41.43 -7.07
N LYS F 28 -10.46 -40.12 -7.20
CA LYS F 28 -10.65 -39.25 -6.05
C LYS F 28 -12.14 -39.08 -5.76
N ARG F 29 -12.54 -39.35 -4.52
CA ARG F 29 -13.90 -39.05 -4.07
C ARG F 29 -14.08 -37.53 -3.98
N LEU F 30 -15.33 -37.07 -4.10
CA LEU F 30 -15.68 -35.66 -3.94
C LEU F 30 -16.80 -35.54 -2.90
N ARG F 31 -17.19 -34.29 -2.61
CA ARG F 31 -18.33 -34.03 -1.72
C ARG F 31 -19.61 -34.47 -2.42
N LYS F 32 -20.61 -34.88 -1.64
CA LYS F 32 -21.85 -35.41 -2.19
C LYS F 32 -22.61 -34.44 -3.12
N ASP F 33 -22.50 -33.12 -2.88
CA ASP F 33 -23.18 -32.10 -3.70
C ASP F 33 -22.31 -31.44 -4.80
N ASN F 34 -21.15 -32.03 -5.09
CA ASN F 34 -20.33 -31.62 -6.23
C ASN F 34 -20.95 -32.17 -7.51
N PRO F 35 -21.19 -31.30 -8.53
CA PRO F 35 -21.77 -31.79 -9.79
C PRO F 35 -20.77 -32.41 -10.78
N ARG F 36 -19.47 -32.22 -10.54
CA ARG F 36 -18.41 -32.60 -11.50
C ARG F 36 -17.81 -33.96 -11.17
N PHE F 37 -18.58 -35.02 -11.44
CA PHE F 37 -18.12 -36.40 -11.22
C PHE F 37 -18.18 -37.20 -12.52
N ASN F 38 -17.38 -38.27 -12.55
CA ASN F 38 -17.52 -39.33 -13.55
C ASN F 38 -18.56 -40.36 -13.13
N LEU F 39 -18.56 -40.70 -11.83
CA LEU F 39 -19.42 -41.75 -11.29
C LEU F 39 -20.22 -41.25 -10.12
N MET F 40 -21.54 -41.46 -10.17
CA MET F 40 -22.37 -41.30 -8.97
C MET F 40 -22.65 -42.67 -8.38
N LEU F 41 -22.47 -42.80 -7.06
CA LEU F 41 -22.96 -43.94 -6.30
C LEU F 41 -24.12 -43.45 -5.46
N GLY F 42 -25.27 -43.28 -6.11
CA GLY F 42 -26.37 -42.48 -5.58
C GLY F 42 -27.20 -43.08 -4.47
N GLU F 43 -28.00 -42.21 -3.88
CA GLU F 43 -29.04 -42.54 -2.89
C GLU F 43 -30.07 -43.57 -3.36
N ARG F 44 -30.83 -44.13 -2.42
CA ARG F 44 -31.94 -45.04 -2.75
C ARG F 44 -33.16 -44.23 -3.19
N ASN F 45 -33.70 -43.42 -2.29
CA ASN F 45 -34.90 -42.61 -2.57
C ASN F 45 -34.56 -41.30 -3.27
N ARG F 46 -35.31 -41.00 -4.34
CA ARG F 46 -35.24 -39.72 -5.05
C ARG F 46 -33.87 -39.42 -5.67
N LEU F 47 -33.28 -40.40 -6.34
CA LEU F 47 -32.00 -40.20 -7.02
C LEU F 47 -32.23 -39.23 -8.19
N PRO F 48 -31.49 -38.10 -8.23
CA PRO F 48 -31.78 -37.08 -9.23
C PRO F 48 -31.23 -37.44 -10.60
N PHE F 49 -31.94 -38.34 -11.29
CA PHE F 49 -31.53 -38.81 -12.63
C PHE F 49 -31.55 -37.67 -13.66
N GLY F 50 -32.47 -36.72 -13.49
CA GLY F 50 -32.57 -35.53 -14.35
C GLY F 50 -31.33 -34.64 -14.39
N ARG F 51 -30.57 -34.60 -13.31
CA ARG F 51 -29.34 -33.80 -13.23
C ARG F 51 -28.13 -34.43 -13.94
N LEU F 52 -28.17 -35.73 -14.22
CA LEU F 52 -27.02 -36.44 -14.81
C LEU F 52 -26.87 -36.19 -16.31
N GLY F 53 -25.65 -36.39 -16.80
CA GLY F 53 -25.33 -36.28 -18.22
C GLY F 53 -25.48 -34.91 -18.84
N HIS F 54 -25.34 -33.86 -18.03
CA HIS F 54 -25.43 -32.47 -18.51
C HIS F 54 -24.14 -31.65 -18.38
N GLU F 55 -23.29 -31.99 -17.40
CA GLU F 55 -22.00 -31.31 -17.21
C GLU F 55 -21.07 -31.55 -18.39
N PRO F 56 -20.71 -30.49 -19.15
CA PRO F 56 -19.95 -30.73 -20.38
C PRO F 56 -18.51 -31.13 -20.10
N GLY F 57 -17.96 -31.98 -20.99
CA GLY F 57 -16.64 -32.55 -20.81
C GLY F 57 -16.70 -33.93 -20.18
N LEU F 58 -17.39 -34.04 -19.04
CA LEU F 58 -17.46 -35.28 -18.25
C LEU F 58 -18.44 -36.31 -18.81
N VAL F 59 -17.98 -37.57 -18.92
CA VAL F 59 -18.85 -38.72 -19.17
C VAL F 59 -19.35 -39.19 -17.80
N GLN F 60 -20.66 -39.30 -17.64
CA GLN F 60 -21.27 -39.59 -16.34
C GLN F 60 -21.96 -40.95 -16.30
N LEU F 61 -21.66 -41.69 -15.23
CA LEU F 61 -22.21 -43.03 -14.98
C LEU F 61 -22.86 -43.04 -13.59
N VAL F 62 -23.88 -43.89 -13.42
CA VAL F 62 -24.55 -44.04 -12.11
C VAL F 62 -24.89 -45.50 -11.82
N ASN F 63 -24.83 -45.88 -10.56
CA ASN F 63 -25.04 -47.26 -10.11
C ASN F 63 -26.51 -47.72 -9.98
N TYR F 64 -27.44 -46.98 -10.59
CA TYR F 64 -28.86 -47.37 -10.62
C TYR F 64 -29.45 -47.16 -12.01
N TYR F 65 -30.41 -48.02 -12.36
CA TYR F 65 -31.17 -47.91 -13.60
C TYR F 65 -32.50 -47.26 -13.27
N ARG F 66 -32.79 -46.10 -13.88
CA ARG F 66 -34.03 -45.35 -13.64
C ARG F 66 -35.21 -46.14 -14.21
N GLY F 67 -36.23 -46.35 -13.39
CA GLY F 67 -37.40 -47.17 -13.75
C GLY F 67 -37.34 -48.64 -13.33
N ALA F 68 -36.20 -49.10 -12.82
CA ALA F 68 -36.05 -50.49 -12.34
C ALA F 68 -36.74 -50.78 -10.99
N ASP F 69 -37.23 -49.73 -10.32
CA ASP F 69 -38.21 -49.88 -9.24
C ASP F 69 -39.45 -50.69 -9.65
N LYS F 70 -39.78 -50.68 -10.95
CA LYS F 70 -40.88 -51.46 -11.50
C LYS F 70 -40.62 -52.99 -11.50
N LEU F 71 -39.43 -53.40 -11.06
CA LEU F 71 -39.12 -54.81 -10.81
C LEU F 71 -38.91 -55.14 -9.33
N CYS F 72 -38.66 -54.13 -8.48
CA CYS F 72 -38.26 -54.34 -7.08
C CYS F 72 -39.34 -54.03 -6.03
N ARG F 73 -40.19 -53.03 -6.27
CA ARG F 73 -41.42 -52.88 -5.48
C ARG F 73 -42.30 -54.08 -5.82
N LYS F 74 -42.81 -54.76 -4.80
CA LYS F 74 -43.62 -55.96 -5.01
C LYS F 74 -44.87 -55.66 -5.84
N ALA F 75 -45.59 -54.60 -5.46
CA ALA F 75 -46.85 -54.21 -6.12
C ALA F 75 -46.70 -53.95 -7.61
N SER F 76 -45.58 -53.35 -8.00
CA SER F 76 -45.26 -53.11 -9.41
C SER F 76 -44.85 -54.41 -10.11
N LEU F 77 -44.00 -55.20 -9.45
CA LEU F 77 -43.53 -56.51 -9.96
C LEU F 77 -44.69 -57.46 -10.33
N VAL F 78 -45.76 -57.41 -9.54
CA VAL F 78 -46.97 -58.18 -9.81
C VAL F 78 -47.74 -57.64 -11.03
N LYS F 79 -47.85 -56.32 -11.14
CA LYS F 79 -48.54 -55.69 -12.29
C LYS F 79 -47.76 -55.92 -13.60
N LEU F 80 -46.42 -55.83 -13.54
CA LEU F 80 -45.56 -56.09 -14.69
C LEU F 80 -45.73 -57.51 -15.23
N ILE F 81 -45.84 -58.49 -14.32
CA ILE F 81 -46.00 -59.90 -14.70
C ILE F 81 -47.40 -60.20 -15.28
N LYS F 82 -48.45 -59.62 -14.72
CA LYS F 82 -49.80 -59.81 -15.25
C LYS F 82 -50.06 -59.06 -16.57
N THR F 83 -49.40 -57.91 -16.76
CA THR F 83 -49.67 -57.04 -17.92
C THR F 83 -48.80 -57.29 -19.16
N SER F 84 -47.51 -57.55 -18.98
CA SER F 84 -46.57 -57.76 -20.11
C SER F 84 -46.85 -59.06 -20.86
N PRO F 85 -46.70 -59.07 -22.20
CA PRO F 85 -46.77 -60.35 -22.93
C PRO F 85 -45.61 -61.30 -22.64
N GLU F 86 -44.38 -60.80 -22.72
CA GLU F 86 -43.16 -61.64 -22.65
C GLU F 86 -43.06 -62.45 -21.37
N LEU F 87 -43.52 -61.87 -20.26
CA LEU F 87 -43.87 -62.64 -19.06
C LEU F 87 -45.38 -62.52 -18.94
N SER F 88 -46.10 -63.49 -19.49
CA SER F 88 -47.56 -63.45 -19.56
C SER F 88 -48.21 -63.78 -18.23
N GLU F 89 -49.55 -63.66 -18.17
CA GLU F 89 -50.32 -64.10 -16.99
C GLU F 89 -50.23 -65.63 -16.78
N SER F 90 -49.96 -66.36 -17.86
CA SER F 90 -49.51 -67.76 -17.79
C SER F 90 -47.98 -67.79 -17.69
N CYS F 91 -47.49 -67.48 -16.49
CA CYS F 91 -46.07 -67.47 -16.17
C CYS F 91 -45.84 -68.58 -15.14
N THR F 92 -45.07 -69.60 -15.53
CA THR F 92 -44.99 -70.86 -14.78
C THR F 92 -44.02 -70.84 -13.58
N TRP F 93 -43.33 -69.72 -13.37
CA TRP F 93 -42.33 -69.59 -12.29
C TRP F 93 -42.64 -68.51 -11.25
N PHE F 94 -43.67 -67.69 -11.46
CA PHE F 94 -44.06 -66.68 -10.47
C PHE F 94 -45.24 -67.18 -9.66
N PRO F 95 -45.15 -67.12 -8.31
CA PRO F 95 -46.28 -67.45 -7.45
C PRO F 95 -47.52 -66.60 -7.74
N GLU F 96 -48.69 -67.25 -7.72
CA GLU F 96 -49.95 -66.63 -8.12
C GLU F 96 -50.31 -65.50 -7.16
N SER F 97 -50.03 -64.27 -7.59
CA SER F 97 -50.17 -63.07 -6.75
C SER F 97 -51.36 -62.22 -7.16
N TYR F 98 -51.95 -61.52 -6.19
CA TYR F 98 -53.07 -60.59 -6.41
C TYR F 98 -52.83 -59.29 -5.63
N VAL F 99 -53.46 -58.20 -6.09
CA VAL F 99 -53.32 -56.87 -5.48
C VAL F 99 -54.69 -56.23 -5.22
N ILE F 100 -55.03 -56.11 -3.93
CA ILE F 100 -56.16 -55.29 -3.47
C ILE F 100 -55.57 -54.34 -2.40
N TYR F 101 -55.86 -53.06 -2.49
CA TYR F 101 -55.16 -52.03 -1.68
C TYR F 101 -55.66 -51.98 -0.22
N PRO F 102 -54.82 -51.47 0.72
CA PRO F 102 -55.27 -51.22 2.09
C PRO F 102 -56.41 -50.19 2.20
N GLY F 144 -55.10 -77.21 -1.25
CA GLY F 144 -53.98 -76.30 -1.01
C GLY F 144 -54.34 -74.84 -1.25
N ASN F 145 -54.94 -74.21 -0.25
CA ASN F 145 -55.45 -72.83 -0.33
C ASN F 145 -54.84 -71.93 0.77
N VAL F 146 -53.52 -72.04 0.96
CA VAL F 146 -52.77 -71.20 1.92
C VAL F 146 -52.03 -70.10 1.15
N TRP F 147 -52.00 -68.89 1.73
CA TRP F 147 -51.46 -67.69 1.07
C TRP F 147 -50.53 -66.91 2.00
N ILE F 148 -49.91 -65.86 1.46
CA ILE F 148 -49.04 -64.93 2.23
C ILE F 148 -49.23 -63.49 1.73
N ALA F 149 -49.14 -62.52 2.65
CA ALA F 149 -49.36 -61.11 2.35
C ALA F 149 -48.19 -60.24 2.83
N LYS F 150 -47.92 -59.15 2.11
CA LYS F 150 -46.71 -58.34 2.30
C LYS F 150 -46.70 -57.07 1.44
N SER F 151 -45.74 -56.18 1.72
CA SER F 151 -45.37 -55.09 0.81
C SER F 151 -43.93 -54.63 1.09
N GLY F 159 -44.84 -57.32 10.20
CA GLY F 159 -45.98 -58.23 10.28
C GLY F 159 -46.23 -58.95 8.97
N ILE F 160 -46.24 -60.28 9.01
CA ILE F 160 -46.47 -61.13 7.83
C ILE F 160 -47.59 -62.15 8.15
N LEU F 161 -48.66 -62.10 7.36
CA LEU F 161 -49.90 -62.85 7.61
C LEU F 161 -49.97 -64.12 6.74
N ILE F 162 -49.84 -65.29 7.37
CA ILE F 162 -49.96 -66.59 6.70
C ILE F 162 -51.20 -67.30 7.26
N SER F 163 -52.23 -67.46 6.43
CA SER F 163 -53.56 -67.93 6.88
C SER F 163 -54.43 -68.40 5.70
N SER F 164 -55.75 -68.48 5.91
CA SER F 164 -56.74 -68.59 4.84
C SER F 164 -57.87 -67.54 4.92
N GLU F 165 -57.74 -66.57 5.84
CA GLU F 165 -58.83 -65.65 6.20
C GLU F 165 -58.49 -64.18 5.89
N ALA F 166 -57.48 -63.65 6.58
CA ALA F 166 -57.08 -62.24 6.49
C ALA F 166 -58.15 -61.27 7.00
N HIS F 180 -50.49 -53.41 -0.69
CA HIS F 180 -50.05 -54.77 -0.34
C HIS F 180 -50.45 -55.81 -1.40
N VAL F 181 -49.81 -56.98 -1.32
CA VAL F 181 -49.99 -58.06 -2.31
C VAL F 181 -50.21 -59.42 -1.64
N ILE F 182 -51.22 -60.15 -2.11
CA ILE F 182 -51.56 -61.49 -1.62
C ILE F 182 -50.94 -62.48 -2.61
N GLN F 183 -50.17 -63.44 -2.10
CA GLN F 183 -49.39 -64.35 -2.93
C GLN F 183 -49.67 -65.81 -2.55
N LYS F 184 -49.66 -66.70 -3.54
CA LYS F 184 -49.85 -68.13 -3.30
C LYS F 184 -48.65 -68.65 -2.50
N TYR F 185 -48.93 -69.31 -1.37
CA TYR F 185 -47.88 -69.81 -0.48
C TYR F 185 -47.46 -71.20 -0.94
N LEU F 186 -46.16 -71.40 -1.14
CA LEU F 186 -45.62 -72.69 -1.53
C LEU F 186 -45.66 -73.62 -0.33
N GLU F 187 -46.72 -74.42 -0.27
CA GLU F 187 -47.00 -75.29 0.88
C GLU F 187 -45.97 -76.40 1.04
N LYS F 188 -45.52 -76.97 -0.08
CA LYS F 188 -44.53 -78.06 -0.07
C LYS F 188 -43.20 -77.63 -0.71
N PRO F 189 -42.33 -76.96 0.06
CA PRO F 189 -41.00 -76.60 -0.42
C PRO F 189 -39.98 -77.72 -0.29
N LEU F 190 -38.82 -77.55 -0.92
CA LEU F 190 -37.70 -78.48 -0.75
C LEU F 190 -37.15 -78.29 0.66
N LEU F 191 -36.73 -79.41 1.27
CA LEU F 191 -36.21 -79.42 2.64
C LEU F 191 -34.84 -80.11 2.70
N LEU F 192 -33.88 -79.45 3.34
CA LEU F 192 -32.52 -79.98 3.52
C LEU F 192 -32.50 -80.99 4.67
N GLU F 193 -31.72 -82.07 4.50
CA GLU F 193 -31.51 -83.07 5.55
C GLU F 193 -30.00 -83.16 5.89
N PRO F 194 -29.61 -83.40 7.14
CA PRO F 194 -30.52 -83.50 8.30
C PRO F 194 -31.03 -82.14 8.77
N GLY F 195 -32.34 -82.01 8.92
CA GLY F 195 -32.95 -80.74 9.32
C GLY F 195 -34.45 -80.66 9.11
N HIS F 196 -34.90 -81.06 7.92
CA HIS F 196 -36.32 -80.98 7.51
C HIS F 196 -36.76 -79.49 7.45
N ARG F 197 -35.97 -78.69 6.72
CA ARG F 197 -35.96 -77.22 6.87
C ARG F 197 -35.94 -76.44 5.54
N LYS F 198 -36.67 -75.31 5.53
CA LYS F 198 -36.85 -74.48 4.34
C LYS F 198 -35.63 -73.57 4.07
N PHE F 199 -35.49 -73.10 2.83
CA PHE F 199 -34.50 -72.08 2.45
C PHE F 199 -34.97 -71.23 1.25
N ASP F 200 -34.28 -70.10 1.03
CA ASP F 200 -34.39 -69.33 -0.23
C ASP F 200 -33.00 -69.04 -0.80
N ILE F 201 -32.92 -68.89 -2.12
CA ILE F 201 -31.66 -68.64 -2.82
C ILE F 201 -31.58 -67.17 -3.26
N ARG F 202 -30.46 -66.52 -2.94
CA ARG F 202 -30.15 -65.14 -3.35
C ARG F 202 -29.04 -65.20 -4.40
N SER F 203 -29.37 -64.81 -5.64
CA SER F 203 -28.39 -64.69 -6.71
C SER F 203 -28.20 -63.21 -7.02
N TRP F 204 -26.94 -62.77 -7.07
CA TRP F 204 -26.60 -61.36 -7.36
C TRP F 204 -26.33 -61.18 -8.85
N VAL F 205 -26.92 -60.14 -9.44
CA VAL F 205 -26.92 -59.94 -10.89
C VAL F 205 -26.52 -58.52 -11.23
N LEU F 206 -25.49 -58.37 -12.06
CA LEU F 206 -24.95 -57.07 -12.45
C LEU F 206 -25.29 -56.77 -13.90
N VAL F 207 -26.19 -55.82 -14.13
CA VAL F 207 -26.46 -55.32 -15.49
C VAL F 207 -25.59 -54.09 -15.71
N ASP F 208 -24.81 -54.08 -16.80
CA ASP F 208 -23.91 -52.96 -17.08
C ASP F 208 -24.53 -51.95 -18.07
N HIS F 209 -23.77 -50.89 -18.39
CA HIS F 209 -24.19 -49.83 -19.33
C HIS F 209 -24.55 -50.24 -20.76
N LEU F 210 -24.14 -51.44 -21.18
CA LEU F 210 -24.52 -52.04 -22.47
C LEU F 210 -25.70 -53.01 -22.36
N TYR F 211 -26.27 -53.14 -21.17
CA TYR F 211 -27.28 -54.16 -20.83
C TYR F 211 -26.83 -55.62 -20.96
N ASN F 212 -25.52 -55.88 -20.84
CA ASN F 212 -25.03 -57.24 -20.60
C ASN F 212 -25.51 -57.66 -19.21
N ILE F 213 -26.13 -58.84 -19.13
CA ILE F 213 -26.60 -59.37 -17.85
C ILE F 213 -25.58 -60.36 -17.32
N TYR F 214 -24.89 -59.98 -16.25
CA TYR F 214 -23.84 -60.79 -15.63
C TYR F 214 -24.33 -61.39 -14.31
N LEU F 215 -24.48 -62.72 -14.27
CA LEU F 215 -24.86 -63.46 -13.07
C LEU F 215 -23.60 -63.86 -12.30
N TYR F 216 -23.56 -63.53 -11.01
CA TYR F 216 -22.43 -63.90 -10.15
C TYR F 216 -22.53 -65.37 -9.78
N ARG F 217 -21.46 -66.12 -10.01
CA ARG F 217 -21.44 -67.58 -9.80
C ARG F 217 -21.79 -67.98 -8.35
N GLU F 218 -21.29 -67.22 -7.37
CA GLU F 218 -21.56 -67.51 -5.97
C GLU F 218 -22.94 -66.97 -5.59
N GLY F 219 -23.84 -67.86 -5.22
CA GLY F 219 -25.11 -67.50 -4.59
C GLY F 219 -25.04 -67.92 -3.14
N VAL F 220 -26.19 -67.95 -2.48
CA VAL F 220 -26.24 -68.37 -1.07
C VAL F 220 -27.65 -68.85 -0.67
N LEU F 221 -27.69 -69.87 0.20
CA LEU F 221 -28.95 -70.39 0.74
C LEU F 221 -29.18 -69.82 2.14
N ARG F 222 -30.07 -68.85 2.25
CA ARG F 222 -30.46 -68.29 3.55
C ARG F 222 -31.42 -69.27 4.23
N THR F 223 -30.84 -70.13 5.07
CA THR F 223 -31.53 -71.28 5.62
C THR F 223 -32.38 -70.97 6.85
N SER F 224 -33.45 -71.74 7.01
CA SER F 224 -34.17 -71.84 8.29
C SER F 224 -33.52 -72.99 9.06
N SER F 225 -33.53 -72.91 10.39
CA SER F 225 -32.96 -73.95 11.27
C SER F 225 -33.99 -74.76 12.07
N GLU F 226 -35.26 -74.36 12.06
CA GLU F 226 -36.35 -75.09 12.74
C GLU F 226 -37.05 -76.03 11.74
N PRO F 227 -37.56 -77.20 12.20
CA PRO F 227 -38.37 -78.05 11.32
C PRO F 227 -39.63 -77.36 10.81
N TYR F 228 -39.96 -77.59 9.52
CA TYR F 228 -41.12 -76.98 8.88
C TYR F 228 -42.41 -77.63 9.36
N ASN F 229 -43.50 -76.86 9.40
CA ASN F 229 -44.80 -77.28 9.95
C ASN F 229 -45.99 -76.85 9.07
N SER F 230 -46.89 -77.78 8.77
CA SER F 230 -48.07 -77.54 7.92
C SER F 230 -49.26 -76.92 8.67
N ALA F 231 -49.52 -77.43 9.88
CA ALA F 231 -50.65 -76.97 10.69
C ALA F 231 -50.42 -75.60 11.36
N ASN F 232 -49.20 -75.37 11.85
CA ASN F 232 -48.85 -74.14 12.60
C ASN F 232 -48.24 -73.03 11.71
N PHE F 233 -49.01 -71.95 11.49
CA PHE F 233 -48.60 -70.83 10.64
C PHE F 233 -48.07 -69.59 11.39
N GLN F 234 -48.64 -69.29 12.57
CA GLN F 234 -48.27 -68.09 13.36
C GLN F 234 -46.78 -67.99 13.70
N ASP F 235 -46.14 -69.12 14.02
CA ASP F 235 -44.72 -69.14 14.40
C ASP F 235 -43.82 -68.83 13.19
N LYS F 236 -43.07 -67.72 13.28
CA LYS F 236 -42.32 -67.18 12.14
C LYS F 236 -40.88 -67.71 11.97
N THR F 237 -40.34 -68.45 12.95
CA THR F 237 -38.96 -68.95 12.88
C THR F 237 -38.76 -70.13 11.91
N CYS F 238 -39.82 -70.88 11.58
CA CYS F 238 -39.73 -72.01 10.64
C CYS F 238 -40.13 -71.64 9.20
N HIS F 239 -41.18 -70.83 9.06
CA HIS F 239 -41.67 -70.40 7.75
C HIS F 239 -40.78 -69.31 7.12
N LEU F 240 -40.68 -68.16 7.78
CA LEU F 240 -39.89 -67.01 7.26
C LEU F 240 -38.40 -67.22 7.48
N THR F 241 -37.64 -67.28 6.38
CA THR F 241 -36.21 -67.67 6.42
C THR F 241 -35.25 -66.51 6.14
N ASN F 242 -35.58 -65.33 6.65
CA ASN F 242 -34.73 -64.14 6.49
C ASN F 242 -33.58 -64.15 7.49
N HIS F 243 -32.64 -63.22 7.29
CA HIS F 243 -31.46 -63.13 8.16
C HIS F 243 -31.76 -62.43 9.50
N CYS F 244 -32.60 -61.39 9.47
CA CYS F 244 -32.90 -60.59 10.67
C CYS F 244 -33.96 -61.19 11.61
N ILE F 245 -34.94 -61.93 11.06
CA ILE F 245 -36.01 -62.56 11.86
C ILE F 245 -35.47 -63.74 12.70
N GLN F 246 -34.39 -64.37 12.24
CA GLN F 246 -33.73 -65.45 12.98
C GLN F 246 -32.90 -64.88 14.15
N LYS F 247 -32.15 -63.82 13.89
CA LYS F 247 -31.37 -63.10 14.92
C LYS F 247 -32.09 -61.83 15.32
N ASN F 252 -32.18 -71.33 16.99
CA ASN F 252 -31.06 -72.12 16.49
C ASN F 252 -30.24 -71.32 15.46
N TYR F 253 -29.87 -70.09 15.82
CA TYR F 253 -29.22 -69.14 14.90
C TYR F 253 -27.78 -69.56 14.58
N GLY F 254 -27.65 -70.48 13.62
CA GLY F 254 -26.36 -70.99 13.15
C GLY F 254 -25.98 -72.34 13.73
N ARG F 255 -26.94 -73.26 13.78
CA ARG F 255 -26.74 -74.59 14.33
C ARG F 255 -26.08 -75.52 13.30
N TYR F 256 -26.68 -75.62 12.12
CA TYR F 256 -26.22 -76.50 11.03
C TYR F 256 -25.11 -75.88 10.16
N GLU F 257 -25.18 -74.57 9.95
CA GLU F 257 -24.19 -73.84 9.14
C GLU F 257 -23.96 -72.43 9.71
N GLU F 258 -22.91 -71.75 9.23
CA GLU F 258 -22.50 -70.45 9.82
C GLU F 258 -23.42 -69.30 9.42
N GLY F 259 -24.06 -68.70 10.43
CA GLY F 259 -25.00 -67.58 10.25
C GLY F 259 -26.23 -67.88 9.40
N ASN F 260 -26.63 -69.15 9.35
CA ASN F 260 -27.64 -69.66 8.42
C ASN F 260 -27.34 -69.32 6.96
N GLU F 261 -26.19 -69.81 6.48
CA GLU F 261 -25.78 -69.66 5.08
C GLU F 261 -25.05 -70.90 4.56
N MET F 262 -25.48 -71.40 3.40
CA MET F 262 -24.81 -72.51 2.70
C MET F 262 -24.42 -72.06 1.29
N PHE F 263 -23.11 -72.04 1.02
CA PHE F 263 -22.58 -71.60 -0.28
C PHE F 263 -22.70 -72.71 -1.34
N PHE F 264 -22.55 -72.31 -2.59
CA PHE F 264 -22.93 -73.13 -3.77
C PHE F 264 -22.17 -74.44 -3.97
N GLU F 265 -20.93 -74.52 -3.48
CA GLU F 265 -20.17 -75.79 -3.53
C GLU F 265 -20.81 -76.87 -2.65
N GLU F 266 -21.23 -76.48 -1.44
CA GLU F 266 -21.88 -77.40 -0.51
C GLU F 266 -23.27 -77.83 -0.97
N PHE F 267 -24.09 -76.87 -1.43
CA PHE F 267 -25.44 -77.17 -1.92
C PHE F 267 -25.43 -78.03 -3.18
N ASN F 268 -24.39 -77.89 -4.00
CA ASN F 268 -24.17 -78.79 -5.14
C ASN F 268 -23.90 -80.21 -4.68
N GLN F 269 -23.01 -80.34 -3.69
CA GLN F 269 -22.64 -81.65 -3.17
C GLN F 269 -23.84 -82.38 -2.57
N TYR F 270 -24.68 -81.67 -1.81
CA TYR F 270 -25.90 -82.26 -1.23
C TYR F 270 -26.86 -82.79 -2.31
N LEU F 271 -27.05 -82.01 -3.38
CA LEU F 271 -27.91 -82.41 -4.50
C LEU F 271 -27.34 -83.61 -5.26
N MET F 272 -26.02 -83.61 -5.44
CA MET F 272 -25.30 -84.77 -6.00
C MET F 272 -25.51 -86.02 -5.16
N ASP F 273 -25.19 -85.92 -3.86
CA ASP F 273 -25.30 -87.06 -2.95
C ASP F 273 -26.74 -87.51 -2.72
N ALA F 274 -27.60 -86.59 -2.28
CA ALA F 274 -29.00 -86.92 -1.94
C ALA F 274 -29.90 -87.19 -3.15
N LEU F 275 -30.13 -86.17 -3.98
CA LEU F 275 -31.10 -86.24 -5.09
C LEU F 275 -30.53 -86.74 -6.44
N ASN F 276 -29.22 -86.99 -6.52
CA ASN F 276 -28.58 -87.54 -7.72
C ASN F 276 -28.73 -86.62 -8.94
N THR F 277 -28.30 -85.38 -8.75
CA THR F 277 -28.37 -84.34 -9.77
C THR F 277 -27.36 -83.24 -9.42
N THR F 278 -27.44 -82.08 -10.09
CA THR F 278 -26.55 -80.95 -9.78
C THR F 278 -27.34 -79.66 -9.65
N LEU F 279 -26.71 -78.69 -9.00
CA LEU F 279 -27.25 -77.35 -8.86
C LEU F 279 -27.40 -76.67 -10.22
N GLU F 280 -26.36 -76.81 -11.04
CA GLU F 280 -26.35 -76.32 -12.41
C GLU F 280 -27.58 -76.75 -13.24
N ASN F 281 -27.95 -78.03 -13.17
CA ASN F 281 -29.04 -78.59 -13.99
C ASN F 281 -30.42 -78.48 -13.35
N SER F 282 -30.52 -78.86 -12.07
CA SER F 282 -31.82 -78.95 -11.38
C SER F 282 -32.44 -77.59 -11.05
N ILE F 283 -31.60 -76.62 -10.65
CA ILE F 283 -32.05 -75.31 -10.19
C ILE F 283 -31.54 -74.12 -11.03
N LEU F 284 -30.25 -74.09 -11.34
CA LEU F 284 -29.63 -72.90 -11.92
C LEU F 284 -30.09 -72.57 -13.34
N LEU F 285 -30.48 -73.59 -14.12
CA LEU F 285 -31.07 -73.36 -15.45
C LEU F 285 -32.33 -72.50 -15.44
N GLN F 286 -33.15 -72.65 -14.39
CA GLN F 286 -34.42 -71.91 -14.26
C GLN F 286 -34.17 -70.50 -13.69
N ILE F 287 -33.19 -70.39 -12.80
CA ILE F 287 -32.74 -69.08 -12.29
C ILE F 287 -32.24 -68.24 -13.46
N LYS F 288 -31.36 -68.81 -14.28
CA LYS F 288 -30.84 -68.12 -15.46
C LYS F 288 -31.95 -67.72 -16.43
N HIS F 289 -32.98 -68.55 -16.55
CA HIS F 289 -34.15 -68.23 -17.34
C HIS F 289 -34.98 -67.05 -16.79
N ILE F 290 -35.24 -67.07 -15.48
CA ILE F 290 -36.06 -66.04 -14.84
C ILE F 290 -35.37 -64.67 -14.81
N ILE F 291 -34.08 -64.65 -14.48
CA ILE F 291 -33.28 -63.42 -14.47
C ILE F 291 -33.37 -62.77 -15.85
N ARG F 292 -33.05 -63.56 -16.87
CA ARG F 292 -33.03 -63.09 -18.26
C ARG F 292 -34.43 -62.69 -18.73
N SER F 293 -35.43 -63.49 -18.37
CA SER F 293 -36.82 -63.16 -18.66
C SER F 293 -37.22 -61.81 -18.08
N CYS F 294 -36.90 -61.57 -16.82
CA CYS F 294 -37.30 -60.33 -16.14
C CYS F 294 -36.62 -59.08 -16.70
N LEU F 295 -35.29 -59.12 -16.80
CA LEU F 295 -34.51 -57.96 -17.21
C LEU F 295 -34.73 -57.53 -18.66
N MET F 296 -34.82 -58.51 -19.59
CA MET F 296 -35.05 -58.19 -21.01
CA MET F 296 -35.08 -58.24 -21.02
C MET F 296 -36.47 -57.65 -21.26
N CYS F 297 -37.41 -57.97 -20.38
CA CYS F 297 -38.77 -57.40 -20.46
C CYS F 297 -38.76 -55.88 -20.27
N ILE F 298 -38.08 -55.44 -19.21
CA ILE F 298 -37.98 -54.01 -18.89
C ILE F 298 -36.93 -53.21 -19.69
N GLU F 299 -36.08 -53.88 -20.50
CA GLU F 299 -34.99 -53.19 -21.21
C GLU F 299 -35.40 -51.95 -22.03
N PRO F 300 -36.46 -52.06 -22.86
CA PRO F 300 -36.91 -50.86 -23.57
C PRO F 300 -37.28 -49.70 -22.65
N ALA F 301 -37.84 -50.01 -21.47
CA ALA F 301 -38.22 -48.99 -20.48
C ALA F 301 -37.04 -48.32 -19.77
N ILE F 302 -35.93 -49.05 -19.55
CA ILE F 302 -34.81 -48.54 -18.74
C ILE F 302 -33.44 -48.37 -19.41
N SER F 303 -33.17 -49.07 -20.51
CA SER F 303 -31.85 -49.03 -21.18
C SER F 303 -31.30 -47.62 -21.35
N THR F 304 -30.01 -47.44 -21.03
CA THR F 304 -29.33 -46.15 -21.21
C THR F 304 -28.45 -46.13 -22.47
N LYS F 305 -28.86 -46.91 -23.47
CA LYS F 305 -28.23 -46.89 -24.78
C LYS F 305 -28.74 -45.64 -25.50
N HIS F 306 -27.84 -44.90 -26.15
CA HIS F 306 -28.14 -43.60 -26.80
C HIS F 306 -28.69 -42.52 -25.84
N LEU F 307 -28.30 -42.60 -24.56
CA LEU F 307 -28.77 -41.64 -23.55
C LEU F 307 -27.59 -40.79 -23.08
N HIS F 308 -27.90 -39.57 -22.63
CA HIS F 308 -26.87 -38.59 -22.24
C HIS F 308 -26.06 -38.93 -20.99
N TYR F 309 -26.59 -39.83 -20.14
CA TYR F 309 -25.78 -40.50 -19.10
C TYR F 309 -25.89 -42.01 -19.33
N GLN F 310 -25.23 -42.80 -18.48
N GLN F 310 -25.22 -42.79 -18.48
CA GLN F 310 -25.32 -44.26 -18.56
CA GLN F 310 -25.24 -44.26 -18.52
C GLN F 310 -25.56 -44.85 -17.17
C GLN F 310 -25.59 -44.83 -17.15
N SER F 311 -26.18 -46.04 -17.13
CA SER F 311 -26.54 -46.72 -15.88
C SER F 311 -26.01 -48.14 -15.87
N PHE F 312 -25.42 -48.54 -14.74
CA PHE F 312 -25.35 -49.96 -14.38
C PHE F 312 -26.19 -50.14 -13.11
N GLN F 313 -26.34 -51.39 -12.67
CA GLN F 313 -26.98 -51.70 -11.39
C GLN F 313 -26.69 -53.14 -10.97
N LEU F 314 -26.50 -53.32 -9.65
CA LEU F 314 -26.47 -54.64 -9.02
C LEU F 314 -27.87 -54.96 -8.50
N PHE F 315 -28.44 -56.06 -8.97
CA PHE F 315 -29.72 -56.59 -8.49
C PHE F 315 -29.50 -57.82 -7.64
N GLY F 316 -30.47 -58.10 -6.75
CA GLY F 316 -30.51 -59.32 -5.96
C GLY F 316 -31.83 -60.03 -6.17
N PHE F 317 -31.77 -61.20 -6.83
CA PHE F 317 -32.96 -62.02 -7.10
C PHE F 317 -33.10 -63.09 -6.02
N ASP F 318 -34.29 -63.17 -5.43
CA ASP F 318 -34.59 -64.13 -4.36
C ASP F 318 -35.48 -65.24 -4.89
N PHE F 319 -34.97 -66.46 -4.88
CA PHE F 319 -35.68 -67.64 -5.39
C PHE F 319 -36.05 -68.64 -4.30
N MET F 320 -37.00 -69.51 -4.65
CA MET F 320 -37.45 -70.61 -3.79
C MET F 320 -37.59 -71.88 -4.61
N VAL F 321 -36.93 -72.95 -4.17
CA VAL F 321 -36.98 -74.25 -4.85
C VAL F 321 -37.99 -75.17 -4.14
N ASP F 322 -39.03 -75.61 -4.86
CA ASP F 322 -40.03 -76.53 -4.28
C ASP F 322 -39.56 -78.00 -4.29
N GLU F 323 -40.39 -78.89 -3.74
CA GLU F 323 -40.05 -80.32 -3.58
C GLU F 323 -39.74 -81.08 -4.88
N GLU F 324 -40.46 -80.76 -5.97
N GLU F 324 -40.46 -80.72 -5.96
CA GLU F 324 -40.17 -81.33 -7.29
CA GLU F 324 -40.23 -81.25 -7.30
C GLU F 324 -39.17 -80.47 -8.07
C GLU F 324 -39.17 -80.46 -8.07
N LEU F 325 -38.11 -80.01 -7.38
CA LEU F 325 -37.03 -79.21 -7.97
C LEU F 325 -37.42 -78.07 -8.93
N LYS F 326 -38.51 -77.36 -8.60
CA LYS F 326 -38.97 -76.23 -9.41
C LYS F 326 -38.68 -74.90 -8.72
N VAL F 327 -38.08 -73.98 -9.46
CA VAL F 327 -37.66 -72.68 -8.93
C VAL F 327 -38.80 -71.69 -9.06
N TRP F 328 -38.97 -70.85 -8.04
CA TRP F 328 -39.98 -69.80 -8.01
C TRP F 328 -39.37 -68.44 -7.67
N LEU F 329 -39.91 -67.39 -8.29
CA LEU F 329 -39.41 -66.03 -8.07
C LEU F 329 -40.19 -65.38 -6.94
N ILE F 330 -39.50 -65.07 -5.86
CA ILE F 330 -40.11 -64.44 -4.69
C ILE F 330 -40.05 -62.93 -4.86
N GLU F 331 -38.84 -62.39 -4.95
CA GLU F 331 -38.62 -60.94 -4.99
C GLU F 331 -37.30 -60.56 -5.66
N VAL F 332 -37.30 -59.38 -6.26
CA VAL F 332 -36.08 -58.75 -6.80
C VAL F 332 -35.73 -57.56 -5.89
N ASN F 333 -34.45 -57.32 -5.67
CA ASN F 333 -33.98 -56.24 -4.79
C ASN F 333 -32.98 -55.30 -5.47
N GLY F 334 -33.35 -54.02 -5.60
CA GLY F 334 -32.52 -53.01 -6.26
C GLY F 334 -31.30 -52.51 -5.49
N ALA F 335 -31.32 -52.64 -4.16
CA ALA F 335 -30.22 -52.19 -3.29
C ALA F 335 -29.78 -53.32 -2.37
N PRO F 336 -29.25 -54.41 -2.95
CA PRO F 336 -29.07 -55.65 -2.20
C PRO F 336 -27.74 -55.70 -1.45
N ALA F 337 -27.78 -56.26 -0.24
CA ALA F 337 -26.57 -56.50 0.54
C ALA F 337 -25.95 -57.84 0.15
N CYS F 338 -24.63 -57.86 -0.03
CA CYS F 338 -23.90 -59.09 -0.33
C CYS F 338 -23.65 -59.91 0.94
N ALA F 339 -23.23 -61.16 0.76
CA ALA F 339 -22.88 -62.04 1.89
C ALA F 339 -21.48 -61.71 2.40
N GLN F 340 -21.29 -61.84 3.72
CA GLN F 340 -20.09 -61.37 4.40
C GLN F 340 -18.75 -61.88 3.82
N LYS F 341 -18.75 -63.12 3.31
CA LYS F 341 -17.59 -63.71 2.65
C LYS F 341 -17.37 -63.17 1.22
N LEU F 342 -18.46 -62.97 0.50
CA LEU F 342 -18.42 -62.68 -0.95
C LEU F 342 -18.20 -61.21 -1.35
N TYR F 343 -18.36 -60.28 -0.40
CA TYR F 343 -18.14 -58.84 -0.65
C TYR F 343 -16.90 -58.55 -1.49
N ALA F 344 -15.73 -58.94 -0.98
CA ALA F 344 -14.44 -58.62 -1.59
C ALA F 344 -14.37 -59.01 -3.06
N GLU F 345 -14.84 -60.22 -3.38
CA GLU F 345 -14.75 -60.75 -4.74
C GLU F 345 -15.81 -60.15 -5.68
N LEU F 346 -17.04 -60.02 -5.19
CA LEU F 346 -18.14 -59.40 -5.95
C LEU F 346 -17.84 -57.92 -6.23
N CYS F 347 -17.62 -57.16 -5.16
CA CYS F 347 -17.37 -55.72 -5.27
C CYS F 347 -16.17 -55.40 -6.16
N GLN F 348 -15.14 -56.22 -6.08
CA GLN F 348 -14.03 -56.15 -7.04
C GLN F 348 -14.55 -56.33 -8.48
N GLY F 349 -15.35 -57.37 -8.67
CA GLY F 349 -15.97 -57.66 -9.97
C GLY F 349 -16.84 -56.55 -10.54
N ILE F 350 -17.51 -55.80 -9.67
CA ILE F 350 -18.32 -54.63 -10.10
C ILE F 350 -17.43 -53.52 -10.63
N VAL F 351 -16.27 -53.33 -10.00
CA VAL F 351 -15.30 -52.33 -10.47
C VAL F 351 -14.72 -52.74 -11.84
N ASP F 352 -14.37 -54.02 -11.99
CA ASP F 352 -13.87 -54.57 -13.26
C ASP F 352 -14.84 -54.35 -14.44
N VAL F 353 -16.07 -54.78 -14.24
CA VAL F 353 -17.04 -55.00 -15.33
C VAL F 353 -17.94 -53.78 -15.61
N ALA F 354 -18.41 -53.14 -14.54
CA ALA F 354 -19.38 -52.03 -14.64
C ALA F 354 -18.73 -50.64 -14.71
N ILE F 355 -17.62 -50.46 -13.98
CA ILE F 355 -16.96 -49.16 -13.83
C ILE F 355 -15.76 -49.03 -14.77
N SER F 356 -14.77 -49.89 -14.61
CA SER F 356 -13.55 -49.85 -15.44
C SER F 356 -13.79 -50.08 -16.93
N SER F 357 -14.89 -50.76 -17.27
CA SER F 357 -15.29 -50.93 -18.68
C SER F 357 -15.69 -49.62 -19.35
N VAL F 358 -16.16 -48.66 -18.56
CA VAL F 358 -16.43 -47.29 -19.02
C VAL F 358 -15.22 -46.38 -18.78
N PHE F 359 -14.56 -46.53 -17.63
CA PHE F 359 -13.43 -45.67 -17.24
C PHE F 359 -12.14 -46.51 -17.07
N PRO F 360 -11.43 -46.76 -18.19
CA PRO F 360 -10.29 -47.68 -18.17
C PRO F 360 -9.09 -47.17 -17.38
N LEU F 361 -8.34 -48.08 -16.78
CA LEU F 361 -7.16 -47.78 -15.95
C LEU F 361 -5.85 -47.89 -16.77
N ALA F 362 -4.73 -47.55 -16.12
CA ALA F 362 -3.41 -47.64 -16.74
C ALA F 362 -2.86 -49.07 -16.64
N SER F 373 -12.96 -65.18 -15.25
CA SER F 373 -14.05 -64.23 -15.06
C SER F 373 -15.04 -64.78 -14.01
N ILE F 374 -15.34 -63.98 -12.99
CA ILE F 374 -16.24 -64.40 -11.90
C ILE F 374 -17.71 -64.49 -12.31
N PHE F 375 -18.10 -63.75 -13.34
CA PHE F 375 -19.50 -63.67 -13.78
C PHE F 375 -19.80 -64.68 -14.88
N ILE F 376 -21.07 -65.06 -14.99
CA ILE F 376 -21.58 -65.88 -16.09
C ILE F 376 -22.53 -64.97 -16.88
N LYS F 377 -22.31 -64.89 -18.19
CA LYS F 377 -23.06 -63.98 -19.06
C LYS F 377 -24.33 -64.66 -19.56
N LEU F 378 -25.48 -64.00 -19.40
CA LEU F 378 -26.77 -64.57 -19.78
C LEU F 378 -27.25 -63.96 -21.10
N HIS F 379 -26.74 -64.51 -22.20
CA HIS F 379 -27.22 -64.20 -23.55
C HIS F 379 -27.68 -65.49 -24.22
N HIS F 380 -28.82 -65.44 -24.92
CA HIS F 380 -29.38 -66.62 -25.58
C HIS F 380 -30.30 -66.21 -26.73
N HIS F 381 -29.74 -66.14 -27.94
CA HIS F 381 -30.50 -65.82 -29.16
C HIS F 381 -30.89 -67.10 -29.91
N HIS F 382 -31.95 -67.76 -29.40
CA HIS F 382 -32.53 -68.94 -30.02
C HIS F 382 -33.39 -68.50 -31.22
N HIS F 383 -33.12 -69.07 -32.39
CA HIS F 383 -33.75 -68.64 -33.65
C HIS F 383 -35.08 -69.36 -33.92
N HIS F 384 -36.17 -68.59 -33.94
CA HIS F 384 -37.53 -69.08 -34.22
C HIS F 384 -38.31 -68.02 -34.99
PG GTP G . -28.46 -8.20 -22.71
O1G GTP G . -27.24 -8.38 -23.60
O2G GTP G . -29.23 -6.96 -23.05
O3G GTP G . -28.25 -8.45 -21.23
O3B GTP G . -29.52 -9.35 -23.06
PB GTP G . -29.67 -10.15 -24.46
O1B GTP G . -28.89 -9.45 -25.58
O2B GTP G . -31.12 -10.49 -24.61
O3A GTP G . -28.89 -11.49 -24.07
PA GTP G . -28.64 -12.75 -25.03
O1A GTP G . -27.24 -12.61 -25.58
O2A GTP G . -29.81 -12.85 -25.98
O5' GTP G . -28.75 -13.91 -23.92
C5' GTP G . -27.67 -14.75 -23.51
C4' GTP G . -28.14 -16.20 -23.56
O4' GTP G . -28.73 -16.41 -24.84
C3' GTP G . -27.02 -17.21 -23.46
O3' GTP G . -27.51 -18.44 -22.88
C2' GTP G . -26.59 -17.42 -24.91
O2' GTP G . -26.03 -18.70 -25.15
C1' GTP G . -27.90 -17.25 -25.64
N9 GTP G . -27.73 -16.68 -26.99
C8 GTP G . -27.25 -15.46 -27.31
N7 GTP G . -27.26 -15.28 -28.66
C5 GTP G . -27.75 -16.40 -29.21
C6 GTP G . -28.04 -16.90 -30.57
O6 GTP G . -27.81 -16.21 -31.58
N1 GTP G . -28.56 -18.15 -30.69
C2 GTP G . -28.82 -18.93 -29.63
N2 GTP G . -29.33 -20.17 -29.82
N3 GTP G . -28.58 -18.54 -28.35
C4 GTP G . -28.06 -17.31 -28.10
MG MG H . -27.41 -7.71 -25.54
CA CA I . -51.10 -11.59 -52.66
PB GDP J . 3.05 8.78 -5.79
O1B GDP J . 3.76 9.25 -7.03
O2B GDP J . 1.76 8.04 -6.06
O3B GDP J . 2.94 9.83 -4.73
O3A GDP J . 4.02 7.66 -5.14
PA GDP J . 4.60 6.35 -5.90
O1A GDP J . 6.09 6.52 -5.95
O2A GDP J . 3.82 6.08 -7.16
O5' GDP J . 4.21 5.17 -4.86
C5' GDP J . 5.16 4.38 -4.16
C4' GDP J . 4.73 2.92 -4.19
O4' GDP J . 4.56 2.51 -5.55
C3' GDP J . 5.79 1.99 -3.62
O3' GDP J . 5.15 0.84 -3.05
C2' GDP J . 6.62 1.62 -4.83
O2' GDP J . 7.24 0.35 -4.71
C1' GDP J . 5.59 1.62 -5.95
N9 GDP J . 6.11 2.04 -7.27
C8 GDP J . 6.63 3.23 -7.60
N7 GDP J . 6.98 3.25 -8.91
C5 GDP J . 6.67 2.07 -9.44
C6 GDP J . 6.75 1.40 -10.78
O6 GDP J . 7.22 1.98 -11.77
N1 GDP J . 6.30 0.14 -10.89
C2 GDP J . 5.78 -0.54 -9.85
N2 GDP J . 5.35 -1.81 -10.05
N3 GDP J . 5.67 0.00 -8.61
C4 GDP J . 6.09 1.27 -8.35
MG MG K . 8.21 7.62 -5.17
O1 MES L . -18.41 2.65 -7.54
C2 MES L . -18.99 1.37 -7.37
C3 MES L . -20.50 1.36 -7.65
N4 MES L . -21.00 2.33 -8.68
C5 MES L . -20.10 3.46 -8.99
C6 MES L . -18.61 3.15 -8.85
C7 MES L . -21.39 1.64 -9.93
C8 MES L . -22.65 0.79 -9.76
S MES L . -23.60 0.97 -11.13
O1S MES L . -24.87 1.75 -11.06
O2S MES L . -23.41 0.02 -12.26
O3S MES L . -24.40 -0.13 -10.52
CA CA M . -1.30 24.98 -1.54
O1 MES N . -6.79 -25.30 -9.73
C2 MES N . -5.71 -25.41 -10.65
C3 MES N . -4.40 -25.64 -9.90
N4 MES N . -4.16 -24.63 -8.83
C5 MES N . -5.37 -24.35 -8.04
C6 MES N . -6.62 -24.16 -8.88
C7 MES N . -3.12 -25.09 -7.87
C8 MES N . -1.69 -25.35 -8.40
S MES N . -0.68 -24.01 -8.49
O1S MES N . 0.76 -24.18 -8.14
O2S MES N . -1.32 -22.66 -8.57
O3S MES N . -0.78 -23.83 -7.02
C01 96C O . -17.53 -16.15 -13.69
C02 96C O . -18.03 -15.84 -15.09
O03 96C O . -17.40 -14.67 -15.50
C04 96C O . -17.85 -14.04 -16.67
C05 96C O . -17.27 -12.80 -16.88
C06 96C O . -17.59 -12.05 -17.99
C07 96C O . -18.50 -12.51 -18.92
C08 96C O . -18.78 -11.74 -20.05
C09 96C O . -20.02 -11.57 -20.65
N10 96C O . -19.85 -10.76 -21.69
C11 96C O . -20.88 -10.32 -22.61
N12 96C O . -18.54 -10.41 -21.78
C13 96C O . -17.87 -10.97 -20.80
C14 96C O . -16.49 -10.81 -20.63
C15 96C O . -15.91 -9.55 -20.74
C16 96C O . -14.53 -9.38 -20.58
O17 96C O . -13.87 -8.15 -20.70
C18 96C O . -14.50 -6.98 -20.24
C19 96C O . -13.74 -10.51 -20.31
O20 96C O . -12.36 -10.35 -20.16
C21 96C O . -11.95 -9.88 -18.91
C22 96C O . -14.31 -11.76 -20.20
O23 96C O . -13.53 -12.87 -19.91
C24 96C O . -13.03 -13.60 -20.99
C25 96C O . -15.68 -11.91 -20.37
C26 96C O . -19.09 -13.76 -18.72
C27 96C O . -18.77 -14.53 -17.60
PG GTP P . 30.32 34.12 19.76
O1G GTP P . 31.69 34.27 19.12
O2G GTP P . 29.37 35.22 19.36
O3G GTP P . 30.28 33.76 21.23
O3B GTP P . 29.61 32.84 19.10
PB GTP P . 30.14 32.09 17.78
O1B GTP P . 30.90 33.04 16.89
O2B GTP P . 28.95 31.32 17.26
O3A GTP P . 31.18 31.05 18.43
PA GTP P . 31.68 29.68 17.74
O1A GTP P . 33.15 29.92 17.48
O2A GTP P . 30.79 29.26 16.60
O5' GTP P . 31.42 28.65 18.95
C5' GTP P . 32.44 27.91 19.61
C4' GTP P . 32.22 26.42 19.33
O4' GTP P . 32.24 26.20 17.93
C3' GTP P . 33.30 25.54 19.90
O3' GTP P . 32.71 24.29 20.25
C2' GTP P . 34.27 25.37 18.76
O2' GTP P . 34.97 24.13 18.88
C1' GTP P . 33.34 25.36 17.56
N9 GTP P . 33.88 25.88 16.30
C8 GTP P . 34.23 27.15 16.05
N7 GTP P . 34.67 27.31 14.77
C5 GTP P . 34.59 26.11 14.19
C6 GTP P . 34.88 25.57 12.85
O6 GTP P . 35.33 26.29 11.94
N1 GTP P . 34.65 24.25 12.65
C2 GTP P . 34.17 23.44 13.61
N2 GTP P . 33.97 22.14 13.30
N3 GTP P . 33.87 23.86 14.85
C4 GTP P . 34.06 25.17 15.20
MG MG Q . 32.44 34.64 17.24
CA CA R . 20.43 27.96 -15.82
PG GTP S . 51.04 58.18 47.14
O1G GTP S . 50.62 59.23 46.14
O2G GTP S . 52.53 57.93 47.09
O3G GTP S . 50.46 58.30 48.53
O3B GTP S . 50.31 56.83 46.64
PB GTP S . 50.88 55.85 45.50
O1B GTP S . 51.58 56.68 44.44
O2B GTP S . 49.73 54.95 45.12
O3A GTP S . 51.96 54.98 46.32
PA GTP S . 52.74 53.70 45.72
O1A GTP S . 54.21 53.96 45.85
O2A GTP S . 52.20 53.36 44.35
O5' GTP S . 52.24 52.56 46.78
C5' GTP S . 53.03 51.99 47.83
C4' GTP S . 53.33 50.52 47.50
O4' GTP S . 53.69 50.44 46.12
C3' GTP S . 54.49 49.92 48.29
O3' GTP S . 54.07 48.72 48.97
C2' GTP S . 55.57 49.63 47.27
O2' GTP S . 56.30 48.42 47.54
C1' GTP S . 54.81 49.57 45.97
N9 GTP S . 55.58 49.99 44.79
C8 GTP S . 55.96 51.24 44.46
N7 GTP S . 56.64 51.25 43.29
C5 GTP S . 56.69 49.98 42.85
C6 GTP S . 57.25 49.27 41.67
O6 GTP S . 57.86 49.89 40.79
N1 GTP S . 57.08 47.92 41.61
C2 GTP S . 56.43 47.21 42.55
N2 GTP S . 56.32 45.88 42.39
N3 GTP S . 55.89 47.80 43.65
C4 GTP S . 55.99 49.15 43.84
MG MG T . 53.39 58.99 45.09
C01 96C U . 39.17 27.88 32.02
C02 96C U . 38.44 28.69 30.95
O03 96C U . 39.32 29.64 30.44
C04 96C U . 39.18 30.31 29.21
C05 96C U . 39.85 31.52 29.13
C06 96C U . 39.83 32.29 27.97
C07 96C U . 39.14 31.87 26.84
C08 96C U . 39.12 32.62 25.65
C09 96C U . 38.16 32.49 24.64
N10 96C U . 38.48 33.29 23.65
C11 96C U . 37.70 33.45 22.43
N12 96C U . 39.63 33.93 23.96
C13 96C U . 40.05 33.54 25.14
C14 96C U . 41.22 34.03 25.69
C15 96C U . 41.46 35.40 25.74
C16 96C U . 42.66 35.87 26.30
O17 96C U . 42.93 37.25 26.35
C18 96C U . 42.04 38.05 27.08
C19 96C U . 43.59 34.98 26.81
O20 96C U . 44.79 35.46 27.36
C21 96C U . 44.71 35.76 28.72
C22 96C U . 43.35 33.60 26.76
O23 96C U . 44.34 32.75 27.30
C24 96C U . 44.26 31.37 27.08
C25 96C U . 42.17 33.14 26.18
C26 96C U . 38.48 30.63 26.91
C27 96C U . 38.49 29.86 28.08
PG ACP V . -35.20 -59.57 0.59
O1G ACP V . -35.32 -58.76 -0.65
O2G ACP V . -35.23 -58.59 1.87
O3G ACP V . -33.79 -60.35 0.56
PB ACP V . -37.88 -60.25 1.78
O1B ACP V . -37.92 -58.77 1.77
O2B ACP V . -37.57 -60.73 3.28
C3B ACP V . -36.53 -60.79 0.67
PA ACP V . -39.72 -62.27 0.79
O1A ACP V . -38.50 -63.00 0.29
O2A ACP V . -40.91 -62.09 -0.12
O3A ACP V . -39.33 -60.79 1.31
O5' ACP V . -40.28 -63.03 2.10
C5' ACP V . -39.45 -63.47 3.18
C4' ACP V . -39.54 -64.97 3.40
O4' ACP V . -40.86 -65.47 3.14
C3' ACP V . -38.57 -65.77 2.52
O3' ACP V . -37.58 -66.42 3.32
C2' ACP V . -39.42 -66.76 1.75
O2' ACP V . -38.93 -68.10 1.84
C1' ACP V . -40.82 -66.65 2.34
N9 ACP V . -41.84 -66.60 1.25
C8 ACP V . -42.30 -65.48 0.64
N7 ACP V . -43.21 -65.80 -0.31
C5 ACP V . -43.34 -67.13 -0.32
C6 ACP V . -44.15 -68.12 -1.08
N6 ACP V . -45.01 -67.74 -2.05
N1 ACP V . -43.98 -69.44 -0.77
C2 ACP V . -43.11 -69.85 0.19
N3 ACP V . -42.36 -69.00 0.91
C4 ACP V . -42.43 -67.65 0.71
#